data_2CT7
#
_entry.id   2CT7
#
_cell.length_a   1.000
_cell.length_b   1.000
_cell.length_c   1.000
_cell.angle_alpha   90.00
_cell.angle_beta   90.00
_cell.angle_gamma   90.00
#
_symmetry.space_group_name_H-M   'P 1'
#
loop_
_entity.id
_entity.type
_entity.pdbx_description
1 polymer 'RING finger protein 31'
2 non-polymer 'ZINC ION'
#
_entity_poly.entity_id   1
_entity_poly.type   'polypeptide(L)'
_entity_poly.pdbx_seq_one_letter_code
;GSSGSSGALFHKKLTEGVLMRDPKFLWCAQCSFGFIYEREQLEATCPQCHQTFCVRCKRQWEEQHRGRSCEDFQNWKRMN
SGPSSG
;
_entity_poly.pdbx_strand_id   A
#
# COMPACT_ATOMS: atom_id res chain seq x y z
N GLY A 1 0.89 -24.88 37.26
CA GLY A 1 0.22 -23.60 37.07
C GLY A 1 -0.49 -23.53 35.74
N SER A 2 -1.16 -22.40 35.48
CA SER A 2 -1.90 -22.20 34.25
C SER A 2 -2.13 -20.72 33.99
N SER A 3 -2.66 -20.40 32.81
CA SER A 3 -2.94 -19.03 32.43
C SER A 3 -3.89 -18.97 31.24
N GLY A 4 -4.30 -17.75 30.88
CA GLY A 4 -5.21 -17.57 29.77
C GLY A 4 -6.41 -16.71 30.13
N SER A 5 -6.83 -15.86 29.18
CA SER A 5 -7.96 -14.98 29.40
C SER A 5 -8.40 -14.34 28.11
N SER A 6 -9.62 -14.67 27.67
CA SER A 6 -10.17 -14.13 26.42
C SER A 6 -11.68 -13.96 26.53
N GLY A 7 -12.19 -12.87 25.97
CA GLY A 7 -13.61 -12.61 26.01
C GLY A 7 -13.97 -11.25 25.44
N ALA A 8 -14.73 -11.24 24.35
CA ALA A 8 -15.14 -9.99 23.72
C ALA A 8 -16.45 -10.18 22.95
N LEU A 9 -17.19 -9.08 22.78
CA LEU A 9 -18.46 -9.12 22.07
C LEU A 9 -18.24 -9.34 20.58
N PHE A 10 -16.98 -9.37 20.17
CA PHE A 10 -16.63 -9.58 18.77
C PHE A 10 -16.50 -11.07 18.46
N HIS A 11 -17.53 -11.83 18.80
CA HIS A 11 -17.53 -13.28 18.56
C HIS A 11 -18.83 -13.72 17.91
N LYS A 12 -19.95 -13.30 18.49
CA LYS A 12 -21.26 -13.65 17.96
C LYS A 12 -22.11 -12.41 17.73
N LYS A 13 -21.45 -11.29 17.46
CA LYS A 13 -22.14 -10.03 17.22
C LYS A 13 -21.84 -9.49 15.82
N LEU A 14 -22.86 -9.41 14.99
CA LEU A 14 -22.71 -8.91 13.63
C LEU A 14 -22.72 -7.38 13.60
N THR A 15 -21.93 -6.80 12.71
CA THR A 15 -21.85 -5.35 12.59
C THR A 15 -23.18 -4.77 12.13
N GLU A 16 -23.48 -3.55 12.55
CA GLU A 16 -24.72 -2.88 12.19
C GLU A 16 -24.52 -1.37 12.12
N GLY A 17 -25.14 -0.74 11.11
CA GLY A 17 -25.03 0.69 10.96
C GLY A 17 -23.63 1.21 11.28
N VAL A 18 -22.62 0.48 10.82
CA VAL A 18 -21.23 0.86 11.06
C VAL A 18 -20.56 1.32 9.78
N LEU A 19 -20.56 2.63 9.56
CA LEU A 19 -19.94 3.21 8.35
C LEU A 19 -18.99 4.34 8.73
N MET A 20 -18.30 4.19 9.86
CA MET A 20 -17.35 5.20 10.32
C MET A 20 -15.92 4.70 10.16
N ARG A 21 -15.65 3.49 10.63
CA ARG A 21 -14.32 2.91 10.55
C ARG A 21 -13.76 3.03 9.13
N ASP A 22 -12.45 3.21 9.02
CA ASP A 22 -11.80 3.34 7.73
C ASP A 22 -11.36 1.97 7.20
N PRO A 23 -11.59 1.74 5.91
CA PRO A 23 -11.22 0.48 5.25
C PRO A 23 -9.71 0.31 5.12
N LYS A 24 -9.17 0.78 4.00
CA LYS A 24 -7.73 0.68 3.75
C LYS A 24 -7.23 1.90 2.99
N PHE A 25 -6.44 2.72 3.66
CA PHE A 25 -5.89 3.94 3.05
C PHE A 25 -4.60 3.63 2.33
N LEU A 26 -4.69 3.40 1.03
CA LEU A 26 -3.52 3.11 0.20
C LEU A 26 -3.14 4.29 -0.67
N TRP A 27 -1.93 4.79 -0.49
CA TRP A 27 -1.45 5.93 -1.28
C TRP A 27 0.05 5.80 -1.55
N CYS A 28 0.54 6.64 -2.46
CA CYS A 28 1.96 6.63 -2.80
C CYS A 28 2.83 6.88 -1.58
N ALA A 29 4.14 6.85 -1.77
CA ALA A 29 5.09 7.08 -0.69
C ALA A 29 5.77 8.44 -0.83
N GLN A 30 5.48 9.13 -1.93
CA GLN A 30 6.06 10.44 -2.19
C GLN A 30 4.98 11.50 -2.37
N CYS A 31 4.07 11.25 -3.31
CA CYS A 31 2.99 12.18 -3.60
C CYS A 31 1.89 12.06 -2.53
N SER A 32 1.71 10.84 -2.01
CA SER A 32 0.68 10.60 -1.01
C SER A 32 -0.69 11.04 -1.51
N PHE A 33 -1.09 10.52 -2.66
CA PHE A 33 -2.37 10.86 -3.24
C PHE A 33 -3.50 10.66 -2.23
N GLY A 34 -3.78 9.39 -1.92
CA GLY A 34 -4.83 9.08 -0.97
C GLY A 34 -6.06 8.50 -1.63
N PHE A 35 -6.05 7.18 -1.82
CA PHE A 35 -7.18 6.50 -2.46
C PHE A 35 -7.37 5.10 -1.87
N ILE A 36 -8.62 4.73 -1.66
CA ILE A 36 -8.94 3.42 -1.09
C ILE A 36 -8.90 2.33 -2.17
N TYR A 37 -8.27 1.21 -1.85
CA TYR A 37 -8.16 0.10 -2.78
C TYR A 37 -8.84 -1.15 -2.24
N GLU A 38 -8.69 -1.37 -0.94
CA GLU A 38 -9.29 -2.54 -0.29
C GLU A 38 -9.42 -3.70 -1.27
N ARG A 39 -8.37 -3.92 -2.05
CA ARG A 39 -8.37 -5.01 -3.03
C ARG A 39 -7.49 -6.16 -2.55
N GLU A 40 -7.69 -7.33 -3.14
CA GLU A 40 -6.92 -8.51 -2.79
C GLU A 40 -5.77 -8.73 -3.77
N GLN A 41 -5.02 -7.67 -4.03
CA GLN A 41 -3.89 -7.72 -4.94
C GLN A 41 -2.75 -6.84 -4.46
N LEU A 42 -1.60 -6.95 -5.13
CA LEU A 42 -0.42 -6.16 -4.77
C LEU A 42 0.06 -5.34 -5.96
N GLU A 43 -0.86 -5.04 -6.87
CA GLU A 43 -0.52 -4.26 -8.06
C GLU A 43 -1.33 -2.97 -8.11
N ALA A 44 -1.13 -2.11 -7.11
CA ALA A 44 -1.84 -0.84 -7.03
C ALA A 44 -1.20 0.20 -7.95
N THR A 45 -2.03 1.05 -8.54
CA THR A 45 -1.55 2.09 -9.43
C THR A 45 -2.09 3.46 -9.04
N CYS A 46 -1.20 4.42 -8.85
CA CYS A 46 -1.59 5.77 -8.47
C CYS A 46 -2.31 6.47 -9.62
N PRO A 47 -3.43 7.13 -9.29
CA PRO A 47 -4.23 7.85 -10.28
C PRO A 47 -3.54 9.11 -10.81
N GLN A 48 -2.32 9.33 -10.32
CA GLN A 48 -1.54 10.49 -10.73
C GLN A 48 -0.20 10.07 -11.33
N CYS A 49 0.61 9.40 -10.52
CA CYS A 49 1.92 8.93 -10.96
C CYS A 49 1.79 7.73 -11.89
N HIS A 50 0.74 6.94 -11.69
CA HIS A 50 0.50 5.77 -12.51
C HIS A 50 1.65 4.78 -12.38
N GLN A 51 2.25 4.71 -11.20
CA GLN A 51 3.37 3.80 -10.96
C GLN A 51 2.94 2.65 -10.06
N THR A 52 3.25 1.42 -10.51
CA THR A 52 2.90 0.23 -9.75
C THR A 52 3.78 0.08 -8.51
N PHE A 53 3.17 0.16 -7.34
CA PHE A 53 3.90 0.03 -6.08
C PHE A 53 3.15 -0.86 -5.10
N CYS A 54 3.89 -1.68 -4.36
CA CYS A 54 3.29 -2.57 -3.38
C CYS A 54 2.44 -1.80 -2.39
N VAL A 55 1.36 -2.42 -1.92
CA VAL A 55 0.46 -1.79 -0.95
C VAL A 55 0.92 -2.08 0.48
N ARG A 56 1.95 -2.89 0.61
CA ARG A 56 2.48 -3.24 1.93
C ARG A 56 3.78 -2.50 2.22
N CYS A 57 4.85 -2.89 1.53
CA CYS A 57 6.15 -2.26 1.72
C CYS A 57 6.18 -0.89 1.06
N LYS A 58 5.17 -0.60 0.24
CA LYS A 58 5.09 0.68 -0.45
C LYS A 58 6.36 0.96 -1.25
N ARG A 59 6.85 -0.07 -1.94
CA ARG A 59 8.06 0.07 -2.74
C ARG A 59 7.79 -0.26 -4.20
N GLN A 60 8.70 0.14 -5.08
CA GLN A 60 8.55 -0.12 -6.50
C GLN A 60 8.31 -1.61 -6.77
N TRP A 61 7.08 -1.95 -7.15
CA TRP A 61 6.72 -3.32 -7.44
C TRP A 61 7.74 -3.97 -8.37
N GLU A 62 7.73 -5.30 -8.40
CA GLU A 62 8.66 -6.05 -9.24
C GLU A 62 8.10 -7.42 -9.59
N GLU A 63 8.25 -7.82 -10.85
CA GLU A 63 7.76 -9.12 -11.30
C GLU A 63 8.14 -10.22 -10.33
N GLN A 64 9.35 -10.12 -9.77
CA GLN A 64 9.84 -11.12 -8.82
C GLN A 64 9.00 -11.11 -7.55
N HIS A 65 8.55 -9.91 -7.15
CA HIS A 65 7.74 -9.77 -5.95
C HIS A 65 6.43 -10.54 -6.08
N ARG A 66 5.89 -10.61 -7.28
CA ARG A 66 4.65 -11.31 -7.53
C ARG A 66 4.71 -12.73 -6.96
N GLY A 67 3.76 -13.05 -6.08
CA GLY A 67 3.72 -14.37 -5.47
C GLY A 67 4.45 -14.41 -4.14
N ARG A 68 5.49 -13.59 -4.00
CA ARG A 68 6.26 -13.54 -2.77
C ARG A 68 5.81 -12.40 -1.89
N SER A 69 6.45 -12.25 -0.73
CA SER A 69 6.11 -11.18 0.21
C SER A 69 7.23 -10.16 0.30
N CYS A 70 6.94 -9.05 0.97
CA CYS A 70 7.92 -7.98 1.13
C CYS A 70 9.22 -8.52 1.73
N GLU A 71 9.10 -9.51 2.61
CA GLU A 71 10.27 -10.11 3.25
C GLU A 71 11.06 -10.94 2.25
N ASP A 72 10.44 -12.01 1.75
CA ASP A 72 11.10 -12.89 0.79
C ASP A 72 11.65 -12.09 -0.39
N PHE A 73 10.84 -11.16 -0.89
CA PHE A 73 11.25 -10.33 -2.02
C PHE A 73 12.58 -9.65 -1.75
N GLN A 74 12.66 -8.93 -0.63
CA GLN A 74 13.88 -8.24 -0.25
C GLN A 74 15.09 -9.15 -0.36
N ASN A 75 15.00 -10.33 0.25
CA ASN A 75 16.09 -11.29 0.22
C ASN A 75 16.52 -11.58 -1.21
N TRP A 76 15.57 -11.55 -2.13
CA TRP A 76 15.86 -11.80 -3.55
C TRP A 76 16.62 -10.63 -4.16
N LYS A 77 16.37 -9.43 -3.65
CA LYS A 77 17.04 -8.24 -4.15
C LYS A 77 18.50 -8.22 -3.74
N ARG A 78 18.77 -8.53 -2.47
CA ARG A 78 20.13 -8.56 -1.96
C ARG A 78 20.95 -9.67 -2.62
N MET A 79 20.28 -10.76 -2.98
CA MET A 79 20.94 -11.89 -3.62
C MET A 79 21.13 -11.63 -5.11
N ASN A 80 20.04 -11.26 -5.78
CA ASN A 80 20.08 -10.99 -7.21
C ASN A 80 20.79 -9.65 -7.48
N SER A 81 20.24 -8.58 -6.94
CA SER A 81 20.82 -7.25 -7.13
C SER A 81 21.98 -7.02 -6.17
N GLY A 82 22.81 -8.04 -6.02
CA GLY A 82 23.96 -7.94 -5.13
C GLY A 82 23.59 -7.36 -3.78
N PRO A 83 24.61 -7.13 -2.92
CA PRO A 83 24.40 -6.58 -1.58
C PRO A 83 23.96 -5.12 -1.61
N SER A 84 24.14 -4.48 -2.76
CA SER A 84 23.77 -3.07 -2.91
C SER A 84 22.88 -2.88 -4.14
N SER A 85 21.57 -2.77 -3.90
CA SER A 85 20.61 -2.59 -4.99
C SER A 85 20.69 -1.17 -5.55
N GLY A 86 20.66 -1.07 -6.87
CA GLY A 86 20.72 0.24 -7.51
C GLY A 86 19.40 0.99 -7.43
N GLY A 1 19.12 34.27 41.39
CA GLY A 1 18.62 33.66 40.19
C GLY A 1 17.17 33.23 40.32
N SER A 2 16.59 32.78 39.21
CA SER A 2 15.19 32.34 39.21
C SER A 2 14.84 31.67 37.88
N SER A 3 13.73 30.95 37.86
CA SER A 3 13.28 30.25 36.67
C SER A 3 11.81 29.85 36.78
N GLY A 4 11.24 29.39 35.68
CA GLY A 4 9.85 28.98 35.68
C GLY A 4 9.50 28.13 34.48
N SER A 5 8.57 27.19 34.66
CA SER A 5 8.15 26.30 33.59
C SER A 5 6.89 25.52 33.99
N SER A 6 6.01 25.30 33.02
CA SER A 6 4.77 24.56 33.27
C SER A 6 4.07 24.24 31.95
N GLY A 7 3.15 23.28 32.01
CA GLY A 7 2.42 22.88 30.82
C GLY A 7 1.21 22.03 31.14
N ALA A 8 0.25 22.01 30.23
CA ALA A 8 -0.97 21.23 30.42
C ALA A 8 -1.53 20.74 29.08
N LEU A 9 -2.64 20.02 29.14
CA LEU A 9 -3.27 19.49 27.94
C LEU A 9 -4.72 19.95 27.83
N PHE A 10 -5.18 20.67 28.85
CA PHE A 10 -6.55 21.17 28.87
C PHE A 10 -6.79 22.15 27.72
N HIS A 11 -5.75 22.91 27.37
CA HIS A 11 -5.85 23.88 26.29
C HIS A 11 -5.84 23.18 24.93
N LYS A 12 -5.30 21.97 24.90
CA LYS A 12 -5.23 21.18 23.66
C LYS A 12 -5.74 19.77 23.88
N LYS A 13 -7.06 19.62 23.91
CA LYS A 13 -7.67 18.32 24.12
C LYS A 13 -7.69 17.51 22.82
N LEU A 14 -7.65 16.20 22.94
CA LEU A 14 -7.66 15.31 21.78
C LEU A 14 -9.03 15.31 21.11
N THR A 15 -9.11 14.67 19.95
CA THR A 15 -10.38 14.59 19.21
C THR A 15 -11.41 13.78 19.98
N GLU A 16 -12.62 14.32 20.10
CA GLU A 16 -13.70 13.64 20.81
C GLU A 16 -14.90 13.42 19.90
N GLY A 17 -15.69 12.41 20.21
CA GLY A 17 -16.87 12.11 19.40
C GLY A 17 -16.53 11.85 17.95
N VAL A 18 -15.45 11.09 17.72
CA VAL A 18 -15.02 10.76 16.37
C VAL A 18 -14.72 9.28 16.24
N LEU A 19 -15.74 8.51 15.87
CA LEU A 19 -15.59 7.07 15.70
C LEU A 19 -15.80 6.67 14.24
N MET A 20 -14.72 6.64 13.47
CA MET A 20 -14.80 6.27 12.06
C MET A 20 -13.85 5.11 11.76
N ARG A 21 -14.27 4.24 10.85
CA ARG A 21 -13.46 3.08 10.47
C ARG A 21 -13.18 3.09 8.97
N ASP A 22 -11.91 2.89 8.61
CA ASP A 22 -11.51 2.86 7.21
C ASP A 22 -11.09 1.46 6.79
N PRO A 23 -11.28 1.14 5.49
CA PRO A 23 -10.91 -0.17 4.95
C PRO A 23 -9.41 -0.36 4.87
N LYS A 24 -8.74 0.52 4.12
CA LYS A 24 -7.29 0.44 3.96
C LYS A 24 -6.78 1.62 3.13
N PHE A 25 -6.08 2.53 3.79
CA PHE A 25 -5.53 3.71 3.11
C PHE A 25 -4.24 3.35 2.37
N LEU A 26 -4.32 3.33 1.04
CA LEU A 26 -3.17 3.01 0.21
C LEU A 26 -2.75 4.21 -0.65
N TRP A 27 -1.53 4.68 -0.45
CA TRP A 27 -1.02 5.82 -1.22
C TRP A 27 0.49 5.67 -1.45
N CYS A 28 1.02 6.50 -2.34
CA CYS A 28 2.44 6.48 -2.67
C CYS A 28 3.29 6.82 -1.45
N ALA A 29 4.59 6.65 -1.57
CA ALA A 29 5.51 6.94 -0.47
C ALA A 29 6.12 8.33 -0.62
N GLN A 30 5.70 9.05 -1.66
CA GLN A 30 6.20 10.40 -1.92
C GLN A 30 5.06 11.38 -2.10
N CYS A 31 4.24 11.14 -3.11
CA CYS A 31 3.10 12.00 -3.40
C CYS A 31 2.02 11.87 -2.32
N SER A 32 2.10 10.80 -1.55
CA SER A 32 1.13 10.56 -0.48
C SER A 32 -0.26 11.04 -0.89
N PHE A 33 -0.70 10.60 -2.06
CA PHE A 33 -2.02 10.98 -2.58
C PHE A 33 -3.10 10.69 -1.54
N GLY A 34 -3.31 9.41 -1.27
CA GLY A 34 -4.33 9.03 -0.31
C GLY A 34 -5.58 8.49 -0.97
N PHE A 35 -5.59 7.19 -1.27
CA PHE A 35 -6.73 6.56 -1.90
C PHE A 35 -6.87 5.11 -1.45
N ILE A 36 -8.10 4.59 -1.51
CA ILE A 36 -8.37 3.22 -1.10
C ILE A 36 -8.24 2.26 -2.29
N TYR A 37 -8.00 1.00 -1.98
CA TYR A 37 -7.86 -0.03 -3.01
C TYR A 37 -8.68 -1.26 -2.68
N GLU A 38 -8.80 -1.56 -1.40
CA GLU A 38 -9.56 -2.71 -0.94
C GLU A 38 -9.54 -3.82 -1.99
N ARG A 39 -8.34 -4.13 -2.48
CA ARG A 39 -8.18 -5.17 -3.48
C ARG A 39 -7.36 -6.35 -2.93
N GLU A 40 -7.20 -7.39 -3.74
CA GLU A 40 -6.45 -8.56 -3.32
C GLU A 40 -5.05 -8.56 -3.95
N GLN A 41 -4.97 -8.13 -5.20
CA GLN A 41 -3.69 -8.08 -5.90
C GLN A 41 -2.75 -7.09 -5.25
N LEU A 42 -1.46 -7.44 -5.18
CA LEU A 42 -0.47 -6.58 -4.57
C LEU A 42 0.04 -5.54 -5.57
N GLU A 43 -0.77 -5.26 -6.57
CA GLU A 43 -0.42 -4.29 -7.60
C GLU A 43 -1.41 -3.13 -7.63
N ALA A 44 -0.96 -1.96 -7.18
CA ALA A 44 -1.81 -0.77 -7.14
C ALA A 44 -1.26 0.31 -8.07
N THR A 45 -2.16 0.96 -8.81
CA THR A 45 -1.78 2.02 -9.72
C THR A 45 -2.28 3.38 -9.25
N CYS A 46 -1.36 4.33 -9.10
CA CYS A 46 -1.72 5.67 -8.65
C CYS A 46 -2.56 6.39 -9.70
N PRO A 47 -3.62 7.07 -9.25
CA PRO A 47 -4.52 7.82 -10.13
C PRO A 47 -3.86 9.06 -10.72
N GLN A 48 -2.72 9.43 -10.17
CA GLN A 48 -1.98 10.59 -10.64
C GLN A 48 -0.61 10.20 -11.18
N CYS A 49 0.02 9.23 -10.53
CA CYS A 49 1.34 8.76 -10.95
C CYS A 49 1.21 7.59 -11.91
N HIS A 50 0.08 6.89 -11.84
CA HIS A 50 -0.16 5.75 -12.72
C HIS A 50 1.00 4.76 -12.66
N GLN A 51 1.68 4.73 -11.52
CA GLN A 51 2.82 3.82 -11.34
C GLN A 51 2.42 2.60 -10.51
N THR A 52 2.98 1.45 -10.87
CA THR A 52 2.69 0.21 -10.17
C THR A 52 3.63 0.00 -8.98
N PHE A 53 3.10 0.20 -7.77
CA PHE A 53 3.89 0.05 -6.57
C PHE A 53 3.17 -0.82 -5.54
N CYS A 54 3.94 -1.60 -4.78
CA CYS A 54 3.37 -2.47 -3.76
C CYS A 54 2.50 -1.69 -2.78
N VAL A 55 1.46 -2.34 -2.26
CA VAL A 55 0.56 -1.71 -1.32
C VAL A 55 1.01 -1.94 0.12
N ARG A 56 2.04 -2.77 0.28
CA ARG A 56 2.57 -3.08 1.60
C ARG A 56 3.85 -2.28 1.87
N CYS A 57 4.92 -2.62 1.18
CA CYS A 57 6.19 -1.95 1.35
C CYS A 57 6.17 -0.57 0.69
N LYS A 58 5.17 -0.35 -0.16
CA LYS A 58 5.02 0.93 -0.85
C LYS A 58 6.26 1.23 -1.68
N ARG A 59 6.77 0.22 -2.38
CA ARG A 59 7.95 0.38 -3.22
C ARG A 59 7.66 -0.03 -4.66
N GLN A 60 8.59 0.26 -5.55
CA GLN A 60 8.43 -0.07 -6.96
C GLN A 60 8.15 -1.57 -7.14
N TRP A 61 6.95 -1.89 -7.60
CA TRP A 61 6.54 -3.27 -7.80
C TRP A 61 7.54 -4.00 -8.70
N GLU A 62 7.64 -5.31 -8.53
CA GLU A 62 8.56 -6.11 -9.33
C GLU A 62 7.98 -7.49 -9.61
N GLU A 63 8.13 -7.95 -10.86
CA GLU A 63 7.60 -9.25 -11.25
C GLU A 63 8.03 -10.33 -10.27
N GLN A 64 9.24 -10.20 -9.75
CA GLN A 64 9.76 -11.17 -8.79
C GLN A 64 9.00 -11.09 -7.46
N HIS A 65 8.56 -9.89 -7.12
CA HIS A 65 7.83 -9.68 -5.88
C HIS A 65 6.49 -10.43 -5.89
N ARG A 66 5.89 -10.52 -7.07
CA ARG A 66 4.61 -11.21 -7.23
C ARG A 66 4.64 -12.58 -6.54
N GLY A 67 3.57 -12.89 -5.82
CA GLY A 67 3.49 -14.16 -5.12
C GLY A 67 4.19 -14.12 -3.77
N ARG A 68 5.31 -13.40 -3.70
CA ARG A 68 6.07 -13.29 -2.47
C ARG A 68 5.60 -12.10 -1.65
N SER A 69 6.28 -11.84 -0.54
CA SER A 69 5.93 -10.73 0.34
C SER A 69 7.08 -9.73 0.46
N CYS A 70 6.82 -8.61 1.11
CA CYS A 70 7.84 -7.59 1.30
C CYS A 70 9.05 -8.15 2.02
N GLU A 71 8.84 -9.19 2.82
CA GLU A 71 9.92 -9.82 3.56
C GLU A 71 10.77 -10.71 2.66
N ASP A 72 10.13 -11.72 2.09
CA ASP A 72 10.82 -12.65 1.19
C ASP A 72 11.41 -11.91 0.00
N PHE A 73 10.64 -10.96 -0.55
CA PHE A 73 11.09 -10.18 -1.70
C PHE A 73 12.43 -9.52 -1.42
N GLN A 74 12.53 -8.85 -0.27
CA GLN A 74 13.76 -8.17 0.11
C GLN A 74 14.96 -9.09 -0.03
N ASN A 75 14.87 -10.27 0.57
CA ASN A 75 15.95 -11.26 0.52
C ASN A 75 16.34 -11.55 -0.94
N TRP A 76 15.35 -11.55 -1.82
CA TRP A 76 15.58 -11.82 -3.24
C TRP A 76 16.35 -10.68 -3.89
N LYS A 77 16.21 -9.48 -3.32
CA LYS A 77 16.89 -8.30 -3.84
C LYS A 77 18.39 -8.34 -3.52
N ARG A 78 18.70 -8.54 -2.24
CA ARG A 78 20.08 -8.61 -1.79
C ARG A 78 20.84 -9.71 -2.51
N MET A 79 20.11 -10.75 -2.92
CA MET A 79 20.71 -11.88 -3.63
C MET A 79 20.81 -11.59 -5.13
N ASN A 80 19.72 -11.08 -5.70
CA ASN A 80 19.68 -10.77 -7.12
C ASN A 80 20.41 -9.46 -7.40
N SER A 81 19.84 -8.36 -6.92
CA SER A 81 20.44 -7.03 -7.13
C SER A 81 21.87 -6.99 -6.61
N GLY A 82 22.02 -7.24 -5.31
CA GLY A 82 23.35 -7.23 -4.71
C GLY A 82 23.38 -6.47 -3.39
N PRO A 83 24.53 -5.86 -3.08
CA PRO A 83 24.71 -5.09 -1.85
C PRO A 83 23.93 -3.79 -1.86
N SER A 84 23.97 -3.08 -2.98
CA SER A 84 23.26 -1.82 -3.12
C SER A 84 23.33 -1.31 -4.55
N SER A 85 22.29 -0.60 -4.98
CA SER A 85 22.22 -0.06 -6.34
C SER A 85 21.13 1.00 -6.45
N GLY A 86 21.29 1.90 -7.41
CA GLY A 86 20.31 2.95 -7.60
C GLY A 86 20.83 4.07 -8.49
N GLY A 1 -30.49 -26.51 -22.92
CA GLY A 1 -30.60 -25.29 -22.15
C GLY A 1 -30.03 -25.44 -20.75
N SER A 2 -29.69 -24.32 -20.13
CA SER A 2 -29.13 -24.33 -18.78
C SER A 2 -29.05 -22.92 -18.22
N SER A 3 -29.53 -22.75 -16.98
CA SER A 3 -29.53 -21.46 -16.32
C SER A 3 -29.83 -21.59 -14.84
N GLY A 4 -29.37 -20.64 -14.04
CA GLY A 4 -29.61 -20.67 -12.62
C GLY A 4 -28.69 -19.74 -11.85
N SER A 5 -29.26 -18.94 -10.96
CA SER A 5 -28.49 -17.99 -10.17
C SER A 5 -29.30 -17.47 -8.99
N SER A 6 -28.64 -16.81 -8.05
CA SER A 6 -29.30 -16.27 -6.87
C SER A 6 -28.49 -15.12 -6.28
N GLY A 7 -29.07 -14.44 -5.29
CA GLY A 7 -28.40 -13.32 -4.66
C GLY A 7 -27.86 -13.68 -3.28
N ALA A 8 -26.71 -14.34 -3.25
CA ALA A 8 -26.09 -14.74 -1.99
C ALA A 8 -25.25 -13.60 -1.41
N LEU A 9 -25.28 -13.48 -0.09
CA LEU A 9 -24.54 -12.43 0.60
C LEU A 9 -23.20 -12.96 1.11
N PHE A 10 -22.26 -12.05 1.36
CA PHE A 10 -20.94 -12.44 1.84
C PHE A 10 -21.04 -13.54 2.90
N HIS A 11 -19.98 -14.31 3.04
CA HIS A 11 -19.95 -15.40 4.01
C HIS A 11 -20.61 -14.98 5.32
N LYS A 12 -20.10 -13.89 5.91
CA LYS A 12 -20.64 -13.39 7.16
C LYS A 12 -21.44 -12.11 6.94
N LYS A 13 -22.76 -12.25 6.91
CA LYS A 13 -23.65 -11.11 6.70
C LYS A 13 -23.32 -9.98 7.68
N LEU A 14 -23.42 -8.74 7.20
CA LEU A 14 -23.14 -7.58 8.03
C LEU A 14 -24.02 -6.39 7.63
N THR A 15 -24.15 -5.43 8.53
CA THR A 15 -24.95 -4.24 8.26
C THR A 15 -24.63 -3.64 6.90
N GLU A 16 -25.67 -3.20 6.19
CA GLU A 16 -25.49 -2.61 4.88
C GLU A 16 -25.70 -1.10 4.93
N GLY A 17 -24.99 -0.39 4.05
CA GLY A 17 -25.12 1.06 4.02
C GLY A 17 -24.73 1.71 5.33
N VAL A 18 -23.58 1.32 5.87
CA VAL A 18 -23.09 1.87 7.13
C VAL A 18 -21.59 2.12 7.07
N LEU A 19 -21.18 3.28 7.58
CA LEU A 19 -19.77 3.66 7.59
C LEU A 19 -19.29 3.92 9.02
N MET A 20 -18.47 3.02 9.54
CA MET A 20 -17.94 3.16 10.88
C MET A 20 -16.41 3.16 10.86
N ARG A 21 -15.83 2.47 9.88
CA ARG A 21 -14.39 2.39 9.75
C ARG A 21 -13.97 2.28 8.28
N ASP A 22 -12.80 2.82 7.96
CA ASP A 22 -12.29 2.78 6.60
C ASP A 22 -11.74 1.40 6.26
N PRO A 23 -11.77 1.05 4.97
CA PRO A 23 -11.28 -0.25 4.48
C PRO A 23 -9.76 -0.37 4.59
N LYS A 24 -9.04 0.54 3.94
CA LYS A 24 -7.59 0.53 3.96
C LYS A 24 -7.02 1.73 3.19
N PHE A 25 -6.49 2.69 3.92
CA PHE A 25 -5.91 3.88 3.32
C PHE A 25 -4.63 3.55 2.56
N LEU A 26 -4.75 3.47 1.24
CA LEU A 26 -3.60 3.16 0.38
C LEU A 26 -3.22 4.36 -0.49
N TRP A 27 -2.00 4.83 -0.32
CA TRP A 27 -1.50 5.97 -1.09
C TRP A 27 -0.01 5.83 -1.38
N CYS A 28 0.49 6.67 -2.28
CA CYS A 28 1.90 6.64 -2.65
C CYS A 28 2.78 7.02 -1.46
N ALA A 29 4.10 6.89 -1.64
CA ALA A 29 5.04 7.24 -0.58
C ALA A 29 5.67 8.60 -0.83
N GLN A 30 5.63 9.05 -2.08
CA GLN A 30 6.19 10.35 -2.44
C GLN A 30 5.10 11.41 -2.52
N CYS A 31 4.16 11.21 -3.44
CA CYS A 31 3.06 12.16 -3.62
C CYS A 31 2.05 12.04 -2.49
N SER A 32 1.88 10.82 -1.98
CA SER A 32 0.94 10.57 -0.90
C SER A 32 -0.50 10.78 -1.37
N PHE A 33 -0.87 10.09 -2.44
CA PHE A 33 -2.22 10.20 -2.99
C PHE A 33 -3.24 9.54 -2.08
N GLY A 34 -3.68 10.26 -1.05
CA GLY A 34 -4.65 9.72 -0.12
C GLY A 34 -5.88 9.16 -0.82
N PHE A 35 -5.92 7.85 -1.01
CA PHE A 35 -7.05 7.20 -1.67
C PHE A 35 -7.18 5.75 -1.22
N ILE A 36 -8.31 5.14 -1.55
CA ILE A 36 -8.56 3.75 -1.18
C ILE A 36 -8.44 2.83 -2.39
N TYR A 37 -7.88 1.64 -2.17
CA TYR A 37 -7.71 0.67 -3.25
C TYR A 37 -8.61 -0.53 -3.03
N GLU A 38 -8.74 -0.97 -1.78
CA GLU A 38 -9.57 -2.11 -1.44
C GLU A 38 -9.45 -3.21 -2.51
N ARG A 39 -8.22 -3.63 -2.77
CA ARG A 39 -7.97 -4.66 -3.77
C ARG A 39 -7.32 -5.89 -3.13
N GLU A 40 -7.57 -7.05 -3.72
CA GLU A 40 -7.00 -8.30 -3.21
C GLU A 40 -5.55 -8.45 -3.62
N GLN A 41 -5.26 -8.12 -4.87
CA GLN A 41 -3.90 -8.21 -5.40
C GLN A 41 -3.01 -7.12 -4.81
N LEU A 42 -1.72 -7.42 -4.69
CA LEU A 42 -0.76 -6.46 -4.15
C LEU A 42 -0.44 -5.38 -5.17
N GLU A 43 -0.77 -5.64 -6.43
CA GLU A 43 -0.52 -4.68 -7.50
C GLU A 43 -1.39 -3.45 -7.35
N ALA A 44 -0.75 -2.31 -7.05
CA ALA A 44 -1.47 -1.06 -6.88
C ALA A 44 -0.91 0.03 -7.78
N THR A 45 -1.79 0.81 -8.40
CA THR A 45 -1.38 1.88 -9.29
C THR A 45 -1.93 3.23 -8.83
N CYS A 46 -1.12 4.27 -8.97
CA CYS A 46 -1.52 5.61 -8.56
C CYS A 46 -2.18 6.35 -9.72
N PRO A 47 -3.31 7.01 -9.42
CA PRO A 47 -4.07 7.77 -10.43
C PRO A 47 -3.32 9.03 -10.88
N GLN A 48 -2.14 9.25 -10.33
CA GLN A 48 -1.33 10.41 -10.67
C GLN A 48 0.02 9.99 -11.20
N CYS A 49 0.72 9.14 -10.46
CA CYS A 49 2.04 8.66 -10.86
C CYS A 49 1.91 7.50 -11.84
N HIS A 50 0.83 6.74 -11.72
CA HIS A 50 0.60 5.60 -12.59
C HIS A 50 1.71 4.57 -12.46
N GLN A 51 2.24 4.45 -11.25
CA GLN A 51 3.33 3.50 -10.99
C GLN A 51 2.83 2.32 -10.16
N THR A 52 3.27 1.11 -10.52
CA THR A 52 2.86 -0.09 -9.81
C THR A 52 3.72 -0.31 -8.57
N PHE A 53 3.14 -0.06 -7.41
CA PHE A 53 3.85 -0.22 -6.14
C PHE A 53 3.06 -1.11 -5.18
N CYS A 54 3.77 -1.81 -4.30
CA CYS A 54 3.13 -2.69 -3.33
C CYS A 54 2.21 -1.90 -2.41
N VAL A 55 1.19 -2.58 -1.88
CA VAL A 55 0.24 -1.95 -0.97
C VAL A 55 0.64 -2.14 0.48
N ARG A 56 1.63 -3.01 0.70
CA ARG A 56 2.11 -3.29 2.05
C ARG A 56 3.37 -2.48 2.35
N CYS A 57 4.47 -2.82 1.68
CA CYS A 57 5.73 -2.13 1.88
C CYS A 57 5.72 -0.78 1.19
N LYS A 58 4.82 -0.61 0.23
CA LYS A 58 4.71 0.64 -0.51
C LYS A 58 6.00 0.96 -1.26
N ARG A 59 6.56 -0.06 -1.89
CA ARG A 59 7.81 0.11 -2.65
C ARG A 59 7.62 -0.34 -4.09
N GLN A 60 8.53 0.10 -4.96
CA GLN A 60 8.48 -0.26 -6.37
C GLN A 60 8.15 -1.74 -6.55
N TRP A 61 7.00 -2.02 -7.16
CA TRP A 61 6.58 -3.40 -7.38
C TRP A 61 7.53 -4.11 -8.33
N GLU A 62 7.53 -5.45 -8.27
CA GLU A 62 8.41 -6.25 -9.11
C GLU A 62 7.78 -7.61 -9.40
N GLU A 63 7.99 -8.11 -10.62
CA GLU A 63 7.45 -9.40 -11.01
C GLU A 63 7.82 -10.48 -10.01
N GLN A 64 8.95 -10.29 -9.33
CA GLN A 64 9.43 -11.26 -8.34
C GLN A 64 8.62 -11.13 -7.04
N HIS A 65 8.25 -9.91 -6.70
CA HIS A 65 7.48 -9.66 -5.48
C HIS A 65 6.12 -10.35 -5.56
N ARG A 66 5.63 -10.57 -6.77
CA ARG A 66 4.35 -11.21 -6.98
C ARG A 66 4.28 -12.55 -6.24
N GLY A 67 5.19 -13.45 -6.60
CA GLY A 67 5.21 -14.77 -5.96
C GLY A 67 5.96 -14.75 -4.64
N ARG A 68 6.21 -13.55 -4.11
CA ARG A 68 6.92 -13.41 -2.86
C ARG A 68 6.27 -12.34 -1.98
N SER A 69 6.85 -12.09 -0.81
CA SER A 69 6.32 -11.10 0.11
C SER A 69 7.28 -9.92 0.25
N CYS A 70 6.86 -8.91 1.01
CA CYS A 70 7.68 -7.72 1.22
C CYS A 70 9.05 -8.10 1.79
N GLU A 71 9.07 -9.13 2.62
CA GLU A 71 10.31 -9.59 3.23
C GLU A 71 11.12 -10.44 2.25
N ASP A 72 10.56 -11.58 1.87
CA ASP A 72 11.21 -12.48 0.93
C ASP A 72 11.68 -11.73 -0.31
N PHE A 73 10.87 -10.78 -0.76
CA PHE A 73 11.19 -9.99 -1.94
C PHE A 73 12.55 -9.31 -1.79
N GLN A 74 12.72 -8.56 -0.71
CA GLN A 74 13.97 -7.86 -0.45
C GLN A 74 15.15 -8.81 -0.55
N ASN A 75 15.06 -9.94 0.15
CA ASN A 75 16.13 -10.94 0.14
C ASN A 75 16.48 -11.33 -1.29
N TRP A 76 15.48 -11.36 -2.16
CA TRP A 76 15.68 -11.71 -3.55
C TRP A 76 16.40 -10.60 -4.31
N LYS A 77 16.20 -9.37 -3.87
CA LYS A 77 16.82 -8.21 -4.49
C LYS A 77 18.32 -8.18 -4.21
N ARG A 78 18.67 -8.36 -2.94
CA ARG A 78 20.07 -8.35 -2.53
C ARG A 78 20.84 -9.48 -3.19
N MET A 79 20.18 -10.62 -3.36
CA MET A 79 20.80 -11.79 -3.98
C MET A 79 20.88 -11.62 -5.50
N ASN A 80 19.73 -11.34 -6.11
CA ASN A 80 19.67 -11.15 -7.56
C ASN A 80 20.36 -9.86 -7.97
N SER A 81 19.83 -8.74 -7.51
CA SER A 81 20.39 -7.43 -7.84
C SER A 81 21.74 -7.23 -7.15
N GLY A 82 22.66 -6.58 -7.85
CA GLY A 82 23.98 -6.33 -7.29
C GLY A 82 25.07 -7.09 -8.01
N PRO A 83 26.20 -6.41 -8.27
CA PRO A 83 27.35 -7.01 -8.97
C PRO A 83 28.05 -8.06 -8.13
N SER A 84 28.15 -9.27 -8.66
CA SER A 84 28.81 -10.37 -7.96
C SER A 84 30.03 -10.86 -8.74
N SER A 85 31.16 -10.92 -8.06
CA SER A 85 32.40 -11.38 -8.69
C SER A 85 32.59 -10.73 -10.06
N GLY A 86 32.27 -9.44 -10.16
CA GLY A 86 32.41 -8.74 -11.42
C GLY A 86 31.16 -8.82 -12.26
N GLY A 1 6.42 41.43 -5.95
CA GLY A 1 5.08 41.22 -5.40
C GLY A 1 5.07 40.23 -4.25
N SER A 2 3.96 40.15 -3.55
CA SER A 2 3.82 39.24 -2.41
C SER A 2 2.37 39.12 -1.98
N SER A 3 2.11 38.19 -1.06
CA SER A 3 0.75 37.97 -0.57
C SER A 3 0.79 37.24 0.78
N GLY A 4 -0.40 37.02 1.34
CA GLY A 4 -0.49 36.35 2.62
C GLY A 4 -1.77 35.54 2.77
N SER A 5 -1.81 34.67 3.76
CA SER A 5 -2.98 33.84 4.01
C SER A 5 -2.84 33.07 5.32
N SER A 6 -3.97 32.66 5.88
CA SER A 6 -3.98 31.92 7.13
C SER A 6 -5.28 31.15 7.30
N GLY A 7 -5.37 30.37 8.38
CA GLY A 7 -6.55 29.58 8.63
C GLY A 7 -6.32 28.46 9.61
N ALA A 8 -7.39 27.97 10.24
CA ALA A 8 -7.28 26.88 11.21
C ALA A 8 -8.64 26.23 11.45
N LEU A 9 -8.63 25.11 12.14
CA LEU A 9 -9.86 24.38 12.44
C LEU A 9 -10.44 24.84 13.78
N PHE A 10 -11.63 25.44 13.72
CA PHE A 10 -12.29 25.92 14.93
C PHE A 10 -12.36 24.82 15.99
N HIS A 11 -12.75 25.21 17.20
CA HIS A 11 -12.86 24.26 18.31
C HIS A 11 -14.19 23.52 18.26
N LYS A 12 -14.60 23.14 17.05
CA LYS A 12 -15.87 22.42 16.88
C LYS A 12 -15.63 20.92 16.77
N LYS A 13 -14.51 20.54 16.16
CA LYS A 13 -14.16 19.13 16.00
C LYS A 13 -13.14 18.70 17.04
N LEU A 14 -13.15 17.42 17.39
CA LEU A 14 -12.23 16.87 18.37
C LEU A 14 -11.06 16.16 17.69
N THR A 15 -11.39 15.13 16.92
CA THR A 15 -10.37 14.36 16.21
C THR A 15 -11.00 13.48 15.13
N GLU A 16 -10.19 13.11 14.14
CA GLU A 16 -10.67 12.27 13.05
C GLU A 16 -10.39 10.79 13.33
N GLY A 17 -10.86 9.93 12.44
CA GLY A 17 -10.64 8.50 12.61
C GLY A 17 -10.83 8.05 14.05
N VAL A 18 -11.89 8.54 14.68
CA VAL A 18 -12.18 8.19 16.07
C VAL A 18 -13.52 7.49 16.19
N LEU A 19 -14.52 7.97 15.45
CA LEU A 19 -15.85 7.39 15.48
C LEU A 19 -16.33 7.08 14.05
N MET A 20 -15.46 6.53 13.23
CA MET A 20 -15.79 6.19 11.86
C MET A 20 -15.12 4.89 11.44
N ARG A 21 -15.46 4.41 10.25
CA ARG A 21 -14.89 3.17 9.73
C ARG A 21 -14.10 3.43 8.45
N ASP A 22 -13.03 2.65 8.26
CA ASP A 22 -12.20 2.78 7.08
C ASP A 22 -11.63 1.44 6.66
N PRO A 23 -11.66 1.17 5.34
CA PRO A 23 -11.15 -0.09 4.78
C PRO A 23 -9.63 -0.18 4.86
N LYS A 24 -8.95 0.32 3.83
CA LYS A 24 -7.50 0.29 3.79
C LYS A 24 -6.95 1.48 3.00
N PHE A 25 -6.30 2.40 3.70
CA PHE A 25 -5.74 3.59 3.07
C PHE A 25 -4.48 3.23 2.28
N LEU A 26 -4.59 3.24 0.96
CA LEU A 26 -3.46 2.93 0.09
C LEU A 26 -3.06 4.14 -0.75
N TRP A 27 -1.81 4.58 -0.57
CA TRP A 27 -1.30 5.72 -1.31
C TRP A 27 0.18 5.56 -1.61
N CYS A 28 0.69 6.40 -2.49
CA CYS A 28 2.11 6.36 -2.87
C CYS A 28 3.00 6.52 -1.65
N ALA A 29 4.31 6.49 -1.86
CA ALA A 29 5.28 6.64 -0.79
C ALA A 29 5.96 8.01 -0.83
N GLN A 30 5.77 8.71 -1.95
CA GLN A 30 6.37 10.04 -2.12
C GLN A 30 5.29 11.10 -2.20
N CYS A 31 4.37 10.94 -3.15
CA CYS A 31 3.28 11.90 -3.34
C CYS A 31 2.19 11.69 -2.29
N SER A 32 2.14 10.49 -1.72
CA SER A 32 1.15 10.17 -0.70
C SER A 32 -0.22 10.73 -1.08
N PHE A 33 -0.68 10.38 -2.28
CA PHE A 33 -1.98 10.84 -2.77
C PHE A 33 -3.03 10.74 -1.67
N GLY A 34 -3.39 9.53 -1.30
CA GLY A 34 -4.39 9.32 -0.27
C GLY A 34 -5.72 8.86 -0.83
N PHE A 35 -5.83 7.57 -1.12
CA PHE A 35 -7.06 7.00 -1.67
C PHE A 35 -7.25 5.56 -1.20
N ILE A 36 -8.33 4.94 -1.66
CA ILE A 36 -8.63 3.57 -1.28
C ILE A 36 -8.61 2.65 -2.51
N TYR A 37 -8.22 1.40 -2.29
CA TYR A 37 -8.17 0.43 -3.38
C TYR A 37 -9.05 -0.79 -3.08
N GLU A 38 -9.06 -1.20 -1.81
CA GLU A 38 -9.86 -2.34 -1.39
C GLU A 38 -9.90 -3.40 -2.48
N ARG A 39 -8.72 -3.78 -2.98
CA ARG A 39 -8.62 -4.79 -4.02
C ARG A 39 -7.88 -6.03 -3.52
N GLU A 40 -8.24 -7.19 -4.07
CA GLU A 40 -7.62 -8.44 -3.67
C GLU A 40 -6.36 -8.70 -4.49
N GLN A 41 -5.37 -7.82 -4.34
CA GLN A 41 -4.12 -7.96 -5.08
C GLN A 41 -3.09 -6.93 -4.60
N LEU A 42 -1.82 -7.26 -4.75
CA LEU A 42 -0.74 -6.37 -4.32
C LEU A 42 -0.29 -5.48 -5.48
N GLU A 43 -1.17 -5.29 -6.46
CA GLU A 43 -0.87 -4.46 -7.62
C GLU A 43 -1.68 -3.18 -7.61
N ALA A 44 -1.13 -2.15 -6.97
CA ALA A 44 -1.80 -0.86 -6.89
C ALA A 44 -1.19 0.15 -7.84
N THR A 45 -2.02 1.03 -8.40
CA THR A 45 -1.55 2.05 -9.33
C THR A 45 -2.03 3.44 -8.92
N CYS A 46 -1.17 4.43 -9.10
CA CYS A 46 -1.50 5.80 -8.74
C CYS A 46 -2.22 6.50 -9.90
N PRO A 47 -3.31 7.22 -9.57
CA PRO A 47 -4.09 7.95 -10.57
C PRO A 47 -3.35 9.15 -11.14
N GLN A 48 -2.17 9.41 -10.60
CA GLN A 48 -1.36 10.53 -11.06
C GLN A 48 0.02 10.06 -11.51
N CYS A 49 0.65 9.24 -10.69
CA CYS A 49 1.98 8.71 -11.01
C CYS A 49 1.88 7.50 -11.91
N HIS A 50 0.71 6.86 -11.93
CA HIS A 50 0.48 5.68 -12.75
C HIS A 50 1.60 4.67 -12.57
N GLN A 51 2.11 4.56 -11.34
CA GLN A 51 3.19 3.63 -11.04
C GLN A 51 2.68 2.47 -10.20
N THR A 52 3.21 1.28 -10.45
CA THR A 52 2.82 0.09 -9.71
C THR A 52 3.67 -0.11 -8.47
N PHE A 53 3.09 0.15 -7.31
CA PHE A 53 3.80 0.01 -6.04
C PHE A 53 3.03 -0.88 -5.08
N CYS A 54 3.75 -1.56 -4.20
CA CYS A 54 3.13 -2.45 -3.22
C CYS A 54 2.25 -1.67 -2.26
N VAL A 55 1.22 -2.32 -1.74
CA VAL A 55 0.30 -1.69 -0.80
C VAL A 55 0.75 -1.90 0.64
N ARG A 56 1.73 -2.77 0.82
CA ARG A 56 2.25 -3.08 2.16
C ARG A 56 3.54 -2.31 2.41
N CYS A 57 4.61 -2.71 1.75
CA CYS A 57 5.90 -2.07 1.92
C CYS A 57 5.91 -0.69 1.26
N LYS A 58 4.93 -0.45 0.41
CA LYS A 58 4.82 0.83 -0.30
C LYS A 58 6.08 1.13 -1.09
N ARG A 59 6.58 0.12 -1.79
CA ARG A 59 7.78 0.27 -2.59
C ARG A 59 7.52 -0.14 -4.05
N GLN A 60 8.50 0.10 -4.91
CA GLN A 60 8.38 -0.24 -6.32
C GLN A 60 8.07 -1.73 -6.50
N TRP A 61 6.89 -2.02 -7.02
CA TRP A 61 6.48 -3.40 -7.24
C TRP A 61 7.44 -4.12 -8.19
N GLU A 62 7.44 -5.44 -8.14
CA GLU A 62 8.30 -6.23 -9.00
C GLU A 62 7.72 -7.62 -9.23
N GLU A 63 7.88 -8.13 -10.45
CA GLU A 63 7.36 -9.45 -10.81
C GLU A 63 7.74 -10.48 -9.74
N GLN A 64 8.98 -10.43 -9.28
CA GLN A 64 9.47 -11.36 -8.27
C GLN A 64 8.67 -11.21 -6.98
N HIS A 65 8.28 -9.98 -6.67
CA HIS A 65 7.50 -9.70 -5.46
C HIS A 65 6.18 -10.46 -5.47
N ARG A 66 5.58 -10.57 -6.65
CA ARG A 66 4.30 -11.26 -6.80
C ARG A 66 4.34 -12.61 -6.08
N GLY A 67 5.30 -13.44 -6.45
CA GLY A 67 5.42 -14.76 -5.84
C GLY A 67 6.20 -14.71 -4.54
N ARG A 68 6.27 -13.54 -3.93
CA ARG A 68 6.99 -13.37 -2.67
C ARG A 68 6.33 -12.29 -1.82
N SER A 69 6.95 -11.99 -0.67
CA SER A 69 6.42 -10.98 0.25
C SER A 69 7.39 -9.80 0.36
N CYS A 70 6.98 -8.79 1.11
CA CYS A 70 7.81 -7.61 1.32
C CYS A 70 9.18 -7.99 1.87
N GLU A 71 9.20 -9.01 2.72
CA GLU A 71 10.45 -9.48 3.33
C GLU A 71 11.24 -10.34 2.35
N ASP A 72 10.68 -11.50 2.01
CA ASP A 72 11.33 -12.41 1.08
C ASP A 72 11.77 -11.69 -0.19
N PHE A 73 10.96 -10.74 -0.63
CA PHE A 73 11.27 -9.97 -1.83
C PHE A 73 12.65 -9.33 -1.72
N GLN A 74 12.84 -8.51 -0.69
CA GLN A 74 14.11 -7.82 -0.48
C GLN A 74 15.27 -8.80 -0.59
N ASN A 75 15.19 -9.91 0.14
CA ASN A 75 16.23 -10.92 0.12
C ASN A 75 16.57 -11.33 -1.30
N TRP A 76 15.55 -11.37 -2.16
CA TRP A 76 15.74 -11.75 -3.56
C TRP A 76 16.43 -10.63 -4.34
N LYS A 77 16.23 -9.40 -3.88
CA LYS A 77 16.83 -8.23 -4.53
C LYS A 77 18.34 -8.18 -4.27
N ARG A 78 18.71 -8.35 -3.01
CA ARG A 78 20.13 -8.32 -2.63
C ARG A 78 20.89 -9.47 -3.27
N MET A 79 20.20 -10.58 -3.48
CA MET A 79 20.81 -11.76 -4.09
C MET A 79 20.86 -11.61 -5.61
N ASN A 80 19.73 -11.25 -6.20
CA ASN A 80 19.64 -11.09 -7.65
C ASN A 80 20.30 -9.78 -8.09
N SER A 81 19.72 -8.66 -7.66
CA SER A 81 20.25 -7.35 -8.02
C SER A 81 21.45 -7.00 -7.14
N GLY A 82 22.63 -7.34 -7.62
CA GLY A 82 23.85 -7.04 -6.87
C GLY A 82 24.88 -6.30 -7.70
N PRO A 83 25.75 -7.05 -8.40
CA PRO A 83 26.80 -6.47 -9.23
C PRO A 83 26.24 -5.80 -10.48
N SER A 84 24.93 -5.89 -10.65
CA SER A 84 24.27 -5.29 -11.81
C SER A 84 23.35 -4.14 -11.39
N SER A 85 23.59 -2.97 -11.96
CA SER A 85 22.79 -1.79 -11.63
C SER A 85 21.83 -1.46 -12.77
N GLY A 86 20.74 -0.79 -12.44
CA GLY A 86 19.76 -0.42 -13.44
C GLY A 86 18.54 0.27 -12.84
N GLY A 1 29.87 16.10 11.32
CA GLY A 1 30.12 15.04 12.27
C GLY A 1 29.47 13.73 11.89
N SER A 2 28.86 13.05 12.87
CA SER A 2 28.20 11.78 12.62
C SER A 2 26.78 11.79 13.15
N SER A 3 25.81 11.94 12.25
CA SER A 3 24.40 11.98 12.63
C SER A 3 23.55 11.20 11.63
N GLY A 4 22.35 10.81 12.06
CA GLY A 4 21.46 10.06 11.18
C GLY A 4 20.53 9.15 11.96
N SER A 5 19.26 9.52 12.04
CA SER A 5 18.27 8.73 12.76
C SER A 5 18.17 7.33 12.16
N SER A 6 18.55 6.32 12.95
CA SER A 6 18.49 4.94 12.50
C SER A 6 17.28 4.23 13.07
N GLY A 7 16.26 4.03 12.24
CA GLY A 7 15.05 3.36 12.68
C GLY A 7 13.83 4.24 12.54
N ALA A 8 12.83 3.75 11.81
CA ALA A 8 11.59 4.50 11.61
C ALA A 8 10.38 3.58 11.69
N LEU A 9 9.32 4.04 12.35
CA LEU A 9 8.10 3.26 12.49
C LEU A 9 7.32 3.22 11.17
N PHE A 10 6.64 2.11 10.92
CA PHE A 10 5.87 1.93 9.70
C PHE A 10 5.05 3.19 9.41
N HIS A 11 4.02 3.42 10.22
CA HIS A 11 3.15 4.57 10.05
C HIS A 11 2.99 5.34 11.36
N LYS A 12 2.83 6.65 11.26
CA LYS A 12 2.66 7.50 12.43
C LYS A 12 1.92 6.75 13.54
N LYS A 13 2.23 7.09 14.79
CA LYS A 13 1.58 6.45 15.93
C LYS A 13 0.21 7.06 16.19
N LEU A 14 0.14 8.39 16.17
CA LEU A 14 -1.12 9.09 16.39
C LEU A 14 -2.29 8.29 15.84
N THR A 15 -3.43 8.34 16.53
CA THR A 15 -4.63 7.64 16.11
C THR A 15 -4.90 7.87 14.62
N GLU A 16 -4.36 8.94 14.08
CA GLU A 16 -4.55 9.27 12.67
C GLU A 16 -4.56 8.01 11.82
N GLY A 17 -3.65 7.08 12.13
CA GLY A 17 -3.58 5.84 11.38
C GLY A 17 -4.63 4.84 11.81
N VAL A 18 -5.87 5.30 11.97
CA VAL A 18 -6.96 4.43 12.40
C VAL A 18 -7.97 4.24 11.27
N LEU A 19 -8.24 2.98 10.96
CA LEU A 19 -9.19 2.65 9.90
C LEU A 19 -10.40 1.91 10.46
N MET A 20 -10.84 2.32 11.64
CA MET A 20 -12.00 1.70 12.29
C MET A 20 -13.21 1.73 11.36
N ARG A 21 -13.24 2.69 10.45
CA ARG A 21 -14.35 2.82 9.52
C ARG A 21 -13.84 2.91 8.09
N ASP A 22 -12.67 2.32 7.83
CA ASP A 22 -12.07 2.33 6.50
C ASP A 22 -11.54 0.95 6.14
N PRO A 23 -11.60 0.61 4.84
CA PRO A 23 -11.13 -0.67 4.33
C PRO A 23 -9.61 -0.80 4.38
N LYS A 24 -8.92 0.13 3.73
CA LYS A 24 -7.46 0.12 3.71
C LYS A 24 -6.93 1.33 2.96
N PHE A 25 -6.35 2.28 3.70
CA PHE A 25 -5.79 3.48 3.10
C PHE A 25 -4.54 3.16 2.28
N LEU A 26 -4.66 3.22 0.96
CA LEU A 26 -3.54 2.94 0.08
C LEU A 26 -3.17 4.17 -0.74
N TRP A 27 -1.93 4.63 -0.58
CA TRP A 27 -1.44 5.80 -1.30
C TRP A 27 0.03 5.66 -1.65
N CYS A 28 0.52 6.54 -2.51
CA CYS A 28 1.93 6.51 -2.92
C CYS A 28 2.85 6.66 -1.72
N ALA A 29 4.15 6.68 -1.97
CA ALA A 29 5.13 6.82 -0.91
C ALA A 29 5.80 8.20 -0.97
N GLN A 30 5.47 8.97 -2.01
CA GLN A 30 6.05 10.30 -2.18
C GLN A 30 4.94 11.35 -2.31
N CYS A 31 4.05 11.14 -3.29
CA CYS A 31 2.95 12.07 -3.53
C CYS A 31 1.86 11.89 -2.49
N SER A 32 1.93 10.79 -1.73
CA SER A 32 0.94 10.51 -0.70
C SER A 32 -0.45 10.95 -1.14
N PHE A 33 -0.87 10.48 -2.31
CA PHE A 33 -2.18 10.84 -2.85
C PHE A 33 -3.25 10.76 -1.77
N GLY A 34 -3.50 9.56 -1.26
CA GLY A 34 -4.50 9.37 -0.23
C GLY A 34 -5.82 8.88 -0.78
N PHE A 35 -5.92 7.58 -1.03
CA PHE A 35 -7.14 6.99 -1.57
C PHE A 35 -7.29 5.55 -1.09
N ILE A 36 -8.35 4.89 -1.56
CA ILE A 36 -8.61 3.50 -1.19
C ILE A 36 -8.60 2.60 -2.42
N TYR A 37 -8.19 1.35 -2.22
CA TYR A 37 -8.13 0.38 -3.31
C TYR A 37 -8.96 -0.85 -2.98
N GLU A 38 -9.05 -1.18 -1.69
CA GLU A 38 -9.82 -2.33 -1.24
C GLU A 38 -9.81 -3.43 -2.31
N ARG A 39 -8.64 -3.76 -2.80
CA ARG A 39 -8.49 -4.79 -3.83
C ARG A 39 -7.76 -6.02 -3.29
N GLU A 40 -8.15 -7.19 -3.76
CA GLU A 40 -7.53 -8.43 -3.32
C GLU A 40 -6.23 -8.69 -4.07
N GLN A 41 -5.45 -7.63 -4.28
CA GLN A 41 -4.17 -7.74 -4.99
C GLN A 41 -3.15 -6.76 -4.42
N LEU A 42 -1.88 -7.17 -4.44
CA LEU A 42 -0.81 -6.32 -3.93
C LEU A 42 -0.40 -5.28 -4.97
N GLU A 43 -0.95 -5.39 -6.17
CA GLU A 43 -0.64 -4.46 -7.24
C GLU A 43 -1.52 -3.22 -7.16
N ALA A 44 -0.90 -2.07 -6.91
CA ALA A 44 -1.64 -0.81 -6.81
C ALA A 44 -1.01 0.26 -7.69
N THR A 45 -1.84 0.93 -8.48
CA THR A 45 -1.37 1.99 -9.38
C THR A 45 -1.93 3.34 -8.96
N CYS A 46 -1.12 4.38 -9.16
CA CYS A 46 -1.52 5.74 -8.81
C CYS A 46 -2.22 6.43 -9.98
N PRO A 47 -3.35 7.08 -9.70
CA PRO A 47 -4.12 7.80 -10.72
C PRO A 47 -3.42 9.04 -11.23
N GLN A 48 -2.25 9.33 -10.66
CA GLN A 48 -1.47 10.49 -11.06
C GLN A 48 -0.06 10.08 -11.48
N CYS A 49 0.52 9.14 -10.74
CA CYS A 49 1.86 8.66 -11.02
C CYS A 49 1.82 7.42 -11.92
N HIS A 50 0.69 6.72 -11.91
CA HIS A 50 0.52 5.52 -12.73
C HIS A 50 1.68 4.56 -12.51
N GLN A 51 2.22 4.55 -11.29
CA GLN A 51 3.34 3.66 -10.96
C GLN A 51 2.86 2.50 -10.10
N THR A 52 3.26 1.28 -10.48
CA THR A 52 2.87 0.09 -9.74
C THR A 52 3.73 -0.09 -8.50
N PHE A 53 3.17 0.21 -7.34
CA PHE A 53 3.88 0.09 -6.08
C PHE A 53 3.11 -0.79 -5.10
N CYS A 54 3.84 -1.48 -4.22
CA CYS A 54 3.22 -2.35 -3.23
C CYS A 54 2.30 -1.56 -2.31
N VAL A 55 1.27 -2.23 -1.79
CA VAL A 55 0.32 -1.59 -0.88
C VAL A 55 0.74 -1.77 0.57
N ARG A 56 1.72 -2.64 0.81
CA ARG A 56 2.21 -2.90 2.15
C ARG A 56 3.47 -2.10 2.43
N CYS A 57 4.58 -2.51 1.81
CA CYS A 57 5.85 -1.83 1.99
C CYS A 57 5.86 -0.47 1.30
N LYS A 58 4.88 -0.26 0.41
CA LYS A 58 4.78 0.99 -0.31
C LYS A 58 6.04 1.29 -1.11
N ARG A 59 6.61 0.24 -1.71
CA ARG A 59 7.83 0.39 -2.49
C ARG A 59 7.59 0.01 -3.95
N GLN A 60 8.60 0.22 -4.79
CA GLN A 60 8.49 -0.09 -6.21
C GLN A 60 8.19 -1.58 -6.42
N TRP A 61 6.99 -1.87 -6.90
CA TRP A 61 6.58 -3.25 -7.14
C TRP A 61 7.53 -3.94 -8.11
N GLU A 62 7.63 -5.26 -7.98
CA GLU A 62 8.52 -6.04 -8.85
C GLU A 62 7.89 -7.40 -9.19
N GLU A 63 8.08 -7.84 -10.43
CA GLU A 63 7.54 -9.12 -10.87
C GLU A 63 7.86 -10.22 -9.87
N GLN A 64 9.06 -10.18 -9.31
CA GLN A 64 9.49 -11.17 -8.34
C GLN A 64 8.71 -11.04 -7.04
N HIS A 65 8.32 -9.81 -6.71
CA HIS A 65 7.56 -9.55 -5.49
C HIS A 65 6.22 -10.26 -5.52
N ARG A 66 5.68 -10.44 -6.72
CA ARG A 66 4.39 -11.10 -6.90
C ARG A 66 4.36 -12.43 -6.16
N GLY A 67 5.26 -13.33 -6.54
CA GLY A 67 5.32 -14.63 -5.91
C GLY A 67 6.08 -14.61 -4.59
N ARG A 68 6.23 -13.41 -4.02
CA ARG A 68 6.94 -13.26 -2.76
C ARG A 68 6.31 -12.15 -1.92
N SER A 69 6.91 -11.86 -0.77
CA SER A 69 6.40 -10.83 0.12
C SER A 69 7.41 -9.70 0.26
N CYS A 70 7.03 -8.66 1.02
CA CYS A 70 7.89 -7.51 1.22
C CYS A 70 9.24 -7.93 1.78
N GLU A 71 9.23 -8.96 2.62
CA GLU A 71 10.46 -9.46 3.24
C GLU A 71 11.23 -10.35 2.26
N ASP A 72 10.62 -11.49 1.90
CA ASP A 72 11.26 -12.42 0.98
C ASP A 72 11.73 -11.71 -0.28
N PHE A 73 10.95 -10.74 -0.75
CA PHE A 73 11.29 -9.99 -1.94
C PHE A 73 12.69 -9.37 -1.82
N GLN A 74 12.90 -8.62 -0.75
CA GLN A 74 14.19 -7.97 -0.52
C GLN A 74 15.33 -8.97 -0.66
N ASN A 75 15.22 -10.08 0.07
CA ASN A 75 16.24 -11.12 0.03
C ASN A 75 16.55 -11.53 -1.41
N TRP A 76 15.51 -11.57 -2.24
CA TRP A 76 15.67 -11.95 -3.64
C TRP A 76 16.46 -10.89 -4.40
N LYS A 77 16.36 -9.64 -3.95
CA LYS A 77 17.07 -8.54 -4.59
C LYS A 77 18.56 -8.59 -4.27
N ARG A 78 18.87 -8.88 -3.01
CA ARG A 78 20.25 -8.96 -2.57
C ARG A 78 20.94 -10.20 -3.14
N MET A 79 20.14 -11.22 -3.46
CA MET A 79 20.67 -12.45 -4.01
C MET A 79 20.78 -12.37 -5.53
N ASN A 80 19.74 -11.84 -6.17
CA ASN A 80 19.70 -11.71 -7.62
C ASN A 80 20.48 -10.48 -8.06
N SER A 81 19.96 -9.31 -7.70
CA SER A 81 20.60 -8.04 -8.06
C SER A 81 22.05 -8.01 -7.60
N GLY A 82 22.24 -7.92 -6.28
CA GLY A 82 23.58 -7.87 -5.73
C GLY A 82 23.95 -6.50 -5.19
N PRO A 83 25.00 -5.91 -5.77
CA PRO A 83 25.48 -4.58 -5.35
C PRO A 83 24.51 -3.47 -5.75
N SER A 84 24.06 -2.71 -4.75
CA SER A 84 23.12 -1.62 -4.99
C SER A 84 23.15 -0.61 -3.84
N SER A 85 23.41 0.65 -4.18
CA SER A 85 23.47 1.71 -3.17
C SER A 85 22.07 2.09 -2.70
N GLY A 86 21.90 2.13 -1.38
CA GLY A 86 20.60 2.49 -0.82
C GLY A 86 20.69 3.64 0.16
N GLY A 1 -14.62 40.74 -2.24
CA GLY A 1 -15.95 40.62 -1.66
C GLY A 1 -16.40 39.18 -1.56
N SER A 2 -17.54 38.96 -0.91
CA SER A 2 -18.07 37.61 -0.75
C SER A 2 -19.57 37.67 -0.44
N SER A 3 -20.21 36.50 -0.48
CA SER A 3 -21.64 36.40 -0.22
C SER A 3 -21.95 35.25 0.72
N GLY A 4 -23.21 35.15 1.15
CA GLY A 4 -23.61 34.09 2.05
C GLY A 4 -24.61 33.15 1.42
N SER A 5 -24.60 31.90 1.86
CA SER A 5 -25.52 30.88 1.33
C SER A 5 -25.72 29.76 2.33
N SER A 6 -26.65 28.86 2.02
CA SER A 6 -26.95 27.73 2.89
C SER A 6 -26.83 26.42 2.13
N GLY A 7 -26.73 25.31 2.87
CA GLY A 7 -26.62 24.01 2.26
C GLY A 7 -25.84 23.02 3.13
N ALA A 8 -26.58 22.21 3.87
CA ALA A 8 -25.95 21.21 4.74
C ALA A 8 -26.75 19.91 4.74
N LEU A 9 -26.08 18.82 5.08
CA LEU A 9 -26.72 17.51 5.13
C LEU A 9 -28.00 17.55 5.95
N PHE A 10 -28.89 16.59 5.72
CA PHE A 10 -30.15 16.52 6.44
C PHE A 10 -29.96 16.91 7.91
N HIS A 11 -30.98 17.52 8.48
CA HIS A 11 -30.92 17.95 9.88
C HIS A 11 -30.16 16.93 10.73
N LYS A 12 -30.60 15.67 10.66
CA LYS A 12 -29.95 14.60 11.42
C LYS A 12 -29.74 13.37 10.56
N LYS A 13 -28.54 13.27 9.98
CA LYS A 13 -28.19 12.14 9.12
C LYS A 13 -26.81 11.59 9.47
N LEU A 14 -26.77 10.58 10.32
CA LEU A 14 -25.51 9.96 10.72
C LEU A 14 -25.70 8.47 10.98
N THR A 15 -24.61 7.71 10.81
CA THR A 15 -24.64 6.27 11.02
C THR A 15 -24.59 5.93 12.51
N GLU A 16 -25.43 4.98 12.92
CA GLU A 16 -25.47 4.56 14.31
C GLU A 16 -25.08 3.10 14.45
N GLY A 17 -24.46 2.76 15.59
CA GLY A 17 -24.05 1.39 15.83
C GLY A 17 -22.93 0.95 14.89
N VAL A 18 -22.09 1.89 14.51
CA VAL A 18 -20.97 1.60 13.62
C VAL A 18 -19.69 2.27 14.09
N LEU A 19 -18.58 1.53 14.02
CA LEU A 19 -17.28 2.05 14.45
C LEU A 19 -16.25 1.91 13.34
N MET A 20 -16.62 2.32 12.13
CA MET A 20 -15.73 2.24 10.99
C MET A 20 -15.34 3.63 10.50
N ARG A 21 -14.12 4.04 10.78
CA ARG A 21 -13.62 5.35 10.37
C ARG A 21 -13.07 5.30 8.95
N ASP A 22 -12.35 4.23 8.64
CA ASP A 22 -11.76 4.07 7.31
C ASP A 22 -11.21 2.65 7.15
N PRO A 23 -11.48 2.05 5.97
CA PRO A 23 -11.02 0.69 5.66
C PRO A 23 -9.51 0.62 5.45
N LYS A 24 -9.08 0.80 4.21
CA LYS A 24 -7.66 0.77 3.89
C LYS A 24 -7.33 1.71 2.74
N PHE A 25 -6.51 2.72 3.02
CA PHE A 25 -6.13 3.69 2.01
C PHE A 25 -4.77 3.34 1.40
N LEU A 26 -4.75 3.12 0.09
CA LEU A 26 -3.52 2.78 -0.62
C LEU A 26 -2.99 3.97 -1.40
N TRP A 27 -1.78 4.41 -1.06
CA TRP A 27 -1.15 5.54 -1.74
C TRP A 27 0.35 5.35 -1.85
N CYS A 28 0.99 6.19 -2.66
CA CYS A 28 2.43 6.10 -2.87
C CYS A 28 3.19 6.47 -1.59
N ALA A 29 4.47 6.16 -1.55
CA ALA A 29 5.30 6.45 -0.39
C ALA A 29 5.90 7.86 -0.49
N GLN A 30 5.63 8.54 -1.60
CA GLN A 30 6.14 9.88 -1.82
C GLN A 30 5.00 10.88 -1.97
N CYS A 31 4.25 10.74 -3.06
CA CYS A 31 3.12 11.63 -3.33
C CYS A 31 2.04 11.50 -2.25
N SER A 32 1.97 10.32 -1.65
CA SER A 32 0.99 10.06 -0.60
C SER A 32 -0.39 10.60 -1.00
N PHE A 33 -0.87 10.18 -2.17
CA PHE A 33 -2.17 10.61 -2.66
C PHE A 33 -3.25 10.40 -1.61
N GLY A 34 -3.60 9.14 -1.36
CA GLY A 34 -4.62 8.84 -0.39
C GLY A 34 -5.93 8.43 -1.02
N PHE A 35 -6.17 7.12 -1.10
CA PHE A 35 -7.39 6.59 -1.70
C PHE A 35 -7.60 5.13 -1.31
N ILE A 36 -8.82 4.79 -0.91
CA ILE A 36 -9.15 3.44 -0.52
C ILE A 36 -9.14 2.50 -1.72
N TYR A 37 -8.36 1.43 -1.64
CA TYR A 37 -8.27 0.46 -2.72
C TYR A 37 -8.93 -0.86 -2.32
N GLU A 38 -8.91 -1.17 -1.04
CA GLU A 38 -9.50 -2.40 -0.53
C GLU A 38 -9.49 -3.49 -1.60
N ARG A 39 -8.31 -3.77 -2.14
CA ARG A 39 -8.17 -4.79 -3.17
C ARG A 39 -7.35 -5.98 -2.66
N GLU A 40 -7.08 -6.93 -3.54
CA GLU A 40 -6.31 -8.11 -3.17
C GLU A 40 -4.99 -8.15 -3.93
N GLN A 41 -4.94 -7.50 -5.09
CA GLN A 41 -3.74 -7.46 -5.91
C GLN A 41 -2.67 -6.58 -5.27
N LEU A 42 -1.44 -7.07 -5.24
CA LEU A 42 -0.33 -6.32 -4.66
C LEU A 42 0.26 -5.35 -5.67
N GLU A 43 -0.50 -5.05 -6.73
CA GLU A 43 -0.04 -4.14 -7.77
C GLU A 43 -1.06 -3.03 -7.99
N ALA A 44 -1.06 -2.05 -7.09
CA ALA A 44 -1.98 -0.92 -7.20
C ALA A 44 -1.37 0.22 -8.01
N THR A 45 -2.19 0.85 -8.84
CA THR A 45 -1.74 1.96 -9.67
C THR A 45 -2.24 3.29 -9.14
N CYS A 46 -1.38 4.31 -9.19
CA CYS A 46 -1.73 5.64 -8.71
C CYS A 46 -2.49 6.41 -9.79
N PRO A 47 -3.59 7.06 -9.39
CA PRO A 47 -4.43 7.85 -10.29
C PRO A 47 -3.73 9.12 -10.76
N GLN A 48 -2.52 9.35 -10.25
CA GLN A 48 -1.75 10.53 -10.62
C GLN A 48 -0.39 10.14 -11.19
N CYS A 49 0.30 9.24 -10.50
CA CYS A 49 1.61 8.78 -10.93
C CYS A 49 1.48 7.67 -11.97
N HIS A 50 0.41 6.89 -11.87
CA HIS A 50 0.17 5.79 -12.80
C HIS A 50 1.30 4.77 -12.73
N GLN A 51 1.88 4.62 -11.55
CA GLN A 51 2.98 3.67 -11.36
C GLN A 51 2.53 2.48 -10.53
N THR A 52 3.18 1.34 -10.73
CA THR A 52 2.85 0.12 -10.00
C THR A 52 3.74 -0.06 -8.78
N PHE A 53 3.19 0.19 -7.60
CA PHE A 53 3.94 0.06 -6.36
C PHE A 53 3.18 -0.81 -5.35
N CYS A 54 3.94 -1.53 -4.52
CA CYS A 54 3.35 -2.41 -3.52
C CYS A 54 2.47 -1.62 -2.55
N VAL A 55 1.43 -2.27 -2.04
CA VAL A 55 0.52 -1.62 -1.10
C VAL A 55 0.96 -1.87 0.34
N ARG A 56 1.98 -2.70 0.51
CA ARG A 56 2.49 -3.02 1.84
C ARG A 56 3.78 -2.27 2.12
N CYS A 57 4.85 -2.66 1.45
CA CYS A 57 6.15 -2.02 1.63
C CYS A 57 6.16 -0.63 0.99
N LYS A 58 5.17 -0.37 0.15
CA LYS A 58 5.06 0.93 -0.52
C LYS A 58 6.32 1.22 -1.35
N ARG A 59 6.81 0.20 -2.05
CA ARG A 59 8.00 0.35 -2.87
C ARG A 59 7.71 -0.02 -4.32
N GLN A 60 8.68 0.23 -5.20
CA GLN A 60 8.52 -0.07 -6.62
C GLN A 60 8.28 -1.56 -6.83
N TRP A 61 7.07 -1.91 -7.26
CA TRP A 61 6.72 -3.30 -7.49
C TRP A 61 7.73 -3.97 -8.42
N GLU A 62 7.79 -5.30 -8.36
CA GLU A 62 8.71 -6.06 -9.19
C GLU A 62 8.16 -7.44 -9.51
N GLU A 63 8.26 -7.84 -10.78
CA GLU A 63 7.76 -9.14 -11.21
C GLU A 63 8.15 -10.23 -10.22
N GLN A 64 9.31 -10.07 -9.59
CA GLN A 64 9.80 -11.04 -8.62
C GLN A 64 8.97 -11.00 -7.34
N HIS A 65 8.53 -9.79 -6.97
CA HIS A 65 7.72 -9.61 -5.77
C HIS A 65 6.43 -10.42 -5.85
N ARG A 66 5.88 -10.53 -7.07
CA ARG A 66 4.64 -11.27 -7.28
C ARG A 66 4.72 -12.65 -6.63
N GLY A 67 3.68 -13.00 -5.88
CA GLY A 67 3.65 -14.30 -5.22
C GLY A 67 4.36 -14.27 -3.88
N ARG A 68 5.45 -13.51 -3.79
CA ARG A 68 6.22 -13.42 -2.56
C ARG A 68 5.74 -12.25 -1.71
N SER A 69 6.42 -12.01 -0.59
CA SER A 69 6.05 -10.93 0.31
C SER A 69 7.16 -9.89 0.37
N CYS A 70 6.88 -8.77 1.05
CA CYS A 70 7.85 -7.69 1.18
C CYS A 70 9.15 -8.20 1.79
N GLU A 71 9.02 -9.18 2.69
CA GLU A 71 10.19 -9.76 3.36
C GLU A 71 10.99 -10.62 2.39
N ASP A 72 10.39 -11.72 1.93
CA ASP A 72 11.04 -12.63 1.01
C ASP A 72 11.57 -11.88 -0.21
N PHE A 73 10.75 -10.98 -0.75
CA PHE A 73 11.14 -10.21 -1.91
C PHE A 73 12.49 -9.53 -1.70
N GLN A 74 12.64 -8.85 -0.57
CA GLN A 74 13.88 -8.17 -0.24
C GLN A 74 15.07 -9.12 -0.36
N ASN A 75 14.96 -10.28 0.28
CA ASN A 75 16.02 -11.27 0.26
C ASN A 75 16.46 -11.56 -1.18
N TRP A 76 15.50 -11.56 -2.09
CA TRP A 76 15.79 -11.83 -3.49
C TRP A 76 16.56 -10.68 -4.12
N LYS A 77 16.36 -9.47 -3.59
CA LYS A 77 17.05 -8.29 -4.10
C LYS A 77 18.52 -8.32 -3.72
N ARG A 78 18.79 -8.56 -2.44
CA ARG A 78 20.16 -8.61 -1.95
C ARG A 78 20.94 -9.75 -2.61
N MET A 79 20.21 -10.79 -3.02
CA MET A 79 20.83 -11.95 -3.67
C MET A 79 21.00 -11.71 -5.16
N ASN A 80 19.95 -11.16 -5.78
CA ASN A 80 19.97 -10.88 -7.22
C ASN A 80 20.70 -9.56 -7.50
N SER A 81 20.10 -8.47 -7.04
CA SER A 81 20.69 -7.14 -7.25
C SER A 81 22.18 -7.14 -6.91
N GLY A 82 22.52 -7.72 -5.77
CA GLY A 82 23.91 -7.79 -5.35
C GLY A 82 24.82 -8.29 -6.45
N PRO A 83 25.64 -7.38 -7.01
CA PRO A 83 26.58 -7.70 -8.08
C PRO A 83 27.73 -8.58 -7.60
N SER A 84 27.85 -9.77 -8.19
CA SER A 84 28.91 -10.70 -7.81
C SER A 84 30.25 -10.26 -8.38
N SER A 85 30.88 -9.31 -7.70
CA SER A 85 32.18 -8.79 -8.13
C SER A 85 33.08 -8.51 -6.93
N GLY A 86 34.39 -8.59 -7.14
CA GLY A 86 35.33 -8.36 -6.08
C GLY A 86 34.91 -7.20 -5.18
N GLY A 1 -44.20 32.86 5.46
CA GLY A 1 -44.14 33.05 6.89
C GLY A 1 -42.70 32.98 7.41
N SER A 2 -42.51 33.43 8.64
CA SER A 2 -41.19 33.43 9.26
C SER A 2 -40.97 32.15 10.06
N SER A 3 -40.28 31.19 9.45
CA SER A 3 -40.00 29.91 10.11
C SER A 3 -39.01 30.10 11.25
N GLY A 4 -37.89 30.74 10.96
CA GLY A 4 -36.87 30.98 11.98
C GLY A 4 -35.48 31.03 11.41
N SER A 5 -35.00 29.89 10.92
CA SER A 5 -33.66 29.80 10.35
C SER A 5 -32.61 30.30 11.34
N SER A 6 -32.78 29.92 12.61
CA SER A 6 -31.85 30.34 13.65
C SER A 6 -30.90 29.19 14.01
N GLY A 7 -29.62 29.52 14.15
CA GLY A 7 -28.63 28.52 14.48
C GLY A 7 -28.55 28.27 15.98
N ALA A 8 -28.05 27.09 16.35
CA ALA A 8 -27.92 26.74 17.77
C ALA A 8 -26.97 25.56 17.94
N LEU A 9 -26.52 25.35 19.18
CA LEU A 9 -25.61 24.26 19.49
C LEU A 9 -26.24 23.27 20.46
N PHE A 10 -27.31 23.70 21.13
CA PHE A 10 -28.01 22.85 22.08
C PHE A 10 -28.98 21.91 21.37
N HIS A 11 -29.85 22.49 20.54
CA HIS A 11 -30.83 21.71 19.80
C HIS A 11 -30.23 20.40 19.32
N LYS A 12 -28.91 20.39 19.13
CA LYS A 12 -28.22 19.20 18.66
C LYS A 12 -26.70 19.40 18.70
N LYS A 13 -26.05 18.79 19.69
CA LYS A 13 -24.61 18.91 19.84
C LYS A 13 -23.89 17.96 18.89
N LEU A 14 -22.56 17.95 18.97
CA LEU A 14 -21.75 17.09 18.10
C LEU A 14 -21.95 15.63 18.47
N THR A 15 -21.75 14.74 17.49
CA THR A 15 -21.91 13.31 17.70
C THR A 15 -20.91 12.79 18.72
N GLU A 16 -21.40 12.07 19.72
CA GLU A 16 -20.55 11.52 20.76
C GLU A 16 -20.55 9.99 20.71
N GLY A 17 -19.68 9.38 21.51
CA GLY A 17 -19.59 7.93 21.54
C GLY A 17 -19.53 7.32 20.15
N VAL A 18 -18.72 7.93 19.28
CA VAL A 18 -18.58 7.44 17.91
C VAL A 18 -17.11 7.20 17.57
N LEU A 19 -16.77 5.95 17.31
CA LEU A 19 -15.40 5.58 16.97
C LEU A 19 -15.34 4.91 15.59
N MET A 20 -15.44 5.73 14.54
CA MET A 20 -15.40 5.22 13.18
C MET A 20 -13.99 4.77 12.81
N ARG A 21 -13.87 4.03 11.71
CA ARG A 21 -12.57 3.54 11.26
C ARG A 21 -12.51 3.52 9.73
N ASP A 22 -11.39 3.98 9.18
CA ASP A 22 -11.20 4.01 7.74
C ASP A 22 -11.02 2.60 7.19
N PRO A 23 -11.44 2.40 5.93
CA PRO A 23 -11.34 1.11 5.25
C PRO A 23 -9.90 0.73 4.93
N LYS A 24 -9.45 1.11 3.73
CA LYS A 24 -8.09 0.82 3.31
C LYS A 24 -7.52 1.96 2.48
N PHE A 25 -6.58 2.70 3.07
CA PHE A 25 -5.95 3.83 2.39
C PHE A 25 -4.54 3.45 1.90
N LEU A 26 -4.44 3.11 0.62
CA LEU A 26 -3.16 2.74 0.03
C LEU A 26 -2.62 3.86 -0.85
N TRP A 27 -1.36 4.24 -0.60
CA TRP A 27 -0.73 5.30 -1.38
C TRP A 27 0.77 5.06 -1.50
N CYS A 28 1.41 5.80 -2.39
CA CYS A 28 2.85 5.66 -2.62
C CYS A 28 3.64 6.23 -1.44
N ALA A 29 4.74 5.56 -1.10
CA ALA A 29 5.58 5.99 0.01
C ALA A 29 6.53 7.10 -0.43
N GLN A 30 6.12 7.85 -1.45
CA GLN A 30 6.94 8.95 -1.96
C GLN A 30 6.11 10.21 -2.16
N CYS A 31 5.07 10.11 -2.99
CA CYS A 31 4.20 11.23 -3.27
C CYS A 31 3.30 11.53 -2.07
N SER A 32 2.98 10.49 -1.30
CA SER A 32 2.13 10.65 -0.13
C SER A 32 0.67 10.87 -0.54
N PHE A 33 0.25 10.19 -1.61
CA PHE A 33 -1.11 10.31 -2.10
C PHE A 33 -1.55 9.04 -2.81
N GLY A 34 -2.70 8.51 -2.40
CA GLY A 34 -3.21 7.28 -3.01
C GLY A 34 -4.72 7.29 -3.13
N PHE A 35 -5.34 6.23 -2.63
CA PHE A 35 -6.79 6.11 -2.68
C PHE A 35 -7.28 4.86 -1.95
N ILE A 36 -8.58 4.59 -2.01
CA ILE A 36 -9.15 3.43 -1.36
C ILE A 36 -9.29 2.27 -2.34
N TYR A 37 -8.93 1.07 -1.87
CA TYR A 37 -9.02 -0.13 -2.71
C TYR A 37 -9.64 -1.29 -1.93
N GLU A 38 -9.25 -1.42 -0.66
CA GLU A 38 -9.76 -2.48 0.19
C GLU A 38 -9.75 -3.82 -0.54
N ARG A 39 -8.62 -4.12 -1.19
CA ARG A 39 -8.48 -5.36 -1.93
C ARG A 39 -7.29 -6.17 -1.41
N GLU A 40 -7.26 -7.45 -1.75
CA GLU A 40 -6.17 -8.33 -1.32
C GLU A 40 -5.03 -8.34 -2.33
N GLN A 41 -5.39 -8.11 -3.60
CA GLN A 41 -4.39 -8.09 -4.67
C GLN A 41 -3.21 -7.21 -4.30
N LEU A 42 -2.20 -7.20 -5.16
CA LEU A 42 -1.01 -6.39 -4.93
C LEU A 42 -0.69 -5.52 -6.14
N GLU A 43 -1.70 -5.25 -6.95
CA GLU A 43 -1.53 -4.43 -8.14
C GLU A 43 -2.30 -3.12 -8.01
N ALA A 44 -1.63 -2.09 -7.52
CA ALA A 44 -2.24 -0.79 -7.34
C ALA A 44 -1.60 0.25 -8.25
N THR A 45 -2.42 1.15 -8.79
CA THR A 45 -1.92 2.20 -9.68
C THR A 45 -2.32 3.58 -9.17
N CYS A 46 -1.32 4.43 -8.92
CA CYS A 46 -1.57 5.77 -8.44
C CYS A 46 -2.26 6.62 -9.50
N PRO A 47 -3.26 7.40 -9.08
CA PRO A 47 -4.02 8.28 -9.98
C PRO A 47 -3.18 9.45 -10.48
N GLN A 48 -2.06 9.69 -9.83
CA GLN A 48 -1.17 10.79 -10.22
C GLN A 48 0.13 10.25 -10.81
N CYS A 49 0.66 9.19 -10.20
CA CYS A 49 1.90 8.59 -10.66
C CYS A 49 1.63 7.57 -11.76
N HIS A 50 0.48 6.93 -11.70
CA HIS A 50 0.09 5.93 -12.70
C HIS A 50 1.12 4.80 -12.75
N GLN A 51 1.83 4.60 -11.65
CA GLN A 51 2.84 3.55 -11.58
C GLN A 51 2.39 2.41 -10.67
N THR A 52 2.74 1.20 -11.04
CA THR A 52 2.36 0.02 -10.25
C THR A 52 3.24 -0.11 -9.02
N PHE A 53 2.66 0.17 -7.85
CA PHE A 53 3.39 0.08 -6.59
C PHE A 53 2.67 -0.85 -5.61
N CYS A 54 3.44 -1.56 -4.81
CA CYS A 54 2.89 -2.48 -3.82
C CYS A 54 1.95 -1.74 -2.87
N VAL A 55 0.98 -2.47 -2.33
CA VAL A 55 0.02 -1.89 -1.39
C VAL A 55 0.46 -2.09 0.05
N ARG A 56 1.31 -3.10 0.27
CA ARG A 56 1.81 -3.40 1.60
C ARG A 56 3.03 -2.54 1.94
N CYS A 57 4.15 -2.83 1.27
CA CYS A 57 5.39 -2.10 1.49
C CYS A 57 5.28 -0.69 0.91
N LYS A 58 4.46 -0.53 -0.11
CA LYS A 58 4.27 0.76 -0.76
C LYS A 58 5.53 1.19 -1.51
N ARG A 59 6.09 0.26 -2.27
CA ARG A 59 7.30 0.54 -3.04
C ARG A 59 7.13 0.12 -4.50
N GLN A 60 8.05 0.56 -5.35
CA GLN A 60 8.00 0.23 -6.77
C GLN A 60 7.74 -1.25 -6.98
N TRP A 61 6.57 -1.59 -7.50
CA TRP A 61 6.21 -2.98 -7.75
C TRP A 61 7.25 -3.67 -8.62
N GLU A 62 7.69 -4.86 -8.19
CA GLU A 62 8.68 -5.61 -8.93
C GLU A 62 8.16 -6.99 -9.30
N GLU A 63 8.36 -7.39 -10.55
CA GLU A 63 7.90 -8.68 -11.03
C GLU A 63 8.13 -9.76 -9.98
N GLN A 64 9.40 -9.97 -9.63
CA GLN A 64 9.74 -10.98 -8.63
C GLN A 64 8.84 -10.87 -7.40
N HIS A 65 8.55 -9.64 -7.00
CA HIS A 65 7.70 -9.40 -5.84
C HIS A 65 6.34 -10.07 -6.01
N ARG A 66 5.87 -10.11 -7.25
CA ARG A 66 4.57 -10.72 -7.55
C ARG A 66 4.50 -12.13 -6.99
N GLY A 67 5.62 -12.84 -7.00
CA GLY A 67 5.66 -14.19 -6.49
C GLY A 67 6.29 -14.27 -5.11
N ARG A 68 6.40 -13.13 -4.45
CA ARG A 68 6.99 -13.07 -3.12
C ARG A 68 6.31 -12.01 -2.27
N SER A 69 6.75 -11.87 -1.02
CA SER A 69 6.18 -10.89 -0.10
C SER A 69 7.15 -9.72 0.10
N CYS A 70 6.69 -8.72 0.85
CA CYS A 70 7.51 -7.55 1.12
C CYS A 70 8.83 -7.93 1.79
N GLU A 71 8.77 -8.97 2.64
CA GLU A 71 9.94 -9.44 3.35
C GLU A 71 10.83 -10.28 2.44
N ASP A 72 10.31 -11.42 2.00
CA ASP A 72 11.04 -12.31 1.12
C ASP A 72 11.58 -11.57 -0.10
N PHE A 73 10.76 -10.67 -0.63
CA PHE A 73 11.15 -9.89 -1.80
C PHE A 73 12.50 -9.21 -1.58
N GLN A 74 12.64 -8.52 -0.45
CA GLN A 74 13.87 -7.83 -0.12
C GLN A 74 15.06 -8.78 -0.18
N ASN A 75 14.94 -9.92 0.50
CA ASN A 75 16.00 -10.91 0.52
C ASN A 75 16.44 -11.28 -0.89
N TRP A 76 15.49 -11.26 -1.82
CA TRP A 76 15.78 -11.59 -3.22
C TRP A 76 16.52 -10.45 -3.91
N LYS A 77 16.30 -9.23 -3.42
CA LYS A 77 16.95 -8.05 -3.98
C LYS A 77 18.43 -8.01 -3.61
N ARG A 78 18.72 -8.24 -2.34
CA ARG A 78 20.10 -8.23 -1.85
C ARG A 78 20.90 -9.36 -2.48
N MET A 79 20.21 -10.44 -2.83
CA MET A 79 20.86 -11.60 -3.44
C MET A 79 21.00 -11.41 -4.95
N ASN A 80 19.91 -10.99 -5.59
CA ASN A 80 19.91 -10.78 -7.04
C ASN A 80 20.62 -9.46 -7.38
N SER A 81 20.04 -8.36 -6.94
CA SER A 81 20.61 -7.04 -7.21
C SER A 81 22.01 -6.92 -6.62
N GLY A 82 22.11 -7.12 -5.31
CA GLY A 82 23.40 -7.03 -4.64
C GLY A 82 23.69 -5.63 -4.13
N PRO A 83 24.97 -5.27 -4.10
CA PRO A 83 25.42 -3.94 -3.63
C PRO A 83 25.02 -2.83 -4.58
N SER A 84 23.98 -2.08 -4.22
CA SER A 84 23.49 -0.99 -5.04
C SER A 84 24.66 -0.25 -5.70
N SER A 85 24.90 -0.56 -6.97
CA SER A 85 25.98 0.07 -7.73
C SER A 85 25.43 0.89 -8.88
N GLY A 86 24.73 0.22 -9.80
CA GLY A 86 24.17 0.91 -10.94
C GLY A 86 25.17 1.07 -12.08
N GLY A 1 -47.16 20.69 -17.93
CA GLY A 1 -45.89 20.35 -17.30
C GLY A 1 -46.07 19.47 -16.08
N SER A 2 -45.28 19.73 -15.05
CA SER A 2 -45.34 18.95 -13.82
C SER A 2 -44.46 19.55 -12.74
N SER A 3 -44.67 19.13 -11.50
CA SER A 3 -43.89 19.64 -10.37
C SER A 3 -43.77 18.58 -9.28
N GLY A 4 -42.92 18.86 -8.29
CA GLY A 4 -42.73 17.93 -7.19
C GLY A 4 -42.74 18.61 -5.84
N SER A 5 -41.99 18.06 -4.89
CA SER A 5 -41.92 18.62 -3.55
C SER A 5 -40.55 18.37 -2.93
N SER A 6 -40.28 19.05 -1.82
CA SER A 6 -39.00 18.91 -1.13
C SER A 6 -39.18 19.07 0.37
N GLY A 7 -39.04 17.96 1.10
CA GLY A 7 -39.20 17.99 2.54
C GLY A 7 -37.91 18.41 3.24
N ALA A 8 -38.06 18.88 4.48
CA ALA A 8 -36.89 19.31 5.27
C ALA A 8 -37.25 19.43 6.74
N LEU A 9 -36.68 18.56 7.56
CA LEU A 9 -36.94 18.57 9.00
C LEU A 9 -36.95 19.99 9.54
N PHE A 10 -37.95 20.30 10.36
CA PHE A 10 -38.08 21.63 10.94
C PHE A 10 -36.70 22.24 11.20
N HIS A 11 -35.91 21.57 12.02
CA HIS A 11 -34.57 22.05 12.35
C HIS A 11 -33.55 21.54 11.34
N LYS A 12 -32.31 22.01 11.47
CA LYS A 12 -31.24 21.61 10.57
C LYS A 12 -30.70 20.23 10.94
N LYS A 13 -31.61 19.28 11.17
CA LYS A 13 -31.23 17.93 11.53
C LYS A 13 -31.36 16.99 10.34
N LEU A 14 -30.25 16.85 9.60
CA LEU A 14 -30.23 15.98 8.42
C LEU A 14 -29.00 15.09 8.43
N THR A 15 -29.08 13.96 7.73
CA THR A 15 -27.97 13.03 7.65
C THR A 15 -26.92 13.50 6.65
N GLU A 16 -26.59 14.78 6.71
CA GLU A 16 -25.60 15.36 5.81
C GLU A 16 -24.20 15.24 6.38
N GLY A 17 -23.33 14.51 5.67
CA GLY A 17 -21.97 14.33 6.13
C GLY A 17 -21.89 13.46 7.36
N VAL A 18 -22.70 12.41 7.40
CA VAL A 18 -22.71 11.50 8.54
C VAL A 18 -21.77 10.32 8.32
N LEU A 19 -21.76 9.80 7.10
CA LEU A 19 -20.91 8.68 6.75
C LEU A 19 -19.44 9.05 6.88
N MET A 20 -18.82 8.62 7.98
CA MET A 20 -17.41 8.90 8.22
C MET A 20 -16.63 7.62 8.51
N ARG A 21 -16.30 6.88 7.44
CA ARG A 21 -15.57 5.64 7.59
C ARG A 21 -14.59 5.46 6.43
N ASP A 22 -13.44 4.86 6.72
CA ASP A 22 -12.43 4.62 5.70
C ASP A 22 -12.07 3.14 5.61
N PRO A 23 -12.04 2.62 4.38
CA PRO A 23 -11.73 1.20 4.13
C PRO A 23 -10.26 0.88 4.41
N LYS A 24 -9.36 1.53 3.68
CA LYS A 24 -7.93 1.31 3.86
C LYS A 24 -7.12 2.30 3.00
N PHE A 25 -6.48 3.25 3.67
CA PHE A 25 -5.68 4.25 2.97
C PHE A 25 -4.43 3.61 2.37
N LEU A 26 -4.29 3.74 1.05
CA LEU A 26 -3.13 3.19 0.35
C LEU A 26 -2.56 4.18 -0.65
N TRP A 27 -1.30 4.55 -0.46
CA TRP A 27 -0.64 5.49 -1.34
C TRP A 27 0.80 5.06 -1.63
N CYS A 28 1.42 5.71 -2.61
CA CYS A 28 2.79 5.38 -2.98
C CYS A 28 3.76 5.76 -1.87
N ALA A 29 3.22 6.26 -0.77
CA ALA A 29 4.04 6.66 0.38
C ALA A 29 5.15 7.60 -0.05
N GLN A 30 4.93 8.31 -1.15
CA GLN A 30 5.91 9.25 -1.67
C GLN A 30 5.26 10.56 -2.08
N CYS A 31 4.16 10.46 -2.81
CA CYS A 31 3.43 11.64 -3.27
C CYS A 31 2.36 12.04 -2.26
N SER A 32 1.87 11.07 -1.50
CA SER A 32 0.84 11.32 -0.50
C SER A 32 -0.45 11.77 -1.16
N PHE A 33 -0.78 11.18 -2.30
CA PHE A 33 -1.99 11.52 -3.04
C PHE A 33 -3.23 11.20 -2.21
N GLY A 34 -3.27 9.98 -1.67
CA GLY A 34 -4.42 9.56 -0.88
C GLY A 34 -5.50 8.91 -1.71
N PHE A 35 -5.41 7.60 -1.89
CA PHE A 35 -6.39 6.86 -2.67
C PHE A 35 -6.60 5.46 -2.10
N ILE A 36 -7.83 4.95 -2.23
CA ILE A 36 -8.15 3.63 -1.73
C ILE A 36 -8.02 2.57 -2.82
N TYR A 37 -7.93 1.31 -2.42
CA TYR A 37 -7.80 0.21 -3.37
C TYR A 37 -8.80 -0.89 -3.06
N GLU A 38 -9.00 -1.16 -1.77
CA GLU A 38 -9.93 -2.20 -1.33
C GLU A 38 -9.94 -3.37 -2.32
N ARG A 39 -8.75 -3.80 -2.72
CA ARG A 39 -8.61 -4.91 -3.66
C ARG A 39 -7.88 -6.08 -3.02
N GLU A 40 -7.95 -7.24 -3.66
CA GLU A 40 -7.30 -8.44 -3.16
C GLU A 40 -6.01 -8.72 -3.93
N GLN A 41 -5.22 -7.68 -4.15
CA GLN A 41 -3.96 -7.81 -4.88
C GLN A 41 -2.94 -6.79 -4.41
N LEU A 42 -1.73 -6.87 -4.95
CA LEU A 42 -0.66 -5.95 -4.58
C LEU A 42 -0.30 -5.04 -5.75
N GLU A 43 -0.96 -5.26 -6.88
CA GLU A 43 -0.70 -4.46 -8.08
C GLU A 43 -1.48 -3.16 -8.04
N ALA A 44 -1.28 -2.38 -6.98
CA ALA A 44 -1.98 -1.10 -6.82
C ALA A 44 -1.42 -0.07 -7.78
N THR A 45 -2.32 0.75 -8.33
CA THR A 45 -1.92 1.80 -9.28
C THR A 45 -2.32 3.18 -8.76
N CYS A 46 -1.38 4.12 -8.82
CA CYS A 46 -1.63 5.48 -8.36
C CYS A 46 -2.39 6.27 -9.42
N PRO A 47 -3.42 7.02 -8.99
CA PRO A 47 -4.24 7.83 -9.88
C PRO A 47 -3.48 9.04 -10.42
N GLN A 48 -2.33 9.32 -9.82
CA GLN A 48 -1.51 10.45 -10.24
C GLN A 48 -0.22 9.97 -10.90
N CYS A 49 0.51 9.12 -10.19
CA CYS A 49 1.77 8.59 -10.71
C CYS A 49 1.51 7.48 -11.72
N HIS A 50 0.45 6.72 -11.52
CA HIS A 50 0.09 5.63 -12.41
C HIS A 50 1.17 4.55 -12.41
N GLN A 51 1.84 4.39 -11.27
CA GLN A 51 2.89 3.39 -11.15
C GLN A 51 2.44 2.23 -10.25
N THR A 52 2.91 1.03 -10.56
CA THR A 52 2.57 -0.16 -9.79
C THR A 52 3.50 -0.34 -8.60
N PHE A 53 2.94 -0.20 -7.40
CA PHE A 53 3.72 -0.35 -6.17
C PHE A 53 2.97 -1.19 -5.14
N CYS A 54 3.71 -1.92 -4.33
CA CYS A 54 3.12 -2.77 -3.30
C CYS A 54 2.25 -1.93 -2.36
N VAL A 55 1.21 -2.57 -1.80
CA VAL A 55 0.31 -1.90 -0.89
C VAL A 55 0.73 -2.11 0.56
N ARG A 56 1.56 -3.12 0.79
CA ARG A 56 2.05 -3.43 2.13
C ARG A 56 3.29 -2.61 2.47
N CYS A 57 4.39 -2.92 1.80
CA CYS A 57 5.65 -2.21 2.03
C CYS A 57 5.61 -0.82 1.42
N LYS A 58 4.82 -0.67 0.35
CA LYS A 58 4.68 0.60 -0.33
C LYS A 58 5.94 0.94 -1.11
N ARG A 59 6.46 -0.05 -1.84
CA ARG A 59 7.66 0.14 -2.64
C ARG A 59 7.42 -0.28 -4.10
N GLN A 60 8.38 0.04 -4.96
CA GLN A 60 8.28 -0.31 -6.38
C GLN A 60 7.98 -1.79 -6.55
N TRP A 61 6.81 -2.09 -7.10
CA TRP A 61 6.41 -3.48 -7.34
C TRP A 61 7.35 -4.15 -8.34
N GLU A 62 7.58 -5.45 -8.14
CA GLU A 62 8.45 -6.21 -9.03
C GLU A 62 7.87 -7.58 -9.31
N GLU A 63 7.96 -8.01 -10.57
CA GLU A 63 7.43 -9.32 -10.97
C GLU A 63 7.81 -10.39 -9.95
N GLN A 64 9.00 -10.24 -9.36
CA GLN A 64 9.47 -11.20 -8.38
C GLN A 64 8.64 -11.13 -7.10
N HIS A 65 8.20 -9.94 -6.75
CA HIS A 65 7.39 -9.75 -5.55
C HIS A 65 6.10 -10.55 -5.63
N ARG A 66 5.54 -10.65 -6.82
CA ARG A 66 4.31 -11.40 -7.04
C ARG A 66 4.36 -12.74 -6.31
N GLY A 67 5.40 -13.54 -6.60
CA GLY A 67 5.53 -14.83 -5.96
C GLY A 67 6.36 -14.77 -4.69
N ARG A 68 6.38 -13.61 -4.06
CA ARG A 68 7.14 -13.42 -2.83
C ARG A 68 6.49 -12.35 -1.94
N SER A 69 7.05 -12.15 -0.76
CA SER A 69 6.52 -11.17 0.18
C SER A 69 7.47 -9.98 0.31
N CYS A 70 7.04 -8.96 1.05
CA CYS A 70 7.84 -7.76 1.25
C CYS A 70 9.22 -8.12 1.80
N GLU A 71 9.26 -9.12 2.68
CA GLU A 71 10.51 -9.55 3.28
C GLU A 71 11.34 -10.38 2.29
N ASP A 72 10.80 -11.53 1.91
CA ASP A 72 11.48 -12.41 0.96
C ASP A 72 11.96 -11.63 -0.25
N PHE A 73 11.12 -10.73 -0.74
CA PHE A 73 11.46 -9.92 -1.91
C PHE A 73 12.83 -9.27 -1.74
N GLN A 74 12.98 -8.50 -0.66
CA GLN A 74 14.24 -7.81 -0.38
C GLN A 74 15.42 -8.77 -0.51
N ASN A 75 15.34 -9.91 0.16
CA ASN A 75 16.40 -10.91 0.12
C ASN A 75 16.73 -11.29 -1.32
N TRP A 76 15.70 -11.31 -2.17
CA TRP A 76 15.87 -11.66 -3.57
C TRP A 76 16.58 -10.54 -4.33
N LYS A 77 16.40 -9.31 -3.86
CA LYS A 77 17.02 -8.15 -4.49
C LYS A 77 18.52 -8.13 -4.23
N ARG A 78 18.89 -8.26 -2.97
CA ARG A 78 20.30 -8.25 -2.58
C ARG A 78 21.06 -9.40 -3.27
N MET A 79 20.35 -10.49 -3.51
CA MET A 79 20.95 -11.65 -4.16
C MET A 79 20.98 -11.48 -5.67
N ASN A 80 19.83 -11.14 -6.24
CA ASN A 80 19.73 -10.95 -7.68
C ASN A 80 20.42 -9.65 -8.11
N SER A 81 19.89 -8.52 -7.64
CA SER A 81 20.45 -7.22 -7.98
C SER A 81 21.93 -7.15 -7.61
N GLY A 82 22.64 -6.20 -8.19
CA GLY A 82 24.06 -6.04 -7.91
C GLY A 82 24.93 -6.45 -9.08
N PRO A 83 25.39 -5.45 -9.86
CA PRO A 83 26.24 -5.69 -11.02
C PRO A 83 27.64 -6.17 -10.63
N SER A 84 28.03 -5.90 -9.40
CA SER A 84 29.34 -6.30 -8.90
C SER A 84 29.63 -7.76 -9.24
N SER A 85 28.61 -8.61 -9.07
CA SER A 85 28.75 -10.03 -9.35
C SER A 85 29.89 -10.64 -8.53
N GLY A 86 29.92 -10.32 -7.24
CA GLY A 86 30.95 -10.85 -6.36
C GLY A 86 30.41 -11.79 -5.32
N GLY A 1 30.55 -4.14 -1.68
CA GLY A 1 29.70 -4.21 -0.50
C GLY A 1 30.00 -3.13 0.51
N SER A 2 29.98 -1.88 0.05
CA SER A 2 30.26 -0.74 0.92
C SER A 2 29.27 -0.68 2.07
N SER A 3 29.78 -0.35 3.26
CA SER A 3 28.94 -0.27 4.45
C SER A 3 28.92 1.16 5.00
N GLY A 4 27.72 1.70 5.19
CA GLY A 4 27.60 3.04 5.70
C GLY A 4 26.66 3.12 6.89
N SER A 5 26.37 4.34 7.35
CA SER A 5 25.49 4.54 8.49
C SER A 5 24.05 4.77 8.02
N SER A 6 23.29 3.69 7.89
CA SER A 6 21.91 3.77 7.45
C SER A 6 20.96 3.39 8.59
N GLY A 7 19.97 4.24 8.83
CA GLY A 7 19.00 3.99 9.88
C GLY A 7 18.06 5.16 10.11
N ALA A 8 16.89 4.88 10.66
CA ALA A 8 15.90 5.91 10.93
C ALA A 8 14.93 5.48 12.03
N LEU A 9 14.06 6.38 12.43
CA LEU A 9 13.09 6.10 13.48
C LEU A 9 12.22 4.91 13.10
N PHE A 10 12.03 3.99 14.05
CA PHE A 10 11.22 2.80 13.81
C PHE A 10 10.08 3.10 12.83
N HIS A 11 9.19 4.00 13.23
CA HIS A 11 8.06 4.38 12.39
C HIS A 11 7.37 5.63 12.93
N LYS A 12 6.59 6.29 12.07
CA LYS A 12 5.88 7.51 12.46
C LYS A 12 5.42 7.42 13.90
N LYS A 13 5.38 8.56 14.58
CA LYS A 13 4.96 8.63 15.97
C LYS A 13 3.44 8.65 16.07
N LEU A 14 2.77 7.85 15.24
CA LEU A 14 1.32 7.79 15.23
C LEU A 14 0.84 6.39 14.88
N THR A 15 -0.37 6.05 15.33
CA THR A 15 -0.95 4.73 15.07
C THR A 15 -1.43 4.63 13.62
N GLU A 16 -1.01 3.57 12.94
CA GLU A 16 -1.40 3.35 11.56
C GLU A 16 -2.57 2.37 11.46
N GLY A 17 -2.51 1.30 12.26
CA GLY A 17 -3.56 0.31 12.25
C GLY A 17 -4.78 0.75 13.03
N VAL A 18 -5.19 2.00 12.83
CA VAL A 18 -6.34 2.55 13.53
C VAL A 18 -7.41 3.01 12.54
N LEU A 19 -7.31 2.52 11.31
CA LEU A 19 -8.26 2.89 10.27
C LEU A 19 -9.53 2.04 10.37
N MET A 20 -9.98 1.80 11.60
CA MET A 20 -11.18 1.00 11.83
C MET A 20 -12.35 1.54 11.00
N ARG A 21 -12.51 2.86 10.97
CA ARG A 21 -13.59 3.47 10.21
C ARG A 21 -13.18 3.66 8.75
N ASP A 22 -12.47 2.68 8.20
CA ASP A 22 -12.03 2.74 6.81
C ASP A 22 -11.56 1.37 6.33
N PRO A 23 -11.67 1.14 5.02
CA PRO A 23 -11.26 -0.13 4.41
C PRO A 23 -9.74 -0.32 4.42
N LYS A 24 -9.04 0.59 3.76
CA LYS A 24 -7.57 0.53 3.69
C LYS A 24 -7.01 1.74 2.95
N PHE A 25 -6.30 2.59 3.68
CA PHE A 25 -5.71 3.79 3.09
C PHE A 25 -4.44 3.44 2.32
N LEU A 26 -4.58 3.29 1.01
CA LEU A 26 -3.45 2.95 0.15
C LEU A 26 -3.08 4.13 -0.75
N TRP A 27 -1.85 4.63 -0.59
CA TRP A 27 -1.37 5.75 -1.38
C TRP A 27 0.13 5.62 -1.65
N CYS A 28 0.62 6.45 -2.57
CA CYS A 28 2.04 6.42 -2.93
C CYS A 28 2.91 6.76 -1.73
N ALA A 29 4.22 6.62 -1.90
CA ALA A 29 5.16 6.92 -0.83
C ALA A 29 5.84 8.27 -1.05
N GLN A 30 5.70 8.79 -2.27
CA GLN A 30 6.30 10.08 -2.61
C GLN A 30 5.24 11.18 -2.66
N CYS A 31 4.31 11.04 -3.62
CA CYS A 31 3.24 12.01 -3.78
C CYS A 31 2.27 11.96 -2.60
N SER A 32 1.99 10.75 -2.13
CA SER A 32 1.07 10.56 -1.01
C SER A 32 -0.37 10.83 -1.44
N PHE A 33 -0.82 10.14 -2.48
CA PHE A 33 -2.16 10.30 -2.98
C PHE A 33 -3.17 9.57 -2.09
N GLY A 34 -3.59 10.24 -1.01
CA GLY A 34 -4.54 9.64 -0.10
C GLY A 34 -5.75 9.07 -0.81
N PHE A 35 -5.70 7.77 -1.10
CA PHE A 35 -6.80 7.10 -1.79
C PHE A 35 -6.92 5.65 -1.34
N ILE A 36 -8.04 5.01 -1.70
CA ILE A 36 -8.27 3.63 -1.33
C ILE A 36 -8.10 2.70 -2.53
N TYR A 37 -7.75 1.45 -2.26
CA TYR A 37 -7.54 0.47 -3.32
C TYR A 37 -8.52 -0.70 -3.17
N GLU A 38 -8.84 -1.05 -1.93
CA GLU A 38 -9.76 -2.14 -1.65
C GLU A 38 -9.74 -3.17 -2.79
N ARG A 39 -8.55 -3.66 -3.10
CA ARG A 39 -8.40 -4.66 -4.16
C ARG A 39 -7.84 -5.96 -3.60
N GLU A 40 -7.65 -6.94 -4.48
CA GLU A 40 -7.12 -8.24 -4.08
C GLU A 40 -5.63 -8.34 -4.38
N GLN A 41 -5.22 -7.84 -5.54
CA GLN A 41 -3.82 -7.88 -5.94
C GLN A 41 -3.01 -6.85 -5.16
N LEU A 42 -1.77 -7.20 -4.86
CA LEU A 42 -0.88 -6.30 -4.12
C LEU A 42 -0.47 -5.11 -4.97
N GLU A 43 -0.64 -5.24 -6.28
CA GLU A 43 -0.29 -4.18 -7.21
C GLU A 43 -1.31 -3.04 -7.15
N ALA A 44 -0.84 -1.85 -6.78
CA ALA A 44 -1.71 -0.69 -6.68
C ALA A 44 -1.24 0.43 -7.61
N THR A 45 -2.14 0.86 -8.49
CA THR A 45 -1.81 1.92 -9.44
C THR A 45 -2.34 3.27 -8.96
N CYS A 46 -1.45 4.25 -8.88
CA CYS A 46 -1.83 5.58 -8.43
C CYS A 46 -2.61 6.33 -9.51
N PRO A 47 -3.72 6.97 -9.11
CA PRO A 47 -4.57 7.72 -10.03
C PRO A 47 -3.90 8.99 -10.54
N GLN A 48 -2.67 9.22 -10.09
CA GLN A 48 -1.93 10.40 -10.50
C GLN A 48 -0.62 10.01 -11.18
N CYS A 49 0.20 9.24 -10.48
CA CYS A 49 1.49 8.79 -11.01
C CYS A 49 1.30 7.58 -11.93
N HIS A 50 0.31 6.76 -11.60
CA HIS A 50 0.03 5.56 -12.39
C HIS A 50 1.18 4.56 -12.29
N GLN A 51 1.74 4.42 -11.10
CA GLN A 51 2.86 3.51 -10.88
C GLN A 51 2.41 2.30 -10.04
N THR A 52 2.97 1.13 -10.33
CA THR A 52 2.64 -0.08 -9.61
C THR A 52 3.55 -0.28 -8.41
N PHE A 53 3.07 0.10 -7.23
CA PHE A 53 3.84 -0.03 -6.00
C PHE A 53 3.10 -0.89 -4.98
N CYS A 54 3.86 -1.62 -4.17
CA CYS A 54 3.28 -2.48 -3.15
C CYS A 54 2.40 -1.68 -2.19
N VAL A 55 1.34 -2.32 -1.70
CA VAL A 55 0.42 -1.68 -0.78
C VAL A 55 0.82 -1.93 0.68
N ARG A 56 1.85 -2.74 0.86
CA ARG A 56 2.35 -3.07 2.20
C ARG A 56 3.62 -2.28 2.51
N CYS A 57 4.73 -2.68 1.88
CA CYS A 57 6.01 -2.03 2.09
C CYS A 57 6.03 -0.65 1.42
N LYS A 58 5.12 -0.44 0.48
CA LYS A 58 5.03 0.82 -0.23
C LYS A 58 6.29 1.07 -1.06
N ARG A 59 6.81 0.01 -1.67
CA ARG A 59 8.00 0.11 -2.50
C ARG A 59 7.71 -0.28 -3.94
N GLN A 60 8.59 0.12 -4.85
CA GLN A 60 8.43 -0.20 -6.26
C GLN A 60 8.12 -1.68 -6.46
N TRP A 61 6.93 -1.96 -6.97
CA TRP A 61 6.51 -3.35 -7.21
C TRP A 61 7.48 -4.05 -8.16
N GLU A 62 7.56 -5.38 -8.03
CA GLU A 62 8.45 -6.16 -8.87
C GLU A 62 7.83 -7.51 -9.20
N GLU A 63 7.99 -7.95 -10.45
CA GLU A 63 7.44 -9.22 -10.89
C GLU A 63 7.79 -10.34 -9.91
N GLN A 64 8.99 -10.27 -9.34
CA GLN A 64 9.46 -11.27 -8.39
C GLN A 64 8.70 -11.14 -7.06
N HIS A 65 8.36 -9.92 -6.69
CA HIS A 65 7.64 -9.67 -5.45
C HIS A 65 6.27 -10.34 -5.48
N ARG A 66 5.69 -10.44 -6.67
CA ARG A 66 4.38 -11.06 -6.84
C ARG A 66 4.32 -12.40 -6.11
N GLY A 67 5.20 -13.32 -6.51
CA GLY A 67 5.23 -14.63 -5.89
C GLY A 67 6.00 -14.65 -4.59
N ARG A 68 6.13 -13.47 -3.97
CA ARG A 68 6.85 -13.35 -2.71
C ARG A 68 6.23 -12.26 -1.84
N SER A 69 6.84 -12.03 -0.68
CA SER A 69 6.37 -11.01 0.24
C SER A 69 7.36 -9.87 0.38
N CYS A 70 7.00 -8.86 1.17
CA CYS A 70 7.88 -7.71 1.37
C CYS A 70 9.22 -8.14 1.95
N GLU A 71 9.21 -9.21 2.72
CA GLU A 71 10.43 -9.72 3.33
C GLU A 71 11.22 -10.58 2.34
N ASP A 72 10.63 -11.70 1.94
CA ASP A 72 11.27 -12.61 1.00
C ASP A 72 11.71 -11.86 -0.26
N PHE A 73 10.90 -10.91 -0.69
CA PHE A 73 11.20 -10.12 -1.88
C PHE A 73 12.55 -9.45 -1.76
N GLN A 74 12.78 -8.77 -0.65
CA GLN A 74 14.04 -8.07 -0.42
C GLN A 74 15.22 -9.04 -0.53
N ASN A 75 15.13 -10.16 0.17
CA ASN A 75 16.19 -11.16 0.14
C ASN A 75 16.54 -11.54 -1.30
N TRP A 76 15.55 -11.53 -2.17
CA TRP A 76 15.75 -11.87 -3.58
C TRP A 76 16.49 -10.76 -4.30
N LYS A 77 16.29 -9.52 -3.83
CA LYS A 77 16.95 -8.37 -4.44
C LYS A 77 18.44 -8.37 -4.14
N ARG A 78 18.79 -8.56 -2.88
CA ARG A 78 20.19 -8.59 -2.46
C ARG A 78 20.93 -9.74 -3.13
N MET A 79 20.23 -10.85 -3.36
CA MET A 79 20.83 -12.02 -3.99
C MET A 79 20.92 -11.83 -5.50
N ASN A 80 19.81 -11.42 -6.11
CA ASN A 80 19.76 -11.21 -7.55
C ASN A 80 20.47 -9.91 -7.93
N SER A 81 19.94 -8.79 -7.44
CA SER A 81 20.51 -7.48 -7.73
C SER A 81 21.83 -7.29 -6.98
N GLY A 82 22.73 -6.51 -7.57
CA GLY A 82 24.01 -6.25 -6.94
C GLY A 82 23.88 -5.59 -5.59
N PRO A 83 24.93 -5.70 -4.77
CA PRO A 83 24.95 -5.11 -3.42
C PRO A 83 25.01 -3.59 -3.45
N SER A 84 25.91 -3.05 -4.26
CA SER A 84 26.07 -1.60 -4.38
C SER A 84 26.86 -1.24 -5.63
N SER A 85 26.78 0.02 -6.05
CA SER A 85 27.48 0.49 -7.23
C SER A 85 28.84 1.05 -6.86
N GLY A 86 29.87 0.22 -6.96
CA GLY A 86 31.22 0.65 -6.62
C GLY A 86 31.54 0.48 -5.16
N GLY A 1 4.21 -45.21 19.94
CA GLY A 1 3.23 -44.36 19.29
C GLY A 1 3.67 -42.91 19.24
N SER A 2 3.36 -42.23 18.14
CA SER A 2 3.73 -40.83 17.96
C SER A 2 2.74 -40.11 17.04
N SER A 3 2.92 -38.80 16.91
CA SER A 3 2.04 -38.00 16.07
C SER A 3 2.72 -36.70 15.65
N GLY A 4 2.14 -36.02 14.67
CA GLY A 4 2.70 -34.77 14.19
C GLY A 4 1.66 -33.70 13.99
N SER A 5 2.11 -32.46 13.83
CA SER A 5 1.20 -31.33 13.62
C SER A 5 1.90 -30.20 12.88
N SER A 6 1.10 -29.27 12.36
CA SER A 6 1.64 -28.13 11.62
C SER A 6 2.38 -27.17 12.56
N GLY A 7 1.80 -26.93 13.73
CA GLY A 7 2.42 -26.04 14.69
C GLY A 7 2.23 -24.58 14.32
N ALA A 8 1.02 -24.23 13.87
CA ALA A 8 0.72 -22.87 13.49
C ALA A 8 -0.77 -22.70 13.18
N LEU A 9 -1.34 -21.59 13.63
CA LEU A 9 -2.76 -21.31 13.40
C LEU A 9 -3.19 -21.81 12.02
N PHE A 10 -4.26 -22.59 12.01
CA PHE A 10 -4.78 -23.14 10.76
C PHE A 10 -4.92 -22.04 9.70
N HIS A 11 -5.09 -22.45 8.44
CA HIS A 11 -5.23 -21.51 7.35
C HIS A 11 -6.14 -20.35 7.74
N LYS A 12 -7.36 -20.66 8.13
CA LYS A 12 -8.33 -19.65 8.54
C LYS A 12 -7.65 -18.55 9.35
N LYS A 13 -7.48 -17.39 8.73
CA LYS A 13 -6.85 -16.25 9.40
C LYS A 13 -7.68 -14.99 9.24
N LEU A 14 -8.57 -14.73 10.20
CA LEU A 14 -9.43 -13.56 10.17
C LEU A 14 -8.75 -12.37 10.84
N THR A 15 -9.48 -11.27 10.95
CA THR A 15 -8.95 -10.06 11.57
C THR A 15 -9.66 -9.76 12.89
N GLU A 16 -8.94 -9.14 13.82
CA GLU A 16 -9.51 -8.79 15.12
C GLU A 16 -8.92 -7.49 15.64
N GLY A 17 -9.61 -6.87 16.59
CA GLY A 17 -9.14 -5.62 17.16
C GLY A 17 -8.61 -4.67 16.10
N VAL A 18 -9.31 -4.59 14.98
CA VAL A 18 -8.89 -3.72 13.89
C VAL A 18 -9.98 -2.68 13.57
N LEU A 19 -10.77 -2.34 14.58
CA LEU A 19 -11.84 -1.37 14.41
C LEU A 19 -11.32 -0.09 13.75
N MET A 20 -12.05 0.39 12.75
CA MET A 20 -11.66 1.60 12.04
C MET A 20 -12.85 2.19 11.29
N ARG A 21 -12.76 3.48 10.96
CA ARG A 21 -13.83 4.16 10.25
C ARG A 21 -13.48 4.33 8.77
N ASP A 22 -12.89 3.28 8.18
CA ASP A 22 -12.50 3.31 6.78
C ASP A 22 -12.03 1.94 6.32
N PRO A 23 -12.07 1.71 4.99
CA PRO A 23 -11.65 0.44 4.40
C PRO A 23 -10.13 0.22 4.49
N LYS A 24 -9.42 0.66 3.47
CA LYS A 24 -7.97 0.53 3.44
C LYS A 24 -7.31 1.73 2.78
N PHE A 25 -6.55 2.49 3.56
CA PHE A 25 -5.86 3.67 3.06
C PHE A 25 -4.58 3.29 2.33
N LEU A 26 -4.50 3.64 1.05
CA LEU A 26 -3.33 3.32 0.24
C LEU A 26 -2.91 4.53 -0.59
N TRP A 27 -1.69 5.00 -0.38
CA TRP A 27 -1.17 6.15 -1.12
C TRP A 27 0.33 6.01 -1.35
N CYS A 28 0.87 6.85 -2.22
CA CYS A 28 2.30 6.83 -2.53
C CYS A 28 3.12 7.36 -1.36
N ALA A 29 4.37 6.95 -1.29
CA ALA A 29 5.27 7.38 -0.22
C ALA A 29 5.80 8.79 -0.48
N GLN A 30 5.38 9.36 -1.61
CA GLN A 30 5.81 10.71 -1.97
C GLN A 30 4.62 11.64 -2.15
N CYS A 31 3.83 11.38 -3.18
CA CYS A 31 2.64 12.18 -3.47
C CYS A 31 1.61 12.05 -2.35
N SER A 32 1.68 10.96 -1.61
CA SER A 32 0.75 10.70 -0.51
C SER A 32 -0.68 11.06 -0.93
N PHE A 33 -1.13 10.48 -2.03
CA PHE A 33 -2.48 10.76 -2.53
C PHE A 33 -3.48 9.80 -1.89
N GLY A 34 -3.78 10.04 -0.62
CA GLY A 34 -4.74 9.20 0.10
C GLY A 34 -5.86 8.73 -0.79
N PHE A 35 -5.76 7.49 -1.27
CA PHE A 35 -6.79 6.91 -2.13
C PHE A 35 -7.03 5.45 -1.78
N ILE A 36 -8.31 5.09 -1.66
CA ILE A 36 -8.69 3.72 -1.33
C ILE A 36 -8.59 2.81 -2.56
N TYR A 37 -8.24 1.56 -2.32
CA TYR A 37 -8.11 0.59 -3.40
C TYR A 37 -8.93 -0.67 -3.11
N GLU A 38 -9.00 -1.04 -1.83
CA GLU A 38 -9.74 -2.21 -1.42
C GLU A 38 -9.57 -3.35 -2.42
N ARG A 39 -8.33 -3.57 -2.84
CA ARG A 39 -8.03 -4.62 -3.81
C ARG A 39 -7.33 -5.80 -3.13
N GLU A 40 -7.44 -6.97 -3.73
CA GLU A 40 -6.82 -8.17 -3.18
C GLU A 40 -5.39 -8.33 -3.67
N GLN A 41 -5.18 -8.11 -4.97
CA GLN A 41 -3.86 -8.22 -5.56
C GLN A 41 -2.89 -7.22 -4.93
N LEU A 42 -1.63 -7.62 -4.80
CA LEU A 42 -0.61 -6.76 -4.21
C LEU A 42 -0.02 -5.83 -5.25
N GLU A 43 -0.81 -5.52 -6.28
CA GLU A 43 -0.35 -4.62 -7.34
C GLU A 43 -1.25 -3.40 -7.44
N ALA A 44 -0.82 -2.30 -6.81
CA ALA A 44 -1.59 -1.06 -6.83
C ALA A 44 -0.92 -0.02 -7.71
N THR A 45 -1.72 0.74 -8.45
CA THR A 45 -1.20 1.78 -9.34
C THR A 45 -1.84 3.12 -9.03
N CYS A 46 -1.02 4.17 -9.00
CA CYS A 46 -1.50 5.52 -8.73
C CYS A 46 -2.24 6.09 -9.94
N PRO A 47 -3.38 6.74 -9.67
CA PRO A 47 -4.21 7.34 -10.72
C PRO A 47 -3.54 8.57 -11.34
N GLN A 48 -2.53 9.09 -10.66
CA GLN A 48 -1.81 10.27 -11.15
C GLN A 48 -0.37 9.91 -11.50
N CYS A 49 0.24 9.05 -10.69
CA CYS A 49 1.61 8.64 -10.91
C CYS A 49 1.68 7.40 -11.80
N HIS A 50 0.56 6.68 -11.86
CA HIS A 50 0.48 5.46 -12.67
C HIS A 50 1.68 4.56 -12.41
N GLN A 51 2.18 4.57 -11.18
CA GLN A 51 3.33 3.76 -10.81
C GLN A 51 2.89 2.55 -9.98
N THR A 52 3.31 1.37 -10.41
CA THR A 52 2.97 0.14 -9.71
C THR A 52 3.84 -0.06 -8.47
N PHE A 53 3.24 0.07 -7.30
CA PHE A 53 3.95 -0.09 -6.04
C PHE A 53 3.16 -0.96 -5.07
N CYS A 54 3.87 -1.66 -4.19
CA CYS A 54 3.25 -2.53 -3.21
C CYS A 54 2.34 -1.73 -2.27
N VAL A 55 1.32 -2.39 -1.74
CA VAL A 55 0.39 -1.74 -0.83
C VAL A 55 0.82 -1.92 0.63
N ARG A 56 1.79 -2.80 0.84
CA ARG A 56 2.30 -3.07 2.19
C ARG A 56 3.57 -2.27 2.46
N CYS A 57 4.66 -2.68 1.80
CA CYS A 57 5.94 -2.01 1.98
C CYS A 57 5.94 -0.65 1.28
N LYS A 58 5.02 -0.47 0.33
CA LYS A 58 4.92 0.78 -0.40
C LYS A 58 6.19 1.07 -1.19
N ARG A 59 6.73 0.02 -1.81
CA ARG A 59 7.95 0.16 -2.61
C ARG A 59 7.69 -0.22 -4.06
N GLN A 60 8.68 0.02 -4.91
CA GLN A 60 8.56 -0.29 -6.34
C GLN A 60 8.23 -1.77 -6.53
N TRP A 61 7.03 -2.04 -7.02
CA TRP A 61 6.59 -3.41 -7.26
C TRP A 61 7.55 -4.13 -8.19
N GLU A 62 7.47 -5.46 -8.20
CA GLU A 62 8.34 -6.27 -9.05
C GLU A 62 7.74 -7.65 -9.29
N GLU A 63 7.82 -8.12 -10.52
CA GLU A 63 7.28 -9.43 -10.89
C GLU A 63 7.64 -10.47 -9.83
N GLN A 64 8.88 -10.42 -9.34
CA GLN A 64 9.35 -11.35 -8.34
C GLN A 64 8.59 -11.17 -7.02
N HIS A 65 8.22 -9.92 -6.73
CA HIS A 65 7.50 -9.61 -5.50
C HIS A 65 6.11 -10.25 -5.52
N ARG A 66 5.59 -10.48 -6.72
CA ARG A 66 4.27 -11.09 -6.86
C ARG A 66 4.21 -12.45 -6.18
N GLY A 67 5.16 -13.33 -6.54
CA GLY A 67 5.20 -14.65 -5.94
C GLY A 67 5.94 -14.68 -4.63
N ARG A 68 6.15 -13.51 -4.05
CA ARG A 68 6.86 -13.39 -2.78
C ARG A 68 6.25 -12.29 -1.91
N SER A 69 6.86 -12.05 -0.75
CA SER A 69 6.38 -11.03 0.17
C SER A 69 7.37 -9.89 0.29
N CYS A 70 7.01 -8.87 1.06
CA CYS A 70 7.87 -7.71 1.25
C CYS A 70 9.22 -8.12 1.83
N GLU A 71 9.22 -9.17 2.64
CA GLU A 71 10.43 -9.67 3.26
C GLU A 71 11.22 -10.53 2.28
N ASP A 72 10.62 -11.64 1.87
CA ASP A 72 11.26 -12.55 0.92
C ASP A 72 11.73 -11.82 -0.32
N PHE A 73 10.93 -10.84 -0.76
CA PHE A 73 11.26 -10.07 -1.94
C PHE A 73 12.65 -9.45 -1.82
N GLN A 74 12.85 -8.67 -0.77
CA GLN A 74 14.13 -8.01 -0.54
C GLN A 74 15.28 -9.01 -0.65
N ASN A 75 15.17 -10.12 0.07
CA ASN A 75 16.19 -11.16 0.05
C ASN A 75 16.52 -11.57 -1.38
N TRP A 76 15.51 -11.54 -2.24
CA TRP A 76 15.70 -11.91 -3.64
C TRP A 76 16.41 -10.81 -4.41
N LYS A 77 16.28 -9.57 -3.92
CA LYS A 77 16.92 -8.43 -4.56
C LYS A 77 18.42 -8.43 -4.31
N ARG A 78 18.80 -8.64 -3.06
CA ARG A 78 20.21 -8.67 -2.68
C ARG A 78 20.93 -9.83 -3.37
N MET A 79 20.22 -10.92 -3.57
CA MET A 79 20.80 -12.10 -4.21
C MET A 79 20.84 -11.92 -5.73
N ASN A 80 19.71 -11.56 -6.32
CA ASN A 80 19.62 -11.36 -7.76
C ASN A 80 20.34 -10.07 -8.17
N SER A 81 19.83 -8.94 -7.69
CA SER A 81 20.43 -7.65 -8.01
C SER A 81 21.82 -7.53 -7.42
N GLY A 82 22.59 -6.56 -7.92
CA GLY A 82 23.94 -6.36 -7.43
C GLY A 82 24.50 -5.01 -7.82
N PRO A 83 24.30 -4.01 -6.93
CA PRO A 83 24.79 -2.65 -7.17
C PRO A 83 26.31 -2.54 -7.09
N SER A 84 26.96 -3.67 -6.87
CA SER A 84 28.42 -3.72 -6.77
C SER A 84 29.01 -4.58 -7.88
N SER A 85 30.17 -4.16 -8.39
CA SER A 85 30.84 -4.90 -9.45
C SER A 85 31.56 -6.12 -8.89
N GLY A 86 32.36 -5.92 -7.86
CA GLY A 86 33.09 -7.01 -7.25
C GLY A 86 33.54 -6.69 -5.83
N GLY A 1 -46.45 -13.74 -3.35
CA GLY A 1 -45.08 -14.19 -3.28
C GLY A 1 -44.12 -13.10 -2.83
N SER A 2 -42.99 -13.50 -2.27
CA SER A 2 -41.99 -12.55 -1.79
C SER A 2 -40.63 -13.23 -1.60
N SER A 3 -39.58 -12.42 -1.57
CA SER A 3 -38.23 -12.94 -1.41
C SER A 3 -37.26 -11.83 -1.02
N GLY A 4 -36.10 -12.22 -0.48
CA GLY A 4 -35.12 -11.23 -0.07
C GLY A 4 -34.02 -11.85 0.78
N SER A 5 -32.84 -11.25 0.74
CA SER A 5 -31.70 -11.73 1.51
C SER A 5 -30.61 -10.67 1.62
N SER A 6 -29.97 -10.62 2.78
CA SER A 6 -28.91 -9.64 3.02
C SER A 6 -28.07 -10.04 4.24
N GLY A 7 -26.78 -10.27 4.00
CA GLY A 7 -25.89 -10.65 5.08
C GLY A 7 -25.46 -12.11 4.99
N ALA A 8 -24.18 -12.32 4.66
CA ALA A 8 -23.64 -13.67 4.54
C ALA A 8 -22.13 -13.67 4.70
N LEU A 9 -21.65 -14.24 5.81
CA LEU A 9 -20.23 -14.30 6.08
C LEU A 9 -19.77 -15.75 6.25
N PHE A 10 -18.48 -15.99 5.99
CA PHE A 10 -17.93 -17.33 6.10
C PHE A 10 -18.59 -18.10 7.24
N HIS A 11 -18.66 -17.47 8.41
CA HIS A 11 -19.27 -18.09 9.59
C HIS A 11 -19.65 -17.04 10.62
N LYS A 12 -20.41 -17.46 11.62
CA LYS A 12 -20.85 -16.56 12.68
C LYS A 12 -19.66 -15.87 13.33
N LYS A 13 -19.45 -14.60 12.97
CA LYS A 13 -18.34 -13.82 13.53
C LYS A 13 -18.85 -12.76 14.50
N LEU A 14 -17.93 -12.15 15.24
CA LEU A 14 -18.29 -11.12 16.21
C LEU A 14 -17.44 -9.87 16.01
N THR A 15 -17.81 -8.80 16.71
CA THR A 15 -17.08 -7.54 16.60
C THR A 15 -15.85 -7.54 17.51
N GLU A 16 -15.09 -8.62 17.46
CA GLU A 16 -13.89 -8.74 18.28
C GLU A 16 -12.83 -7.73 17.85
N GLY A 17 -12.31 -6.98 18.82
CA GLY A 17 -11.30 -5.98 18.52
C GLY A 17 -11.56 -5.27 17.20
N VAL A 18 -12.79 -4.83 17.00
CA VAL A 18 -13.16 -4.14 15.77
C VAL A 18 -13.41 -2.65 16.04
N LEU A 19 -12.34 -1.86 15.95
CA LEU A 19 -12.44 -0.43 16.18
C LEU A 19 -11.74 0.35 15.07
N MET A 20 -12.38 0.43 13.91
CA MET A 20 -11.82 1.14 12.77
C MET A 20 -12.92 1.72 11.88
N ARG A 21 -12.60 2.78 11.15
CA ARG A 21 -13.56 3.42 10.28
C ARG A 21 -12.96 3.65 8.89
N ASP A 22 -12.18 2.69 8.42
CA ASP A 22 -11.55 2.78 7.11
C ASP A 22 -11.16 1.40 6.59
N PRO A 23 -11.39 1.17 5.29
CA PRO A 23 -11.08 -0.11 4.65
C PRO A 23 -9.58 -0.33 4.51
N LYS A 24 -8.90 0.58 3.83
CA LYS A 24 -7.46 0.49 3.65
C LYS A 24 -6.93 1.71 2.88
N PHE A 25 -6.21 2.56 3.60
CA PHE A 25 -5.64 3.78 3.00
C PHE A 25 -4.36 3.45 2.25
N LEU A 26 -4.47 3.33 0.92
CA LEU A 26 -3.32 3.02 0.09
C LEU A 26 -2.89 4.24 -0.72
N TRP A 27 -1.64 4.66 -0.54
CA TRP A 27 -1.11 5.81 -1.25
C TRP A 27 0.37 5.62 -1.57
N CYS A 28 0.91 6.49 -2.43
CA CYS A 28 2.30 6.41 -2.83
C CYS A 28 3.22 6.56 -1.61
N ALA A 29 4.52 6.44 -1.85
CA ALA A 29 5.50 6.56 -0.78
C ALA A 29 6.21 7.91 -0.83
N GLN A 30 5.82 8.74 -1.79
CA GLN A 30 6.41 10.06 -1.94
C GLN A 30 5.34 11.13 -2.10
N CYS A 31 4.43 10.92 -3.05
CA CYS A 31 3.35 11.87 -3.29
C CYS A 31 2.22 11.67 -2.28
N SER A 32 2.26 10.56 -1.55
CA SER A 32 1.25 10.26 -0.56
C SER A 32 -0.13 10.75 -1.01
N PHE A 33 -0.54 10.33 -2.21
CA PHE A 33 -1.83 10.73 -2.76
C PHE A 33 -2.92 10.64 -1.70
N GLY A 34 -3.26 9.42 -1.30
CA GLY A 34 -4.28 9.22 -0.30
C GLY A 34 -5.60 8.76 -0.91
N PHE A 35 -5.67 7.48 -1.24
CA PHE A 35 -6.88 6.90 -1.84
C PHE A 35 -7.10 5.48 -1.34
N ILE A 36 -8.31 4.97 -1.56
CA ILE A 36 -8.65 3.62 -1.15
C ILE A 36 -8.63 2.65 -2.33
N TYR A 37 -8.18 1.42 -2.08
CA TYR A 37 -8.11 0.41 -3.12
C TYR A 37 -8.96 -0.79 -2.76
N GLU A 38 -9.16 -1.01 -1.46
CA GLU A 38 -9.96 -2.13 -0.97
C GLU A 38 -9.81 -3.33 -1.91
N ARG A 39 -8.57 -3.63 -2.31
CA ARG A 39 -8.31 -4.75 -3.19
C ARG A 39 -7.45 -5.80 -2.49
N GLU A 40 -7.48 -7.02 -3.02
CA GLU A 40 -6.71 -8.12 -2.44
C GLU A 40 -5.35 -8.24 -3.11
N GLN A 41 -5.34 -8.20 -4.44
CA GLN A 41 -4.10 -8.30 -5.21
C GLN A 41 -3.07 -7.31 -4.71
N LEU A 42 -1.79 -7.64 -4.90
CA LEU A 42 -0.70 -6.78 -4.47
C LEU A 42 -0.26 -5.86 -5.59
N GLU A 43 -1.17 -5.58 -6.52
CA GLU A 43 -0.87 -4.72 -7.66
C GLU A 43 -1.74 -3.46 -7.63
N ALA A 44 -1.13 -2.33 -7.29
CA ALA A 44 -1.85 -1.07 -7.23
C ALA A 44 -1.15 0.01 -8.06
N THR A 45 -1.94 0.90 -8.64
CA THR A 45 -1.39 1.98 -9.46
C THR A 45 -1.90 3.34 -9.00
N CYS A 46 -1.04 4.35 -9.09
CA CYS A 46 -1.40 5.70 -8.68
C CYS A 46 -2.23 6.39 -9.75
N PRO A 47 -3.31 7.06 -9.32
CA PRO A 47 -4.22 7.77 -10.23
C PRO A 47 -3.57 9.02 -10.83
N GLN A 48 -2.32 9.27 -10.45
CA GLN A 48 -1.58 10.43 -10.95
C GLN A 48 -0.20 10.02 -11.44
N CYS A 49 0.46 9.16 -10.68
CA CYS A 49 1.80 8.69 -11.04
C CYS A 49 1.72 7.49 -11.97
N HIS A 50 0.55 6.86 -12.02
CA HIS A 50 0.35 5.69 -12.87
C HIS A 50 1.49 4.69 -12.71
N GLN A 51 2.01 4.59 -11.49
CA GLN A 51 3.10 3.67 -11.20
C GLN A 51 2.62 2.49 -10.37
N THR A 52 3.07 1.29 -10.73
CA THR A 52 2.68 0.08 -10.01
C THR A 52 3.55 -0.12 -8.78
N PHE A 53 2.97 0.10 -7.61
CA PHE A 53 3.69 -0.06 -6.35
C PHE A 53 2.92 -0.95 -5.38
N CYS A 54 3.64 -1.63 -4.50
CA CYS A 54 3.02 -2.52 -3.53
C CYS A 54 2.15 -1.74 -2.56
N VAL A 55 1.13 -2.41 -2.01
CA VAL A 55 0.22 -1.77 -1.06
C VAL A 55 0.67 -2.01 0.37
N ARG A 56 1.58 -2.96 0.55
CA ARG A 56 2.10 -3.28 1.87
C ARG A 56 3.36 -2.49 2.17
N CYS A 57 4.46 -2.87 1.52
CA CYS A 57 5.74 -2.20 1.71
C CYS A 57 5.73 -0.80 1.10
N LYS A 58 4.82 -0.59 0.15
CA LYS A 58 4.69 0.69 -0.52
C LYS A 58 5.95 1.01 -1.32
N ARG A 59 6.46 0.02 -2.03
CA ARG A 59 7.65 0.19 -2.85
C ARG A 59 7.37 -0.12 -4.31
N GLN A 60 8.39 0.00 -5.15
CA GLN A 60 8.26 -0.28 -6.57
C GLN A 60 7.94 -1.76 -6.81
N TRP A 61 6.75 -2.03 -7.34
CA TRP A 61 6.33 -3.40 -7.62
C TRP A 61 7.27 -4.06 -8.61
N GLU A 62 7.45 -5.37 -8.46
CA GLU A 62 8.33 -6.12 -9.35
C GLU A 62 7.72 -7.47 -9.71
N GLU A 63 8.05 -7.99 -10.89
CA GLU A 63 7.53 -9.26 -11.35
C GLU A 63 7.95 -10.39 -10.41
N GLN A 64 9.00 -10.14 -9.64
CA GLN A 64 9.52 -11.14 -8.70
C GLN A 64 8.87 -10.96 -7.33
N HIS A 65 8.38 -9.76 -7.05
CA HIS A 65 7.74 -9.46 -5.77
C HIS A 65 6.33 -10.04 -5.73
N ARG A 66 5.71 -10.16 -6.90
CA ARG A 66 4.36 -10.68 -7.00
C ARG A 66 4.30 -12.14 -6.52
N GLY A 67 5.40 -12.86 -6.72
CA GLY A 67 5.45 -14.25 -6.31
C GLY A 67 6.02 -14.42 -4.91
N ARG A 68 6.38 -13.30 -4.28
CA ARG A 68 6.94 -13.33 -2.93
C ARG A 68 6.30 -12.25 -2.06
N SER A 69 6.75 -12.17 -0.81
CA SER A 69 6.22 -11.19 0.12
C SER A 69 7.21 -10.05 0.33
N CYS A 70 6.75 -8.98 0.99
CA CYS A 70 7.59 -7.83 1.25
C CYS A 70 8.90 -8.24 1.93
N GLU A 71 8.82 -9.28 2.76
CA GLU A 71 9.99 -9.78 3.46
C GLU A 71 10.88 -10.62 2.54
N ASP A 72 10.34 -11.76 2.11
CA ASP A 72 11.08 -12.65 1.22
C ASP A 72 11.62 -11.89 0.01
N PHE A 73 10.88 -10.89 -0.44
CA PHE A 73 11.29 -10.09 -1.58
C PHE A 73 12.62 -9.39 -1.31
N GLN A 74 12.72 -8.76 -0.15
CA GLN A 74 13.94 -8.06 0.23
C GLN A 74 15.17 -8.94 0.01
N ASN A 75 15.14 -10.13 0.58
CA ASN A 75 16.25 -11.08 0.46
C ASN A 75 16.53 -11.39 -1.01
N TRP A 76 15.50 -11.30 -1.84
CA TRP A 76 15.64 -11.57 -3.26
C TRP A 76 16.31 -10.41 -3.98
N LYS A 77 16.20 -9.21 -3.38
CA LYS A 77 16.80 -8.01 -3.96
C LYS A 77 18.31 -8.01 -3.77
N ARG A 78 18.75 -8.26 -2.54
CA ARG A 78 20.17 -8.28 -2.23
C ARG A 78 20.87 -9.39 -3.02
N MET A 79 20.19 -10.50 -3.22
CA MET A 79 20.75 -11.63 -3.96
C MET A 79 20.75 -11.34 -5.45
N ASN A 80 19.62 -10.89 -5.97
CA ASN A 80 19.48 -10.59 -7.39
C ASN A 80 20.13 -9.24 -7.72
N SER A 81 19.55 -8.17 -7.18
CA SER A 81 20.06 -6.82 -7.42
C SER A 81 21.36 -6.60 -6.66
N GLY A 82 22.22 -5.73 -7.20
CA GLY A 82 23.48 -5.45 -6.57
C GLY A 82 24.49 -4.85 -7.53
N PRO A 83 25.55 -5.60 -7.84
CA PRO A 83 26.61 -5.16 -8.76
C PRO A 83 26.12 -5.07 -10.20
N SER A 84 24.95 -5.64 -10.46
CA SER A 84 24.39 -5.64 -11.81
C SER A 84 23.10 -4.81 -11.84
N SER A 85 23.16 -3.68 -12.57
CA SER A 85 22.01 -2.79 -12.68
C SER A 85 20.95 -3.40 -13.60
N GLY A 86 19.70 -3.36 -13.15
CA GLY A 86 18.61 -3.90 -13.95
C GLY A 86 17.45 -4.37 -13.09
N GLY A 1 -12.88 27.47 41.55
CA GLY A 1 -13.58 26.20 41.43
C GLY A 1 -14.65 26.24 40.35
N SER A 2 -15.02 25.06 39.84
CA SER A 2 -16.04 24.96 38.81
C SER A 2 -16.47 23.51 38.61
N SER A 3 -17.76 23.32 38.36
CA SER A 3 -18.31 21.99 38.16
C SER A 3 -18.81 21.81 36.73
N GLY A 4 -19.61 22.77 36.26
CA GLY A 4 -20.14 22.70 34.91
C GLY A 4 -21.44 21.92 34.84
N SER A 5 -21.51 20.97 33.91
CA SER A 5 -22.70 20.16 33.73
C SER A 5 -22.33 18.75 33.28
N SER A 6 -23.29 17.83 33.36
CA SER A 6 -23.07 16.45 32.96
C SER A 6 -24.40 15.73 32.70
N GLY A 7 -24.34 14.64 31.96
CA GLY A 7 -25.54 13.88 31.66
C GLY A 7 -25.32 12.88 30.53
N ALA A 8 -26.41 12.44 29.92
CA ALA A 8 -26.33 11.48 28.83
C ALA A 8 -26.55 12.15 27.47
N LEU A 9 -26.36 11.39 26.40
CA LEU A 9 -26.54 11.93 25.05
C LEU A 9 -28.02 12.10 24.72
N PHE A 10 -28.30 12.91 23.70
CA PHE A 10 -29.67 13.16 23.28
C PHE A 10 -30.20 12.03 22.41
N HIS A 11 -29.89 10.80 22.79
CA HIS A 11 -30.33 9.62 22.05
C HIS A 11 -30.26 9.88 20.55
N LYS A 12 -29.20 10.55 20.12
CA LYS A 12 -29.01 10.86 18.71
C LYS A 12 -27.64 11.50 18.47
N LYS A 13 -26.84 10.84 17.63
CA LYS A 13 -25.50 11.34 17.31
C LYS A 13 -25.54 12.30 16.13
N LEU A 14 -24.58 13.21 16.07
CA LEU A 14 -24.50 14.19 15.00
C LEU A 14 -23.32 13.91 14.08
N THR A 15 -22.13 13.86 14.66
CA THR A 15 -20.92 13.60 13.91
C THR A 15 -20.96 12.21 13.27
N GLU A 16 -21.60 12.12 12.11
CA GLU A 16 -21.70 10.85 11.40
C GLU A 16 -20.80 10.84 10.16
N GLY A 17 -20.99 11.82 9.29
CA GLY A 17 -20.20 11.91 8.08
C GLY A 17 -18.71 11.81 8.36
N VAL A 18 -18.31 12.21 9.56
CA VAL A 18 -16.91 12.17 9.95
C VAL A 18 -16.22 10.92 9.40
N LEU A 19 -16.99 9.84 9.28
CA LEU A 19 -16.45 8.57 8.77
C LEU A 19 -14.97 8.44 9.10
N MET A 20 -14.63 8.64 10.37
CA MET A 20 -13.25 8.53 10.82
C MET A 20 -12.67 7.18 10.45
N ARG A 21 -13.50 6.14 10.48
CA ARG A 21 -13.06 4.79 10.15
C ARG A 21 -12.92 4.62 8.64
N ASP A 22 -11.76 4.14 8.21
CA ASP A 22 -11.49 3.93 6.80
C ASP A 22 -11.21 2.45 6.51
N PRO A 23 -11.50 2.03 5.27
CA PRO A 23 -11.29 0.64 4.84
C PRO A 23 -9.81 0.28 4.74
N LYS A 24 -9.22 0.60 3.59
CA LYS A 24 -7.81 0.32 3.36
C LYS A 24 -7.10 1.53 2.76
N PHE A 25 -6.42 2.29 3.62
CA PHE A 25 -5.69 3.48 3.19
C PHE A 25 -4.47 3.09 2.36
N LEU A 26 -4.63 3.14 1.04
CA LEU A 26 -3.54 2.80 0.13
C LEU A 26 -3.09 4.02 -0.67
N TRP A 27 -1.82 4.40 -0.49
CA TRP A 27 -1.26 5.55 -1.20
C TRP A 27 0.21 5.34 -1.50
N CYS A 28 0.76 6.18 -2.38
CA CYS A 28 2.16 6.08 -2.77
C CYS A 28 3.07 6.47 -1.61
N ALA A 29 4.22 5.83 -1.52
CA ALA A 29 5.18 6.11 -0.47
C ALA A 29 6.00 7.36 -0.79
N GLN A 30 5.65 8.04 -1.88
CA GLN A 30 6.35 9.24 -2.29
C GLN A 30 5.38 10.42 -2.40
N CYS A 31 4.46 10.33 -3.35
CA CYS A 31 3.48 11.39 -3.56
C CYS A 31 2.46 11.43 -2.43
N SER A 32 2.16 10.25 -1.88
CA SER A 32 1.20 10.15 -0.78
C SER A 32 -0.15 10.73 -1.18
N PHE A 33 -0.68 10.26 -2.32
CA PHE A 33 -1.97 10.73 -2.81
C PHE A 33 -3.02 10.70 -1.71
N GLY A 34 -3.24 9.53 -1.13
CA GLY A 34 -4.22 9.40 -0.07
C GLY A 34 -5.58 8.99 -0.59
N PHE A 35 -5.74 7.71 -0.89
CA PHE A 35 -7.00 7.19 -1.41
C PHE A 35 -7.21 5.74 -0.96
N ILE A 36 -8.31 5.14 -1.42
CA ILE A 36 -8.62 3.76 -1.08
C ILE A 36 -8.71 2.89 -2.33
N TYR A 37 -7.86 1.87 -2.39
CA TYR A 37 -7.84 0.95 -3.52
C TYR A 37 -8.85 -0.17 -3.34
N GLU A 38 -9.26 -0.40 -2.09
CA GLU A 38 -10.23 -1.44 -1.78
C GLU A 38 -9.97 -2.68 -2.63
N ARG A 39 -8.71 -3.04 -2.78
CA ARG A 39 -8.33 -4.21 -3.57
C ARG A 39 -7.69 -5.28 -2.70
N GLU A 40 -7.65 -6.51 -3.21
CA GLU A 40 -7.07 -7.62 -2.47
C GLU A 40 -5.89 -8.22 -3.22
N GLN A 41 -5.14 -7.37 -3.92
CA GLN A 41 -3.98 -7.80 -4.68
C GLN A 41 -2.76 -6.94 -4.37
N LEU A 42 -1.58 -7.51 -4.53
CA LEU A 42 -0.34 -6.80 -4.26
C LEU A 42 0.05 -5.92 -5.45
N GLU A 43 -0.96 -5.38 -6.13
CA GLU A 43 -0.72 -4.53 -7.29
C GLU A 43 -1.71 -3.37 -7.32
N ALA A 44 -1.19 -2.15 -7.16
CA ALA A 44 -2.02 -0.96 -7.15
C ALA A 44 -1.47 0.10 -8.11
N THR A 45 -2.36 0.94 -8.64
CA THR A 45 -1.96 1.98 -9.58
C THR A 45 -2.45 3.35 -9.11
N CYS A 46 -1.53 4.30 -9.00
CA CYS A 46 -1.87 5.65 -8.57
C CYS A 46 -2.54 6.43 -9.70
N PRO A 47 -3.63 7.14 -9.36
CA PRO A 47 -4.38 7.94 -10.33
C PRO A 47 -3.61 9.17 -10.79
N GLN A 48 -2.45 9.41 -10.17
CA GLN A 48 -1.62 10.55 -10.52
C GLN A 48 -0.28 10.09 -11.09
N CYS A 49 0.39 9.18 -10.38
CA CYS A 49 1.67 8.67 -10.82
C CYS A 49 1.49 7.56 -11.86
N HIS A 50 0.40 6.81 -11.72
CA HIS A 50 0.11 5.71 -12.65
C HIS A 50 1.21 4.66 -12.60
N GLN A 51 1.82 4.50 -11.43
CA GLN A 51 2.89 3.52 -11.26
C GLN A 51 2.41 2.33 -10.42
N THR A 52 2.93 1.15 -10.73
CA THR A 52 2.56 -0.05 -10.00
C THR A 52 3.46 -0.27 -8.79
N PHE A 53 2.94 0.00 -7.61
CA PHE A 53 3.69 -0.16 -6.38
C PHE A 53 2.93 -1.05 -5.39
N CYS A 54 3.68 -1.81 -4.59
CA CYS A 54 3.08 -2.70 -3.61
C CYS A 54 2.18 -1.93 -2.64
N VAL A 55 1.17 -2.59 -2.11
CA VAL A 55 0.25 -1.97 -1.18
C VAL A 55 0.69 -2.19 0.26
N ARG A 56 1.59 -3.15 0.46
CA ARG A 56 2.09 -3.46 1.79
C ARG A 56 3.33 -2.62 2.12
N CYS A 57 4.45 -2.96 1.48
CA CYS A 57 5.70 -2.24 1.70
C CYS A 57 5.63 -0.84 1.10
N LYS A 58 4.78 -0.67 0.10
CA LYS A 58 4.62 0.62 -0.57
C LYS A 58 5.89 1.00 -1.33
N ARG A 59 6.44 0.04 -2.05
CA ARG A 59 7.65 0.28 -2.83
C ARG A 59 7.46 -0.13 -4.29
N GLN A 60 8.40 0.26 -5.14
CA GLN A 60 8.33 -0.06 -6.56
C GLN A 60 8.06 -1.55 -6.77
N TRP A 61 6.88 -1.85 -7.30
CA TRP A 61 6.48 -3.24 -7.55
C TRP A 61 7.52 -3.94 -8.42
N GLU A 62 7.62 -5.27 -8.27
CA GLU A 62 8.56 -6.06 -9.05
C GLU A 62 7.99 -7.44 -9.36
N GLU A 63 8.28 -7.92 -10.57
CA GLU A 63 7.79 -9.23 -11.00
C GLU A 63 8.04 -10.29 -9.92
N GLN A 64 9.30 -10.43 -9.53
CA GLN A 64 9.68 -11.40 -8.50
C GLN A 64 8.82 -11.24 -7.25
N HIS A 65 8.59 -9.99 -6.85
CA HIS A 65 7.78 -9.71 -5.67
C HIS A 65 6.39 -10.33 -5.80
N ARG A 66 5.90 -10.41 -7.03
CA ARG A 66 4.58 -10.97 -7.29
C ARG A 66 4.48 -12.39 -6.73
N GLY A 67 5.60 -13.10 -6.73
CA GLY A 67 5.62 -14.46 -6.22
C GLY A 67 6.26 -14.56 -4.85
N ARG A 68 6.44 -13.41 -4.20
CA ARG A 68 7.05 -13.37 -2.88
C ARG A 68 6.41 -12.27 -2.02
N SER A 69 6.91 -12.14 -0.79
CA SER A 69 6.38 -11.14 0.13
C SER A 69 7.34 -9.96 0.25
N CYS A 70 6.93 -8.93 0.99
CA CYS A 70 7.75 -7.75 1.19
C CYS A 70 9.09 -8.11 1.81
N GLU A 71 9.08 -9.13 2.67
CA GLU A 71 10.30 -9.58 3.34
C GLU A 71 11.14 -10.44 2.41
N ASP A 72 10.61 -11.60 2.03
CA ASP A 72 11.32 -12.51 1.13
C ASP A 72 11.80 -11.78 -0.12
N PHE A 73 10.96 -10.88 -0.62
CA PHE A 73 11.29 -10.13 -1.83
C PHE A 73 12.64 -9.44 -1.67
N GLN A 74 12.77 -8.62 -0.62
CA GLN A 74 14.01 -7.90 -0.36
C GLN A 74 15.22 -8.83 -0.43
N ASN A 75 15.16 -9.93 0.32
CA ASN A 75 16.23 -10.90 0.34
C ASN A 75 16.64 -11.29 -1.08
N TRP A 76 15.66 -11.39 -1.96
CA TRP A 76 15.91 -11.75 -3.35
C TRP A 76 16.60 -10.61 -4.10
N LYS A 77 16.33 -9.39 -3.67
CA LYS A 77 16.91 -8.21 -4.30
C LYS A 77 18.39 -8.09 -3.97
N ARG A 78 18.73 -8.26 -2.69
CA ARG A 78 20.12 -8.18 -2.25
C ARG A 78 20.94 -9.33 -2.85
N MET A 79 20.31 -10.49 -3.02
CA MET A 79 20.98 -11.65 -3.57
C MET A 79 21.13 -11.52 -5.09
N ASN A 80 20.03 -11.22 -5.76
CA ASN A 80 20.04 -11.07 -7.21
C ASN A 80 20.70 -9.75 -7.62
N SER A 81 20.09 -8.64 -7.21
CA SER A 81 20.60 -7.32 -7.54
C SER A 81 21.96 -7.09 -6.87
N GLY A 82 22.61 -6.00 -7.24
CA GLY A 82 23.91 -5.69 -6.67
C GLY A 82 24.86 -5.09 -7.69
N PRO A 83 25.76 -5.93 -8.22
CA PRO A 83 26.75 -5.50 -9.21
C PRO A 83 26.11 -5.16 -10.56
N SER A 84 25.16 -5.99 -10.98
CA SER A 84 24.46 -5.78 -12.24
C SER A 84 23.80 -4.40 -12.28
N SER A 85 23.25 -4.06 -13.44
CA SER A 85 22.58 -2.77 -13.61
C SER A 85 21.12 -2.96 -14.03
N GLY A 86 20.37 -1.87 -14.05
CA GLY A 86 18.97 -1.93 -14.43
C GLY A 86 18.70 -1.23 -15.76
N GLY A 1 -46.14 37.93 15.59
CA GLY A 1 -45.97 36.60 15.02
C GLY A 1 -45.05 35.74 15.85
N SER A 2 -45.01 34.44 15.53
CA SER A 2 -44.17 33.50 16.26
C SER A 2 -44.22 32.13 15.61
N SER A 3 -43.18 31.33 15.86
CA SER A 3 -43.10 29.98 15.29
C SER A 3 -42.17 29.10 16.12
N GLY A 4 -42.24 27.79 15.89
CA GLY A 4 -41.40 26.86 16.63
C GLY A 4 -40.82 25.78 15.73
N SER A 5 -39.90 25.00 16.29
CA SER A 5 -39.26 23.93 15.54
C SER A 5 -38.73 22.85 16.47
N SER A 6 -38.86 21.59 16.05
CA SER A 6 -38.40 20.46 16.85
C SER A 6 -37.79 19.38 15.97
N GLY A 7 -36.99 18.51 16.58
CA GLY A 7 -36.36 17.43 15.82
C GLY A 7 -35.21 16.80 16.58
N ALA A 8 -35.53 15.95 17.54
CA ALA A 8 -34.51 15.27 18.35
C ALA A 8 -34.21 13.89 17.79
N LEU A 9 -33.21 13.23 18.37
CA LEU A 9 -32.82 11.89 17.94
C LEU A 9 -33.47 10.82 18.81
N PHE A 10 -33.95 9.76 18.18
CA PHE A 10 -34.60 8.67 18.90
C PHE A 10 -33.72 8.18 20.05
N HIS A 11 -34.15 7.12 20.72
CA HIS A 11 -33.41 6.56 21.84
C HIS A 11 -31.90 6.69 21.62
N LYS A 12 -31.15 6.73 22.70
CA LYS A 12 -29.70 6.85 22.63
C LYS A 12 -29.15 6.10 21.42
N LYS A 13 -28.63 6.86 20.45
CA LYS A 13 -28.07 6.27 19.24
C LYS A 13 -26.71 6.88 18.91
N LEU A 14 -25.65 6.22 19.35
CA LEU A 14 -24.30 6.70 19.10
C LEU A 14 -23.38 5.54 18.71
N THR A 15 -22.15 5.87 18.33
CA THR A 15 -21.17 4.87 17.92
C THR A 15 -20.30 4.44 19.11
N GLU A 16 -20.10 3.14 19.25
CA GLU A 16 -19.29 2.61 20.34
C GLU A 16 -18.48 1.40 19.88
N GLY A 17 -17.26 1.27 20.39
CA GLY A 17 -16.41 0.15 20.01
C GLY A 17 -16.26 0.02 18.51
N VAL A 18 -16.22 1.15 17.81
CA VAL A 18 -16.08 1.15 16.37
C VAL A 18 -14.72 1.72 15.94
N LEU A 19 -13.72 0.85 15.89
CA LEU A 19 -12.38 1.26 15.51
C LEU A 19 -12.16 1.08 14.01
N MET A 20 -13.21 1.32 13.23
CA MET A 20 -13.15 1.19 11.78
C MET A 20 -13.59 2.47 11.09
N ARG A 21 -12.71 3.46 11.06
CA ARG A 21 -13.02 4.75 10.43
C ARG A 21 -12.94 4.63 8.91
N ASP A 22 -11.92 3.94 8.43
CA ASP A 22 -11.74 3.77 6.99
C ASP A 22 -11.41 2.31 6.66
N PRO A 23 -11.65 1.92 5.40
CA PRO A 23 -11.39 0.56 4.93
C PRO A 23 -9.90 0.25 4.83
N LYS A 24 -9.19 1.04 4.05
CA LYS A 24 -7.75 0.86 3.87
C LYS A 24 -7.15 1.98 3.01
N PHE A 25 -6.44 2.89 3.65
CA PHE A 25 -5.82 4.00 2.95
C PHE A 25 -4.55 3.56 2.23
N LEU A 26 -4.67 3.24 0.94
CA LEU A 26 -3.53 2.79 0.15
C LEU A 26 -3.08 3.89 -0.81
N TRP A 27 -1.83 4.31 -0.69
CA TRP A 27 -1.27 5.34 -1.55
C TRP A 27 0.20 5.08 -1.82
N CYS A 28 0.74 5.80 -2.81
CA CYS A 28 2.15 5.65 -3.18
C CYS A 28 3.05 6.42 -2.23
N ALA A 29 4.10 5.76 -1.74
CA ALA A 29 5.04 6.38 -0.81
C ALA A 29 5.99 7.31 -1.55
N GLN A 30 5.46 8.07 -2.50
CA GLN A 30 6.27 9.01 -3.28
C GLN A 30 5.58 10.35 -3.40
N CYS A 31 4.26 10.34 -3.47
CA CYS A 31 3.48 11.56 -3.60
C CYS A 31 2.45 11.66 -2.47
N SER A 32 2.11 10.52 -1.87
CA SER A 32 1.14 10.49 -0.79
C SER A 32 -0.23 10.96 -1.27
N PHE A 33 -0.64 10.45 -2.43
CA PHE A 33 -1.93 10.82 -3.00
C PHE A 33 -3.06 10.62 -1.98
N GLY A 34 -3.17 9.40 -1.48
CA GLY A 34 -4.20 9.10 -0.51
C GLY A 34 -5.50 8.67 -1.15
N PHE A 35 -5.65 7.37 -1.40
CA PHE A 35 -6.85 6.83 -2.03
C PHE A 35 -7.13 5.42 -1.53
N ILE A 36 -8.40 5.02 -1.61
CA ILE A 36 -8.82 3.69 -1.16
C ILE A 36 -8.75 2.69 -2.31
N TYR A 37 -8.38 1.46 -1.97
CA TYR A 37 -8.27 0.40 -2.97
C TYR A 37 -9.16 -0.79 -2.61
N GLU A 38 -9.24 -1.07 -1.31
CA GLU A 38 -10.05 -2.18 -0.82
C GLU A 38 -9.95 -3.38 -1.77
N ARG A 39 -8.73 -3.73 -2.16
CA ARG A 39 -8.51 -4.85 -3.05
C ARG A 39 -7.66 -5.92 -2.38
N GLU A 40 -7.69 -7.13 -2.93
CA GLU A 40 -6.93 -8.24 -2.38
C GLU A 40 -5.55 -8.32 -3.01
N GLN A 41 -5.49 -8.11 -4.32
CA GLN A 41 -4.23 -8.15 -5.05
C GLN A 41 -3.20 -7.22 -4.42
N LEU A 42 -1.95 -7.34 -4.84
CA LEU A 42 -0.87 -6.51 -4.31
C LEU A 42 -0.51 -5.41 -5.29
N GLU A 43 -0.98 -5.54 -6.53
CA GLU A 43 -0.70 -4.55 -7.57
C GLU A 43 -1.56 -3.31 -7.37
N ALA A 44 -0.91 -2.18 -7.10
CA ALA A 44 -1.62 -0.93 -6.90
C ALA A 44 -1.02 0.19 -7.76
N THR A 45 -1.88 0.88 -8.50
CA THR A 45 -1.44 1.96 -9.37
C THR A 45 -1.97 3.31 -8.88
N CYS A 46 -1.15 4.35 -9.01
CA CYS A 46 -1.54 5.69 -8.58
C CYS A 46 -2.30 6.41 -9.69
N PRO A 47 -3.40 7.07 -9.31
CA PRO A 47 -4.24 7.81 -10.25
C PRO A 47 -3.55 9.08 -10.77
N GLN A 48 -2.40 9.39 -10.20
CA GLN A 48 -1.64 10.57 -10.61
C GLN A 48 -0.29 10.17 -11.21
N CYS A 49 0.52 9.48 -10.41
CA CYS A 49 1.84 9.04 -10.86
C CYS A 49 1.71 7.89 -11.85
N HIS A 50 0.66 7.10 -11.70
CA HIS A 50 0.42 5.96 -12.59
C HIS A 50 1.55 4.94 -12.47
N GLN A 51 2.11 4.82 -11.27
CA GLN A 51 3.20 3.87 -11.03
C GLN A 51 2.69 2.65 -10.29
N THR A 52 3.38 1.53 -10.49
CA THR A 52 3.00 0.27 -9.84
C THR A 52 3.83 0.03 -8.59
N PHE A 53 3.21 0.16 -7.42
CA PHE A 53 3.89 -0.05 -6.15
C PHE A 53 3.09 -0.99 -5.26
N CYS A 54 3.79 -1.67 -4.35
CA CYS A 54 3.15 -2.61 -3.43
C CYS A 54 2.22 -1.87 -2.47
N VAL A 55 1.23 -2.58 -1.96
CA VAL A 55 0.27 -1.99 -1.03
C VAL A 55 0.69 -2.22 0.42
N ARG A 56 1.62 -3.16 0.62
CA ARG A 56 2.12 -3.47 1.95
C ARG A 56 3.38 -2.67 2.26
N CYS A 57 4.48 -3.04 1.64
CA CYS A 57 5.75 -2.37 1.85
C CYS A 57 5.73 -0.96 1.24
N LYS A 58 4.87 -0.77 0.25
CA LYS A 58 4.74 0.51 -0.43
C LYS A 58 6.04 0.87 -1.15
N ARG A 59 6.61 -0.11 -1.85
CA ARG A 59 7.85 0.11 -2.59
C ARG A 59 7.67 -0.26 -4.07
N GLN A 60 8.57 0.25 -4.91
CA GLN A 60 8.51 -0.02 -6.33
C GLN A 60 8.20 -1.50 -6.60
N TRP A 61 7.05 -1.76 -7.19
CA TRP A 61 6.64 -3.13 -7.50
C TRP A 61 7.68 -3.82 -8.36
N GLU A 62 7.64 -5.16 -8.37
CA GLU A 62 8.58 -5.94 -9.16
C GLU A 62 7.97 -7.28 -9.56
N GLU A 63 8.29 -7.73 -10.77
CA GLU A 63 7.77 -9.00 -11.27
C GLU A 63 8.12 -10.14 -10.34
N GLN A 64 9.10 -9.90 -9.47
CA GLN A 64 9.54 -10.92 -8.51
C GLN A 64 8.77 -10.80 -7.20
N HIS A 65 8.34 -9.59 -6.88
CA HIS A 65 7.58 -9.34 -5.66
C HIS A 65 6.19 -9.96 -5.73
N ARG A 66 5.65 -10.03 -6.94
CA ARG A 66 4.33 -10.60 -7.14
C ARG A 66 4.30 -12.08 -6.76
N GLY A 67 5.46 -12.72 -6.85
CA GLY A 67 5.56 -14.13 -6.50
C GLY A 67 6.12 -14.35 -5.11
N ARG A 68 6.43 -13.27 -4.42
CA ARG A 68 6.99 -13.34 -3.08
C ARG A 68 6.34 -12.31 -2.16
N SER A 69 6.82 -12.24 -0.93
CA SER A 69 6.28 -11.30 0.05
C SER A 69 7.23 -10.12 0.23
N CYS A 70 6.79 -9.14 1.02
CA CYS A 70 7.59 -7.94 1.28
C CYS A 70 8.93 -8.33 1.92
N GLU A 71 8.92 -9.37 2.74
CA GLU A 71 10.12 -9.84 3.42
C GLU A 71 11.00 -10.65 2.47
N ASP A 72 10.47 -11.79 2.02
CA ASP A 72 11.20 -12.66 1.11
C ASP A 72 11.67 -11.89 -0.12
N PHE A 73 10.81 -11.01 -0.61
CA PHE A 73 11.14 -10.21 -1.80
C PHE A 73 12.46 -9.49 -1.61
N GLN A 74 12.62 -8.82 -0.46
CA GLN A 74 13.83 -8.08 -0.16
C GLN A 74 15.07 -8.98 -0.31
N ASN A 75 15.02 -10.14 0.34
CA ASN A 75 16.14 -11.09 0.28
C ASN A 75 16.52 -11.38 -1.16
N TRP A 76 15.53 -11.38 -2.04
CA TRP A 76 15.76 -11.65 -3.46
C TRP A 76 16.49 -10.49 -4.12
N LYS A 77 16.30 -9.29 -3.58
CA LYS A 77 16.94 -8.10 -4.12
C LYS A 77 18.43 -8.09 -3.81
N ARG A 78 18.77 -8.28 -2.54
CA ARG A 78 20.16 -8.31 -2.11
C ARG A 78 20.94 -9.41 -2.83
N MET A 79 20.24 -10.50 -3.16
CA MET A 79 20.87 -11.62 -3.84
C MET A 79 20.95 -11.36 -5.33
N ASN A 80 19.85 -10.95 -5.93
CA ASN A 80 19.79 -10.67 -7.36
C ASN A 80 20.49 -9.35 -7.67
N SER A 81 19.90 -8.25 -7.22
CA SER A 81 20.46 -6.92 -7.45
C SER A 81 21.80 -6.77 -6.75
N GLY A 82 22.77 -6.17 -7.45
CA GLY A 82 24.09 -5.98 -6.88
C GLY A 82 25.13 -5.64 -7.93
N PRO A 83 26.41 -5.65 -7.52
CA PRO A 83 27.53 -5.35 -8.42
C PRO A 83 27.75 -6.44 -9.45
N SER A 84 28.17 -6.05 -10.65
CA SER A 84 28.43 -7.00 -11.72
C SER A 84 27.31 -8.03 -11.81
N SER A 85 26.07 -7.57 -11.68
CA SER A 85 24.91 -8.46 -11.73
C SER A 85 24.06 -8.18 -12.97
N GLY A 86 24.47 -8.77 -14.10
CA GLY A 86 23.74 -8.57 -15.33
C GLY A 86 23.18 -7.17 -15.46
N GLY A 1 -24.80 17.12 -11.45
CA GLY A 1 -25.65 16.46 -12.41
C GLY A 1 -26.23 15.16 -11.89
N SER A 2 -27.55 15.11 -11.78
CA SER A 2 -28.23 13.92 -11.28
C SER A 2 -29.46 13.60 -12.12
N SER A 3 -30.06 12.44 -11.86
CA SER A 3 -31.25 12.02 -12.59
C SER A 3 -32.35 11.56 -11.63
N GLY A 4 -33.57 12.03 -11.87
CA GLY A 4 -34.68 11.67 -11.02
C GLY A 4 -34.54 12.20 -9.61
N SER A 5 -33.93 11.39 -8.74
CA SER A 5 -33.74 11.78 -7.35
C SER A 5 -35.07 12.07 -6.67
N SER A 6 -36.04 11.19 -6.89
CA SER A 6 -37.37 11.35 -6.30
C SER A 6 -37.28 11.51 -4.79
N GLY A 7 -38.16 12.32 -4.23
CA GLY A 7 -38.16 12.55 -2.80
C GLY A 7 -37.25 13.69 -2.39
N ALA A 8 -37.61 14.38 -1.30
CA ALA A 8 -36.82 15.49 -0.81
C ALA A 8 -35.64 15.00 0.02
N LEU A 9 -34.98 13.94 -0.45
CA LEU A 9 -33.84 13.37 0.25
C LEU A 9 -33.09 12.39 -0.65
N PHE A 10 -31.87 12.04 -0.25
CA PHE A 10 -31.04 11.11 -1.01
C PHE A 10 -31.37 9.67 -0.63
N HIS A 11 -32.66 9.36 -0.55
CA HIS A 11 -33.10 8.01 -0.19
C HIS A 11 -32.14 7.36 0.79
N LYS A 12 -31.87 8.04 1.90
CA LYS A 12 -30.96 7.52 2.91
C LYS A 12 -31.32 8.07 4.29
N LYS A 13 -31.69 7.16 5.20
CA LYS A 13 -32.06 7.55 6.56
C LYS A 13 -31.01 7.08 7.55
N LEU A 14 -29.74 7.27 7.20
CA LEU A 14 -28.63 6.88 8.07
C LEU A 14 -28.05 8.09 8.79
N THR A 15 -27.31 7.83 9.86
CA THR A 15 -26.69 8.90 10.64
C THR A 15 -25.59 9.58 9.85
N GLU A 16 -25.58 10.91 9.88
CA GLU A 16 -24.58 11.69 9.16
C GLU A 16 -23.47 12.14 10.09
N GLY A 17 -22.37 12.62 9.51
CA GLY A 17 -21.24 13.08 10.31
C GLY A 17 -20.77 12.03 11.30
N VAL A 18 -20.80 10.76 10.89
CA VAL A 18 -20.38 9.67 11.74
C VAL A 18 -19.37 8.77 11.03
N LEU A 19 -19.62 8.50 9.76
CA LEU A 19 -18.73 7.67 8.96
C LEU A 19 -17.39 8.35 8.75
N MET A 20 -16.52 8.27 9.76
CA MET A 20 -15.20 8.88 9.68
C MET A 20 -14.12 7.82 9.51
N ARG A 21 -14.23 6.74 10.28
CA ARG A 21 -13.27 5.65 10.21
C ARG A 21 -13.13 5.14 8.77
N ASP A 22 -11.93 5.30 8.20
CA ASP A 22 -11.68 4.85 6.84
C ASP A 22 -11.31 3.37 6.81
N PRO A 23 -11.54 2.72 5.66
CA PRO A 23 -11.24 1.30 5.49
C PRO A 23 -9.74 1.01 5.46
N LYS A 24 -9.15 1.05 4.28
CA LYS A 24 -7.72 0.79 4.13
C LYS A 24 -7.05 1.95 3.39
N PHE A 25 -6.40 2.83 4.14
CA PHE A 25 -5.71 3.98 3.55
C PHE A 25 -4.50 3.52 2.75
N LEU A 26 -4.56 3.69 1.43
CA LEU A 26 -3.48 3.30 0.55
C LEU A 26 -3.11 4.43 -0.40
N TRP A 27 -1.87 4.91 -0.29
CA TRP A 27 -1.39 6.00 -1.14
C TRP A 27 0.10 5.86 -1.41
N CYS A 28 0.59 6.61 -2.39
CA CYS A 28 2.00 6.57 -2.75
C CYS A 28 2.86 7.14 -1.61
N ALA A 29 4.05 6.58 -1.44
CA ALA A 29 4.97 7.02 -0.40
C ALA A 29 5.46 8.44 -0.67
N GLN A 30 5.48 8.81 -1.95
CA GLN A 30 5.93 10.15 -2.35
C GLN A 30 4.74 11.05 -2.67
N CYS A 31 3.99 10.69 -3.69
CA CYS A 31 2.82 11.47 -4.10
C CYS A 31 1.87 11.68 -2.92
N SER A 32 1.67 10.62 -2.14
CA SER A 32 0.78 10.68 -0.99
C SER A 32 -0.63 11.10 -1.41
N PHE A 33 -1.11 10.51 -2.50
CA PHE A 33 -2.44 10.84 -3.01
C PHE A 33 -3.47 10.85 -1.88
N GLY A 34 -3.78 9.68 -1.34
CA GLY A 34 -4.74 9.59 -0.26
C GLY A 34 -6.06 8.99 -0.71
N PHE A 35 -6.07 7.68 -0.94
CA PHE A 35 -7.28 6.99 -1.37
C PHE A 35 -7.27 5.54 -0.87
N ILE A 36 -8.33 4.81 -1.21
CA ILE A 36 -8.46 3.42 -0.80
C ILE A 36 -8.41 2.48 -2.00
N TYR A 37 -7.72 1.36 -1.83
CA TYR A 37 -7.60 0.38 -2.90
C TYR A 37 -8.53 -0.81 -2.68
N GLU A 38 -8.64 -1.23 -1.42
CA GLU A 38 -9.50 -2.35 -1.06
C GLU A 38 -9.54 -3.38 -2.19
N ARG A 39 -8.37 -3.73 -2.72
CA ARG A 39 -8.28 -4.70 -3.81
C ARG A 39 -7.69 -6.01 -3.30
N GLU A 40 -7.82 -7.06 -4.12
CA GLU A 40 -7.31 -8.37 -3.75
C GLU A 40 -6.04 -8.70 -4.55
N GLN A 41 -5.22 -7.69 -4.78
CA GLN A 41 -3.98 -7.86 -5.53
C GLN A 41 -2.86 -7.02 -4.94
N LEU A 42 -1.63 -7.50 -5.07
CA LEU A 42 -0.47 -6.79 -4.54
C LEU A 42 0.08 -5.82 -5.58
N GLU A 43 -0.80 -5.32 -6.44
CA GLU A 43 -0.40 -4.37 -7.47
C GLU A 43 -1.36 -3.18 -7.52
N ALA A 44 -0.93 -2.06 -6.96
CA ALA A 44 -1.75 -0.85 -6.94
C ALA A 44 -1.15 0.22 -7.84
N THR A 45 -1.98 0.79 -8.71
CA THR A 45 -1.52 1.84 -9.62
C THR A 45 -1.80 3.22 -9.05
N CYS A 46 -0.98 4.20 -9.42
CA CYS A 46 -1.14 5.56 -8.95
C CYS A 46 -1.98 6.38 -9.92
N PRO A 47 -3.09 6.94 -9.40
CA PRO A 47 -4.00 7.76 -10.20
C PRO A 47 -3.39 9.09 -10.60
N GLN A 48 -2.12 9.28 -10.25
CA GLN A 48 -1.42 10.52 -10.57
C GLN A 48 -0.08 10.24 -11.25
N CYS A 49 0.51 9.09 -10.91
CA CYS A 49 1.79 8.70 -11.48
C CYS A 49 1.72 7.29 -12.05
N HIS A 50 0.50 6.77 -12.18
CA HIS A 50 0.29 5.43 -12.73
C HIS A 50 1.49 4.54 -12.44
N GLN A 51 1.88 4.48 -11.16
CA GLN A 51 3.02 3.67 -10.75
C GLN A 51 2.56 2.46 -9.95
N THR A 52 2.91 1.26 -10.42
CA THR A 52 2.53 0.03 -9.75
C THR A 52 3.44 -0.24 -8.56
N PHE A 53 2.94 0.07 -7.37
CA PHE A 53 3.70 -0.14 -6.14
C PHE A 53 2.93 -1.05 -5.17
N CYS A 54 3.67 -1.88 -4.44
CA CYS A 54 3.08 -2.79 -3.47
C CYS A 54 2.20 -2.04 -2.48
N VAL A 55 1.17 -2.70 -1.99
CA VAL A 55 0.25 -2.10 -1.03
C VAL A 55 0.69 -2.41 0.41
N ARG A 56 1.69 -3.27 0.55
CA ARG A 56 2.20 -3.64 1.85
C ARG A 56 3.45 -2.84 2.21
N CYS A 57 4.52 -3.08 1.46
CA CYS A 57 5.78 -2.38 1.70
C CYS A 57 5.75 -0.98 1.10
N LYS A 58 4.85 -0.78 0.13
CA LYS A 58 4.72 0.51 -0.52
C LYS A 58 5.99 0.87 -1.29
N ARG A 59 6.51 -0.09 -2.04
CA ARG A 59 7.72 0.13 -2.83
C ARG A 59 7.49 -0.21 -4.30
N GLN A 60 8.46 0.11 -5.14
CA GLN A 60 8.36 -0.16 -6.57
C GLN A 60 8.06 -1.63 -6.82
N TRP A 61 6.84 -1.92 -7.25
CA TRP A 61 6.42 -3.28 -7.53
C TRP A 61 7.42 -3.97 -8.46
N GLU A 62 7.64 -5.26 -8.24
CA GLU A 62 8.58 -6.03 -9.06
C GLU A 62 7.96 -7.36 -9.47
N GLU A 63 8.32 -7.82 -10.66
CA GLU A 63 7.79 -9.09 -11.18
C GLU A 63 8.05 -10.22 -10.19
N GLN A 64 9.22 -10.21 -9.55
CA GLN A 64 9.57 -11.23 -8.59
C GLN A 64 8.72 -11.11 -7.33
N HIS A 65 8.45 -9.88 -6.92
CA HIS A 65 7.66 -9.63 -5.72
C HIS A 65 6.28 -10.27 -5.85
N ARG A 66 5.77 -10.34 -7.08
CA ARG A 66 4.46 -10.92 -7.34
C ARG A 66 4.38 -12.34 -6.77
N GLY A 67 5.50 -13.06 -6.82
CA GLY A 67 5.54 -14.41 -6.31
C GLY A 67 6.21 -14.51 -4.96
N ARG A 68 6.36 -13.37 -4.30
CA ARG A 68 7.00 -13.33 -2.98
C ARG A 68 6.38 -12.25 -2.10
N SER A 69 6.85 -12.15 -0.87
CA SER A 69 6.34 -11.16 0.08
C SER A 69 7.32 -10.01 0.24
N CYS A 70 6.90 -8.99 0.98
CA CYS A 70 7.74 -7.82 1.22
C CYS A 70 9.08 -8.22 1.82
N GLU A 71 9.05 -9.24 2.68
CA GLU A 71 10.27 -9.72 3.33
C GLU A 71 11.09 -10.57 2.38
N ASP A 72 10.55 -11.71 1.99
CA ASP A 72 11.23 -12.62 1.08
C ASP A 72 11.73 -11.88 -0.15
N PHE A 73 10.91 -10.95 -0.65
CA PHE A 73 11.27 -10.16 -1.83
C PHE A 73 12.63 -9.50 -1.65
N GLN A 74 12.79 -8.76 -0.55
CA GLN A 74 14.03 -8.07 -0.26
C GLN A 74 15.22 -9.03 -0.35
N ASN A 75 15.11 -10.15 0.37
CA ASN A 75 16.17 -11.15 0.38
C ASN A 75 16.57 -11.54 -1.05
N TRP A 76 15.59 -11.53 -1.94
CA TRP A 76 15.84 -11.88 -3.34
C TRP A 76 16.58 -10.75 -4.06
N LYS A 77 16.37 -9.53 -3.60
CA LYS A 77 17.02 -8.36 -4.20
C LYS A 77 18.51 -8.35 -3.88
N ARG A 78 18.83 -8.53 -2.60
CA ARG A 78 20.22 -8.53 -2.15
C ARG A 78 21.00 -9.68 -2.80
N MET A 79 20.31 -10.78 -3.05
CA MET A 79 20.94 -11.95 -3.67
C MET A 79 21.05 -11.77 -5.18
N ASN A 80 19.93 -11.42 -5.82
CA ASN A 80 19.91 -11.22 -7.27
C ASN A 80 20.61 -9.93 -7.64
N SER A 81 20.05 -8.79 -7.23
CA SER A 81 20.62 -7.50 -7.53
C SER A 81 21.88 -7.26 -6.71
N GLY A 82 22.90 -6.68 -7.35
CA GLY A 82 24.15 -6.41 -6.66
C GLY A 82 24.90 -5.24 -7.26
N PRO A 83 25.90 -5.53 -8.10
CA PRO A 83 26.71 -4.50 -8.75
C PRO A 83 25.92 -3.72 -9.80
N SER A 84 25.28 -2.64 -9.38
CA SER A 84 24.49 -1.82 -10.27
C SER A 84 23.96 -0.58 -9.56
N SER A 85 23.76 0.50 -10.31
CA SER A 85 23.26 1.75 -9.75
C SER A 85 21.98 1.51 -8.95
N GLY A 86 22.08 1.67 -7.63
CA GLY A 86 20.93 1.46 -6.78
C GLY A 86 21.29 1.46 -5.30
N GLY A 1 30.17 19.36 30.33
CA GLY A 1 28.85 19.92 30.22
C GLY A 1 27.85 18.98 29.58
N SER A 2 26.66 18.88 30.16
CA SER A 2 25.63 18.00 29.63
C SER A 2 24.24 18.55 29.94
N SER A 3 23.23 18.04 29.25
CA SER A 3 21.86 18.48 29.44
C SER A 3 20.89 17.61 28.64
N GLY A 4 19.63 17.57 29.08
CA GLY A 4 18.63 16.78 28.40
C GLY A 4 17.70 17.63 27.55
N SER A 5 17.23 18.73 28.13
CA SER A 5 16.32 19.62 27.42
C SER A 5 15.24 18.85 26.69
N SER A 6 14.73 17.81 27.35
CA SER A 6 13.69 16.97 26.76
C SER A 6 12.64 17.82 26.05
N GLY A 7 12.14 17.31 24.93
CA GLY A 7 11.13 18.04 24.17
C GLY A 7 9.74 17.50 24.39
N ALA A 8 8.74 18.35 24.17
CA ALA A 8 7.35 17.94 24.35
C ALA A 8 6.84 17.17 23.14
N LEU A 9 5.65 16.60 23.26
CA LEU A 9 5.05 15.84 22.17
C LEU A 9 5.14 16.60 20.85
N PHE A 10 5.24 15.86 19.76
CA PHE A 10 5.33 16.47 18.43
C PHE A 10 4.23 17.50 18.22
N HIS A 11 2.99 17.02 18.16
CA HIS A 11 1.83 17.89 17.97
C HIS A 11 0.66 17.46 18.86
N LYS A 12 -0.33 18.33 18.98
CA LYS A 12 -1.50 18.04 19.79
C LYS A 12 -1.83 16.55 19.75
N LYS A 13 -1.95 15.95 20.93
CA LYS A 13 -2.26 14.53 21.03
C LYS A 13 -3.22 14.10 19.93
N LEU A 14 -2.85 13.05 19.20
CA LEU A 14 -3.67 12.55 18.10
C LEU A 14 -5.15 12.69 18.44
N THR A 15 -5.96 12.96 17.41
CA THR A 15 -7.40 13.11 17.60
C THR A 15 -7.92 12.15 18.66
N GLU A 16 -8.66 12.69 19.62
CA GLU A 16 -9.23 11.88 20.69
C GLU A 16 -10.73 11.68 20.50
N GLY A 17 -11.47 12.79 20.51
CA GLY A 17 -12.90 12.72 20.34
C GLY A 17 -13.30 12.31 18.94
N VAL A 18 -13.04 11.06 18.60
CA VAL A 18 -13.37 10.54 17.28
C VAL A 18 -13.79 9.07 17.35
N LEU A 19 -14.97 8.77 16.82
CA LEU A 19 -15.48 7.39 16.82
C LEU A 19 -15.66 6.88 15.40
N MET A 20 -14.56 6.48 14.77
CA MET A 20 -14.60 5.97 13.40
C MET A 20 -13.38 5.12 13.11
N ARG A 21 -13.37 4.48 11.94
CA ARG A 21 -12.26 3.63 11.54
C ARG A 21 -12.27 3.39 10.03
N ASP A 22 -11.14 3.68 9.38
CA ASP A 22 -11.02 3.50 7.94
C ASP A 22 -10.64 2.07 7.61
N PRO A 23 -10.97 1.63 6.38
CA PRO A 23 -10.68 0.27 5.91
C PRO A 23 -9.19 0.06 5.68
N LYS A 24 -8.59 0.88 4.83
CA LYS A 24 -7.16 0.78 4.53
C LYS A 24 -6.72 1.91 3.60
N PHE A 25 -6.03 2.89 4.17
CA PHE A 25 -5.54 4.03 3.39
C PHE A 25 -4.38 3.62 2.50
N LEU A 26 -4.61 3.63 1.19
CA LEU A 26 -3.58 3.26 0.22
C LEU A 26 -3.14 4.47 -0.59
N TRP A 27 -1.85 4.80 -0.52
CA TRP A 27 -1.31 5.93 -1.25
C TRP A 27 0.12 5.64 -1.72
N CYS A 28 0.63 6.48 -2.61
CA CYS A 28 1.97 6.31 -3.14
C CYS A 28 3.01 6.60 -2.06
N ALA A 29 4.12 5.87 -2.11
CA ALA A 29 5.20 6.03 -1.14
C ALA A 29 5.77 7.44 -1.20
N GLN A 30 5.57 8.12 -2.33
CA GLN A 30 6.07 9.48 -2.52
C GLN A 30 4.91 10.46 -2.74
N CYS A 31 4.11 10.19 -3.77
CA CYS A 31 2.98 11.05 -4.09
C CYS A 31 2.00 11.12 -2.92
N SER A 32 2.03 10.10 -2.07
CA SER A 32 1.15 10.05 -0.91
C SER A 32 -0.25 10.55 -1.28
N PHE A 33 -0.73 10.15 -2.46
CA PHE A 33 -2.05 10.56 -2.92
C PHE A 33 -3.06 10.53 -1.78
N GLY A 34 -3.40 9.33 -1.32
CA GLY A 34 -4.36 9.18 -0.24
C GLY A 34 -5.73 8.80 -0.73
N PHE A 35 -5.95 7.50 -0.93
CA PHE A 35 -7.23 7.00 -1.39
C PHE A 35 -7.41 5.53 -1.04
N ILE A 36 -8.59 5.18 -0.54
CA ILE A 36 -8.87 3.81 -0.16
C ILE A 36 -8.94 2.90 -1.39
N TYR A 37 -8.37 1.71 -1.27
CA TYR A 37 -8.34 0.75 -2.37
C TYR A 37 -9.10 -0.52 -1.99
N GLU A 38 -8.92 -0.97 -0.75
CA GLU A 38 -9.57 -2.17 -0.26
C GLU A 38 -9.58 -3.26 -1.34
N ARG A 39 -8.41 -3.55 -1.88
CA ARG A 39 -8.27 -4.56 -2.92
C ARG A 39 -7.48 -5.76 -2.41
N GLU A 40 -7.64 -6.90 -3.07
CA GLU A 40 -6.93 -8.11 -2.69
C GLU A 40 -5.59 -8.23 -3.41
N GLN A 41 -5.56 -7.76 -4.66
CA GLN A 41 -4.34 -7.79 -5.46
C GLN A 41 -3.29 -6.83 -4.90
N LEU A 42 -2.03 -7.10 -5.22
CA LEU A 42 -0.93 -6.25 -4.75
C LEU A 42 -0.56 -5.21 -5.81
N GLU A 43 -1.03 -5.43 -7.03
CA GLU A 43 -0.74 -4.51 -8.13
C GLU A 43 -1.50 -3.20 -7.95
N ALA A 44 -0.80 -2.19 -7.43
CA ALA A 44 -1.39 -0.87 -7.21
C ALA A 44 -0.76 0.17 -8.13
N THR A 45 -1.59 0.74 -9.01
CA THR A 45 -1.12 1.76 -9.94
C THR A 45 -1.49 3.16 -9.46
N CYS A 46 -0.53 4.08 -9.55
CA CYS A 46 -0.76 5.46 -9.12
C CYS A 46 -1.61 6.21 -10.14
N PRO A 47 -2.74 6.77 -9.68
CA PRO A 47 -3.66 7.53 -10.54
C PRO A 47 -3.06 8.86 -11.00
N GLN A 48 -1.78 9.05 -10.73
CA GLN A 48 -1.09 10.28 -11.12
C GLN A 48 0.23 9.97 -11.81
N CYS A 49 1.06 9.17 -11.16
CA CYS A 49 2.36 8.79 -11.72
C CYS A 49 2.29 7.43 -12.40
N HIS A 50 1.12 6.80 -12.32
CA HIS A 50 0.92 5.49 -12.94
C HIS A 50 2.07 4.55 -12.61
N GLN A 51 2.48 4.53 -11.35
CA GLN A 51 3.57 3.68 -10.91
C GLN A 51 3.05 2.47 -10.15
N THR A 52 3.55 1.28 -10.50
CA THR A 52 3.12 0.05 -9.85
C THR A 52 3.88 -0.16 -8.54
N PHE A 53 3.21 0.10 -7.42
CA PHE A 53 3.83 -0.06 -6.12
C PHE A 53 2.99 -0.99 -5.24
N CYS A 54 3.66 -1.75 -4.39
CA CYS A 54 2.98 -2.68 -3.48
C CYS A 54 2.02 -1.94 -2.56
N VAL A 55 0.99 -2.65 -2.10
CA VAL A 55 0.00 -2.05 -1.21
C VAL A 55 0.37 -2.28 0.26
N ARG A 56 1.21 -3.29 0.49
CA ARG A 56 1.64 -3.62 1.85
C ARG A 56 2.89 -2.84 2.23
N CYS A 57 4.02 -3.23 1.66
CA CYS A 57 5.28 -2.56 1.95
C CYS A 57 5.29 -1.15 1.37
N LYS A 58 4.48 -0.93 0.34
CA LYS A 58 4.40 0.38 -0.30
C LYS A 58 5.72 0.74 -0.97
N ARG A 59 6.31 -0.23 -1.66
CA ARG A 59 7.58 -0.01 -2.35
C ARG A 59 7.45 -0.35 -3.83
N GLN A 60 8.45 0.06 -4.61
CA GLN A 60 8.46 -0.21 -6.05
C GLN A 60 8.19 -1.68 -6.33
N TRP A 61 7.03 -1.96 -6.90
CA TRP A 61 6.65 -3.34 -7.23
C TRP A 61 7.65 -3.95 -8.20
N GLU A 62 7.65 -5.29 -8.27
CA GLU A 62 8.56 -6.00 -9.17
C GLU A 62 8.00 -7.38 -9.51
N GLU A 63 8.23 -7.81 -10.74
CA GLU A 63 7.75 -9.11 -11.20
C GLU A 63 8.10 -10.21 -10.19
N GLN A 64 9.26 -10.07 -9.55
CA GLN A 64 9.71 -11.05 -8.57
C GLN A 64 8.81 -11.03 -7.34
N HIS A 65 8.37 -9.83 -6.95
CA HIS A 65 7.50 -9.67 -5.79
C HIS A 65 6.22 -10.48 -5.96
N ARG A 66 5.70 -10.51 -7.18
CA ARG A 66 4.47 -11.23 -7.47
C ARG A 66 4.50 -12.62 -6.84
N GLY A 67 5.49 -13.42 -7.21
CA GLY A 67 5.62 -14.76 -6.67
C GLY A 67 6.33 -14.79 -5.33
N ARG A 68 6.30 -13.65 -4.63
CA ARG A 68 6.94 -13.55 -3.32
C ARG A 68 6.20 -12.56 -2.43
N SER A 69 6.72 -12.36 -1.23
CA SER A 69 6.10 -11.44 -0.28
C SER A 69 7.00 -10.23 -0.03
N CYS A 70 6.51 -9.28 0.77
CA CYS A 70 7.26 -8.07 1.08
C CYS A 70 8.60 -8.42 1.72
N GLU A 71 8.62 -9.49 2.50
CA GLU A 71 9.84 -9.93 3.17
C GLU A 71 10.76 -10.68 2.21
N ASP A 72 10.29 -11.81 1.71
CA ASP A 72 11.06 -12.62 0.78
C ASP A 72 11.54 -11.79 -0.40
N PHE A 73 10.66 -10.91 -0.89
CA PHE A 73 11.00 -10.05 -2.01
C PHE A 73 12.29 -9.28 -1.76
N GLN A 74 12.33 -8.58 -0.62
CA GLN A 74 13.51 -7.80 -0.26
C GLN A 74 14.77 -8.65 -0.34
N ASN A 75 14.74 -9.81 0.30
CA ASN A 75 15.88 -10.71 0.31
C ASN A 75 16.36 -10.99 -1.12
N TRP A 76 15.41 -11.08 -2.04
CA TRP A 76 15.73 -11.35 -3.44
C TRP A 76 16.38 -10.12 -4.09
N LYS A 77 16.03 -8.94 -3.58
CA LYS A 77 16.58 -7.70 -4.12
C LYS A 77 18.04 -7.53 -3.72
N ARG A 78 18.32 -7.74 -2.44
CA ARG A 78 19.68 -7.61 -1.93
C ARG A 78 20.61 -8.65 -2.57
N MET A 79 20.05 -9.82 -2.86
CA MET A 79 20.82 -10.90 -3.47
C MET A 79 20.99 -10.66 -4.97
N ASN A 80 19.89 -10.36 -5.64
CA ASN A 80 19.92 -10.11 -7.08
C ASN A 80 20.48 -8.73 -7.38
N SER A 81 19.76 -7.70 -6.95
CA SER A 81 20.18 -6.32 -7.17
C SER A 81 21.48 -6.03 -6.43
N GLY A 82 21.43 -6.12 -5.11
CA GLY A 82 22.61 -5.86 -4.30
C GLY A 82 23.24 -4.52 -4.61
N PRO A 83 24.56 -4.52 -4.83
CA PRO A 83 25.31 -3.30 -5.14
C PRO A 83 24.98 -2.75 -6.53
N SER A 84 23.88 -2.00 -6.61
CA SER A 84 23.45 -1.43 -7.88
C SER A 84 24.07 -0.04 -8.08
N SER A 85 24.63 0.51 -7.01
CA SER A 85 25.25 1.83 -7.07
C SER A 85 26.70 1.77 -6.57
N GLY A 86 27.61 2.26 -7.40
CA GLY A 86 29.03 2.26 -7.02
C GLY A 86 29.94 2.32 -8.23
N GLY A 1 23.18 -4.34 19.80
CA GLY A 1 22.31 -5.08 18.90
C GLY A 1 21.47 -4.17 18.03
N SER A 2 21.66 -4.26 16.71
CA SER A 2 20.92 -3.44 15.77
C SER A 2 19.56 -4.05 15.47
N SER A 3 18.57 -3.72 16.30
CA SER A 3 17.22 -4.24 16.12
C SER A 3 16.21 -3.45 16.94
N GLY A 4 15.10 -3.07 16.31
CA GLY A 4 14.08 -2.31 16.99
C GLY A 4 12.69 -2.61 16.47
N SER A 5 11.85 -3.19 17.32
CA SER A 5 10.49 -3.53 16.95
C SER A 5 9.48 -2.72 17.75
N SER A 6 8.68 -1.92 17.05
CA SER A 6 7.67 -1.09 17.70
C SER A 6 6.56 -1.94 18.30
N GLY A 7 6.01 -1.50 19.42
CA GLY A 7 4.95 -2.24 20.07
C GLY A 7 3.70 -2.32 19.21
N ALA A 8 3.02 -3.46 19.28
CA ALA A 8 1.80 -3.68 18.50
C ALA A 8 0.60 -3.03 19.18
N LEU A 9 -0.44 -2.77 18.40
CA LEU A 9 -1.65 -2.15 18.92
C LEU A 9 -2.86 -2.51 18.06
N PHE A 10 -4.05 -2.29 18.61
CA PHE A 10 -5.29 -2.58 17.89
C PHE A 10 -5.12 -2.37 16.39
N HIS A 11 -5.65 -3.28 15.59
CA HIS A 11 -5.55 -3.19 14.14
C HIS A 11 -5.98 -1.80 13.66
N LYS A 12 -7.05 -1.28 14.25
CA LYS A 12 -7.56 0.03 13.88
C LYS A 12 -7.48 1.00 15.06
N LYS A 13 -6.59 1.98 14.93
CA LYS A 13 -6.41 2.98 15.99
C LYS A 13 -6.61 4.38 15.44
N LEU A 14 -7.73 4.99 15.81
CA LEU A 14 -8.05 6.34 15.35
C LEU A 14 -8.24 7.29 16.54
N THR A 15 -8.56 8.54 16.26
CA THR A 15 -8.76 9.54 17.29
C THR A 15 -9.87 9.11 18.26
N GLU A 16 -9.76 9.55 19.51
CA GLU A 16 -10.75 9.22 20.53
C GLU A 16 -11.97 10.13 20.42
N GLY A 17 -13.10 9.67 20.97
CA GLY A 17 -14.31 10.46 20.93
C GLY A 17 -14.79 10.70 19.52
N VAL A 18 -14.56 9.73 18.64
CA VAL A 18 -14.98 9.83 17.25
C VAL A 18 -15.63 8.55 16.76
N LEU A 19 -16.71 8.68 15.99
CA LEU A 19 -17.43 7.53 15.47
C LEU A 19 -17.26 7.43 13.94
N MET A 20 -16.02 7.54 13.49
CA MET A 20 -15.73 7.46 12.05
C MET A 20 -14.68 6.39 11.77
N ARG A 21 -15.11 5.29 11.15
CA ARG A 21 -14.21 4.20 10.83
C ARG A 21 -13.89 4.19 9.33
N ASP A 22 -12.63 3.89 9.02
CA ASP A 22 -12.19 3.85 7.62
C ASP A 22 -11.75 2.44 7.23
N PRO A 23 -11.88 2.12 5.94
CA PRO A 23 -11.50 0.80 5.41
C PRO A 23 -9.99 0.58 5.43
N LYS A 24 -9.34 0.94 4.33
CA LYS A 24 -7.90 0.79 4.21
C LYS A 24 -7.28 1.93 3.41
N PHE A 25 -6.46 2.74 4.07
CA PHE A 25 -5.81 3.87 3.42
C PHE A 25 -4.57 3.42 2.67
N LEU A 26 -4.69 3.30 1.34
CA LEU A 26 -3.58 2.88 0.50
C LEU A 26 -3.20 3.97 -0.48
N TRP A 27 -1.93 4.37 -0.44
CA TRP A 27 -1.43 5.42 -1.33
C TRP A 27 0.01 5.13 -1.74
N CYS A 28 0.49 5.86 -2.75
CA CYS A 28 1.86 5.68 -3.23
C CYS A 28 2.86 6.38 -2.31
N ALA A 29 3.96 5.70 -2.03
CA ALA A 29 5.00 6.25 -1.17
C ALA A 29 5.91 7.21 -1.94
N GLN A 30 5.33 7.91 -2.91
CA GLN A 30 6.09 8.85 -3.73
C GLN A 30 5.41 10.22 -3.75
N CYS A 31 4.21 10.26 -4.34
CA CYS A 31 3.46 11.51 -4.44
C CYS A 31 2.38 11.57 -3.35
N SER A 32 2.35 10.56 -2.50
CA SER A 32 1.37 10.49 -1.42
C SER A 32 -0.02 10.88 -1.92
N PHE A 33 -0.48 10.18 -2.96
CA PHE A 33 -1.78 10.45 -3.54
C PHE A 33 -2.85 10.55 -2.45
N GLY A 34 -3.08 9.45 -1.75
CA GLY A 34 -4.07 9.44 -0.69
C GLY A 34 -5.44 8.99 -1.18
N PHE A 35 -5.68 7.69 -1.13
CA PHE A 35 -6.96 7.13 -1.57
C PHE A 35 -7.19 5.74 -0.97
N ILE A 36 -8.32 5.14 -1.32
CA ILE A 36 -8.66 3.81 -0.81
C ILE A 36 -8.72 2.79 -1.93
N TYR A 37 -8.10 1.64 -1.71
CA TYR A 37 -8.07 0.58 -2.70
C TYR A 37 -8.97 -0.58 -2.28
N GLU A 38 -9.01 -0.84 -0.97
CA GLU A 38 -9.83 -1.92 -0.44
C GLU A 38 -9.83 -3.11 -1.38
N ARG A 39 -8.66 -3.46 -1.90
CA ARG A 39 -8.52 -4.59 -2.82
C ARG A 39 -7.69 -5.70 -2.19
N GLU A 40 -7.81 -6.90 -2.75
CA GLU A 40 -7.07 -8.05 -2.26
C GLU A 40 -5.90 -8.39 -3.18
N GLN A 41 -5.34 -7.36 -3.80
CA GLN A 41 -4.22 -7.55 -4.71
C GLN A 41 -2.93 -6.96 -4.12
N LEU A 42 -1.83 -7.09 -4.86
CA LEU A 42 -0.55 -6.57 -4.41
C LEU A 42 -0.03 -5.51 -5.37
N GLU A 43 -0.64 -5.42 -6.55
CA GLU A 43 -0.25 -4.45 -7.55
C GLU A 43 -1.14 -3.21 -7.50
N ALA A 44 -0.59 -2.10 -7.02
CA ALA A 44 -1.34 -0.86 -6.92
C ALA A 44 -0.74 0.22 -7.80
N THR A 45 -1.57 0.82 -8.66
CA THR A 45 -1.11 1.87 -9.56
C THR A 45 -1.79 3.20 -9.24
N CYS A 46 -1.02 4.28 -9.31
CA CYS A 46 -1.53 5.61 -9.02
C CYS A 46 -2.20 6.20 -10.26
N PRO A 47 -3.49 6.56 -10.13
CA PRO A 47 -4.27 7.15 -11.22
C PRO A 47 -3.81 8.56 -11.57
N GLN A 48 -2.73 9.00 -10.93
CA GLN A 48 -2.19 10.33 -11.18
C GLN A 48 -0.73 10.25 -11.61
N CYS A 49 0.01 9.34 -11.00
CA CYS A 49 1.43 9.17 -11.32
C CYS A 49 1.70 7.75 -11.80
N HIS A 50 0.63 7.02 -12.12
CA HIS A 50 0.76 5.64 -12.59
C HIS A 50 2.01 4.98 -12.02
N GLN A 51 2.12 5.00 -10.69
CA GLN A 51 3.27 4.40 -10.02
C GLN A 51 2.90 3.06 -9.39
N THR A 52 3.41 1.98 -9.96
CA THR A 52 3.13 0.63 -9.46
C THR A 52 3.94 0.34 -8.21
N PHE A 53 3.26 0.33 -7.06
CA PHE A 53 3.92 0.06 -5.79
C PHE A 53 3.13 -0.97 -4.98
N CYS A 54 3.83 -1.71 -4.13
CA CYS A 54 3.20 -2.72 -3.30
C CYS A 54 2.23 -2.09 -2.30
N VAL A 55 1.23 -2.86 -1.88
CA VAL A 55 0.24 -2.38 -0.93
C VAL A 55 0.62 -2.74 0.49
N ARG A 56 1.55 -3.69 0.63
CA ARG A 56 2.00 -4.12 1.95
C ARG A 56 3.22 -3.32 2.40
N CYS A 57 4.34 -3.53 1.71
CA CYS A 57 5.57 -2.84 2.03
C CYS A 57 5.53 -1.39 1.55
N LYS A 58 4.71 -1.14 0.54
CA LYS A 58 4.56 0.20 -0.02
C LYS A 58 5.86 0.66 -0.68
N ARG A 59 6.47 -0.23 -1.47
CA ARG A 59 7.72 0.08 -2.16
C ARG A 59 7.59 -0.19 -3.65
N GLN A 60 8.54 0.32 -4.42
CA GLN A 60 8.54 0.14 -5.87
C GLN A 60 8.25 -1.31 -6.23
N TRP A 61 7.07 -1.54 -6.80
CA TRP A 61 6.67 -2.89 -7.20
C TRP A 61 7.72 -3.53 -8.11
N GLU A 62 7.67 -4.85 -8.21
CA GLU A 62 8.63 -5.58 -9.04
C GLU A 62 8.01 -6.88 -9.56
N GLU A 63 8.49 -7.34 -10.72
CA GLU A 63 7.98 -8.56 -11.31
C GLU A 63 8.22 -9.76 -10.40
N GLN A 64 9.37 -9.77 -9.74
CA GLN A 64 9.73 -10.86 -8.84
C GLN A 64 8.84 -10.84 -7.60
N HIS A 65 8.56 -9.64 -7.10
CA HIS A 65 7.72 -9.48 -5.91
C HIS A 65 6.33 -10.08 -6.14
N ARG A 66 5.89 -10.06 -7.40
CA ARG A 66 4.58 -10.60 -7.75
C ARG A 66 4.44 -12.05 -7.28
N GLY A 67 5.55 -12.78 -7.33
CA GLY A 67 5.53 -14.17 -6.90
C GLY A 67 6.17 -14.38 -5.55
N ARG A 68 6.34 -13.29 -4.80
CA ARG A 68 6.95 -13.35 -3.48
C ARG A 68 6.29 -12.34 -2.54
N SER A 69 6.73 -12.35 -1.28
CA SER A 69 6.18 -11.44 -0.28
C SER A 69 7.16 -10.31 0.03
N CYS A 70 6.75 -9.39 0.88
CA CYS A 70 7.58 -8.26 1.26
C CYS A 70 8.90 -8.73 1.88
N GLU A 71 8.83 -9.84 2.60
CA GLU A 71 10.01 -10.40 3.25
C GLU A 71 10.90 -11.13 2.24
N ASP A 72 10.36 -12.20 1.66
CA ASP A 72 11.11 -12.97 0.68
C ASP A 72 11.60 -12.10 -0.46
N PHE A 73 10.75 -11.18 -0.91
CA PHE A 73 11.10 -10.28 -1.99
C PHE A 73 12.41 -9.56 -1.70
N GLN A 74 12.47 -8.89 -0.56
CA GLN A 74 13.67 -8.17 -0.16
C GLN A 74 14.90 -9.05 -0.28
N ASN A 75 14.84 -10.23 0.33
CA ASN A 75 15.95 -11.17 0.30
C ASN A 75 16.42 -11.42 -1.12
N TRP A 76 15.47 -11.39 -2.06
CA TRP A 76 15.79 -11.62 -3.47
C TRP A 76 16.46 -10.39 -4.08
N LYS A 77 16.14 -9.22 -3.54
CA LYS A 77 16.71 -7.97 -4.03
C LYS A 77 18.19 -7.85 -3.64
N ARG A 78 18.49 -8.14 -2.38
CA ARG A 78 19.86 -8.06 -1.89
C ARG A 78 20.73 -9.11 -2.58
N MET A 79 20.15 -10.27 -2.87
CA MET A 79 20.88 -11.34 -3.53
C MET A 79 21.05 -11.05 -5.02
N ASN A 80 19.94 -10.77 -5.69
CA ASN A 80 19.97 -10.47 -7.12
C ASN A 80 20.58 -9.10 -7.38
N SER A 81 19.93 -8.06 -6.87
CA SER A 81 20.40 -6.69 -7.05
C SER A 81 21.49 -6.36 -6.03
N GLY A 82 22.35 -5.41 -6.39
CA GLY A 82 23.43 -5.02 -5.50
C GLY A 82 23.51 -3.51 -5.32
N PRO A 83 23.92 -3.08 -4.12
CA PRO A 83 24.05 -1.65 -3.80
C PRO A 83 25.20 -0.99 -4.53
N SER A 84 24.89 -0.38 -5.67
CA SER A 84 25.90 0.29 -6.48
C SER A 84 25.44 1.68 -6.90
N SER A 85 25.61 2.64 -5.99
CA SER A 85 25.20 4.03 -6.27
C SER A 85 25.62 4.95 -5.13
N GLY A 86 26.07 6.15 -5.49
CA GLY A 86 26.51 7.11 -4.49
C GLY A 86 25.66 8.36 -4.48
N GLY A 1 -46.39 34.81 -9.11
CA GLY A 1 -45.79 33.65 -8.49
C GLY A 1 -44.53 33.20 -9.21
N SER A 2 -43.86 32.20 -8.66
CA SER A 2 -42.63 31.67 -9.25
C SER A 2 -42.66 30.14 -9.30
N SER A 3 -41.61 29.56 -9.87
CA SER A 3 -41.52 28.11 -9.99
C SER A 3 -40.96 27.50 -8.71
N GLY A 4 -40.90 26.17 -8.68
CA GLY A 4 -40.38 25.48 -7.51
C GLY A 4 -40.17 24.00 -7.76
N SER A 5 -39.15 23.44 -7.11
CA SER A 5 -38.84 22.02 -7.28
C SER A 5 -37.84 21.57 -6.22
N SER A 6 -37.53 20.27 -6.22
CA SER A 6 -36.60 19.71 -5.25
C SER A 6 -35.22 19.52 -5.89
N GLY A 7 -35.19 18.81 -7.01
CA GLY A 7 -33.93 18.57 -7.70
C GLY A 7 -33.26 17.29 -7.23
N ALA A 8 -32.45 16.70 -8.11
CA ALA A 8 -31.76 15.46 -7.78
C ALA A 8 -30.57 15.73 -6.86
N LEU A 9 -29.99 14.67 -6.32
CA LEU A 9 -28.85 14.79 -5.42
C LEU A 9 -27.55 14.91 -6.20
N PHE A 10 -26.57 15.61 -5.61
CA PHE A 10 -25.28 15.80 -6.26
C PHE A 10 -24.68 14.46 -6.68
N HIS A 11 -24.30 13.65 -5.69
CA HIS A 11 -23.71 12.34 -5.95
C HIS A 11 -24.05 11.36 -4.85
N LYS A 12 -24.07 10.07 -5.18
CA LYS A 12 -24.38 9.03 -4.21
C LYS A 12 -23.89 9.42 -2.82
N LYS A 13 -24.60 8.96 -1.79
CA LYS A 13 -24.24 9.27 -0.41
C LYS A 13 -23.40 8.13 0.18
N LEU A 14 -22.10 8.35 0.26
CA LEU A 14 -21.19 7.34 0.82
C LEU A 14 -20.97 7.58 2.31
N THR A 15 -20.57 8.79 2.65
CA THR A 15 -20.32 9.15 4.05
C THR A 15 -20.84 10.55 4.37
N GLU A 16 -21.27 10.75 5.60
CA GLU A 16 -21.79 12.04 6.04
C GLU A 16 -21.33 12.37 7.45
N GLY A 17 -20.67 13.52 7.59
CA GLY A 17 -20.18 13.93 8.90
C GLY A 17 -19.55 12.79 9.67
N VAL A 18 -18.76 11.98 8.97
CA VAL A 18 -18.10 10.85 9.60
C VAL A 18 -16.60 11.09 9.74
N LEU A 19 -15.89 11.08 8.60
CA LEU A 19 -14.46 11.30 8.58
C LEU A 19 -13.80 10.72 9.82
N MET A 20 -14.34 9.61 10.31
CA MET A 20 -13.80 8.95 11.50
C MET A 20 -13.36 7.53 11.18
N ARG A 21 -14.10 6.86 10.30
CA ARG A 21 -13.79 5.49 9.91
C ARG A 21 -13.52 5.41 8.41
N ASP A 22 -12.36 4.86 8.07
CA ASP A 22 -11.99 4.71 6.66
C ASP A 22 -11.74 3.24 6.32
N PRO A 23 -11.92 2.90 5.03
CA PRO A 23 -11.73 1.53 4.54
C PRO A 23 -10.26 1.11 4.56
N LYS A 24 -9.57 1.34 3.44
CA LYS A 24 -8.16 0.99 3.32
C LYS A 24 -7.39 2.07 2.57
N PHE A 25 -6.57 2.82 3.30
CA PHE A 25 -5.77 3.88 2.68
C PHE A 25 -4.55 3.31 1.98
N LEU A 26 -4.38 3.67 0.71
CA LEU A 26 -3.25 3.20 -0.08
C LEU A 26 -2.68 4.32 -0.94
N TRP A 27 -1.40 4.64 -0.71
CA TRP A 27 -0.75 5.69 -1.47
C TRP A 27 0.74 5.37 -1.67
N CYS A 28 1.39 6.13 -2.54
CA CYS A 28 2.81 5.92 -2.82
C CYS A 28 3.66 6.37 -1.64
N ALA A 29 4.76 5.66 -1.42
CA ALA A 29 5.67 5.99 -0.32
C ALA A 29 6.07 7.45 -0.36
N GLN A 30 6.57 7.89 -1.51
CA GLN A 30 7.00 9.28 -1.67
C GLN A 30 5.84 10.15 -2.15
N CYS A 31 5.28 9.81 -3.30
CA CYS A 31 4.17 10.55 -3.86
C CYS A 31 3.01 10.63 -2.88
N SER A 32 2.84 9.58 -2.08
CA SER A 32 1.77 9.52 -1.10
C SER A 32 0.56 10.32 -1.57
N PHE A 33 0.06 9.98 -2.76
CA PHE A 33 -1.10 10.65 -3.33
C PHE A 33 -2.27 10.62 -2.35
N GLY A 34 -2.56 9.44 -1.82
CA GLY A 34 -3.66 9.30 -0.89
C GLY A 34 -4.95 8.90 -1.57
N PHE A 35 -5.13 7.60 -1.79
CA PHE A 35 -6.33 7.09 -2.44
C PHE A 35 -6.63 5.67 -1.99
N ILE A 36 -7.89 5.27 -2.09
CA ILE A 36 -8.31 3.93 -1.70
C ILE A 36 -8.28 2.97 -2.88
N TYR A 37 -8.11 1.68 -2.59
CA TYR A 37 -8.06 0.67 -3.64
C TYR A 37 -9.04 -0.47 -3.34
N GLU A 38 -9.24 -0.74 -2.05
CA GLU A 38 -10.15 -1.80 -1.63
C GLU A 38 -10.02 -3.02 -2.54
N ARG A 39 -8.78 -3.44 -2.80
CA ARG A 39 -8.53 -4.58 -3.66
C ARG A 39 -7.90 -5.73 -2.87
N GLU A 40 -8.00 -6.94 -3.40
CA GLU A 40 -7.44 -8.11 -2.74
C GLU A 40 -6.22 -8.63 -3.50
N GLN A 41 -5.37 -7.71 -3.93
CA GLN A 41 -4.16 -8.07 -4.66
C GLN A 41 -2.99 -7.21 -4.23
N LEU A 42 -1.77 -7.73 -4.42
CA LEU A 42 -0.56 -7.01 -4.05
C LEU A 42 -0.08 -6.14 -5.21
N GLU A 43 -1.01 -5.73 -6.06
CA GLU A 43 -0.68 -4.89 -7.21
C GLU A 43 -1.70 -3.76 -7.37
N ALA A 44 -1.28 -2.55 -7.04
CA ALA A 44 -2.16 -1.38 -7.14
C ALA A 44 -1.49 -0.27 -7.95
N THR A 45 -2.31 0.48 -8.68
CA THR A 45 -1.81 1.57 -9.50
C THR A 45 -2.31 2.92 -9.01
N CYS A 46 -1.41 3.90 -8.93
CA CYS A 46 -1.77 5.23 -8.47
C CYS A 46 -2.64 5.95 -9.49
N PRO A 47 -3.85 6.32 -9.08
CA PRO A 47 -4.81 7.02 -9.94
C PRO A 47 -4.38 8.44 -10.24
N GLN A 48 -3.16 8.78 -9.85
CA GLN A 48 -2.62 10.12 -10.09
C GLN A 48 -1.28 10.05 -10.81
N CYS A 49 -0.36 9.27 -10.25
CA CYS A 49 0.98 9.13 -10.83
C CYS A 49 1.07 7.82 -11.63
N HIS A 50 0.03 7.00 -11.54
CA HIS A 50 0.00 5.73 -12.24
C HIS A 50 1.29 4.94 -11.99
N GLN A 51 1.67 4.82 -10.73
CA GLN A 51 2.88 4.10 -10.36
C GLN A 51 2.54 2.79 -9.65
N THR A 52 3.04 1.69 -10.19
CA THR A 52 2.80 0.37 -9.61
C THR A 52 3.67 0.13 -8.39
N PHE A 53 3.04 0.12 -7.21
CA PHE A 53 3.77 -0.10 -5.96
C PHE A 53 2.97 -1.00 -5.02
N CYS A 54 3.69 -1.79 -4.23
CA CYS A 54 3.05 -2.71 -3.29
C CYS A 54 2.13 -1.95 -2.34
N VAL A 55 1.10 -2.64 -1.86
CA VAL A 55 0.14 -2.03 -0.94
C VAL A 55 0.54 -2.29 0.51
N ARG A 56 1.39 -3.29 0.72
CA ARG A 56 1.85 -3.64 2.06
C ARG A 56 3.05 -2.79 2.46
N CYS A 57 4.20 -3.07 1.86
CA CYS A 57 5.42 -2.34 2.16
C CYS A 57 5.35 -0.92 1.60
N LYS A 58 4.46 -0.71 0.63
CA LYS A 58 4.29 0.59 0.01
C LYS A 58 5.55 1.00 -0.75
N ARG A 59 6.13 0.05 -1.48
CA ARG A 59 7.33 0.31 -2.26
C ARG A 59 7.13 -0.06 -3.73
N GLN A 60 8.09 0.29 -4.56
CA GLN A 60 8.02 -0.01 -5.99
C GLN A 60 7.76 -1.49 -6.22
N TRP A 61 6.71 -1.80 -6.97
CA TRP A 61 6.35 -3.19 -7.25
C TRP A 61 7.40 -3.83 -8.18
N GLU A 62 7.54 -5.14 -8.07
CA GLU A 62 8.49 -5.87 -8.90
C GLU A 62 7.94 -7.24 -9.29
N GLU A 63 8.12 -7.61 -10.55
CA GLU A 63 7.64 -8.90 -11.05
C GLU A 63 8.01 -10.02 -10.09
N GLN A 64 9.19 -9.91 -9.48
CA GLN A 64 9.66 -10.92 -8.55
C GLN A 64 8.86 -10.87 -7.25
N HIS A 65 8.46 -9.67 -6.85
CA HIS A 65 7.68 -9.49 -5.63
C HIS A 65 6.35 -10.23 -5.71
N ARG A 66 5.83 -10.38 -6.93
CA ARG A 66 4.56 -11.07 -7.15
C ARG A 66 4.58 -12.44 -6.48
N GLY A 67 5.53 -13.28 -6.88
CA GLY A 67 5.63 -14.62 -6.31
C GLY A 67 6.38 -14.63 -4.99
N ARG A 68 6.39 -13.49 -4.31
CA ARG A 68 7.08 -13.37 -3.03
C ARG A 68 6.38 -12.34 -2.13
N SER A 69 6.96 -12.10 -0.96
CA SER A 69 6.40 -11.15 -0.02
C SER A 69 7.33 -9.95 0.17
N CYS A 70 6.88 -8.98 0.96
CA CYS A 70 7.67 -7.78 1.21
C CYS A 70 9.02 -8.13 1.80
N GLU A 71 9.05 -9.20 2.60
CA GLU A 71 10.29 -9.65 3.23
C GLU A 71 11.14 -10.46 2.25
N ASP A 72 10.60 -11.60 1.82
CA ASP A 72 11.31 -12.47 0.89
C ASP A 72 11.78 -11.68 -0.33
N PHE A 73 10.95 -10.74 -0.78
CA PHE A 73 11.27 -9.92 -1.94
C PHE A 73 12.63 -9.24 -1.76
N GLN A 74 12.78 -8.54 -0.65
CA GLN A 74 14.03 -7.83 -0.36
C GLN A 74 15.23 -8.76 -0.52
N ASN A 75 15.16 -9.93 0.11
CA ASN A 75 16.23 -10.90 0.05
C ASN A 75 16.63 -11.18 -1.41
N TRP A 76 15.63 -11.22 -2.27
CA TRP A 76 15.86 -11.47 -3.69
C TRP A 76 16.54 -10.29 -4.35
N LYS A 77 16.28 -9.09 -3.84
CA LYS A 77 16.88 -7.87 -4.38
C LYS A 77 18.36 -7.80 -4.05
N ARG A 78 18.70 -8.05 -2.79
CA ARG A 78 20.08 -8.00 -2.35
C ARG A 78 20.91 -9.08 -3.05
N MET A 79 20.26 -10.20 -3.37
CA MET A 79 20.94 -11.30 -4.05
C MET A 79 21.04 -11.04 -5.55
N ASN A 80 19.90 -10.70 -6.16
CA ASN A 80 19.85 -10.44 -7.59
C ASN A 80 20.49 -9.09 -7.91
N SER A 81 19.90 -8.02 -7.41
CA SER A 81 20.41 -6.67 -7.65
C SER A 81 21.65 -6.41 -6.81
N GLY A 82 22.83 -6.53 -7.42
CA GLY A 82 24.07 -6.30 -6.70
C GLY A 82 24.64 -4.93 -6.97
N PRO A 83 25.66 -4.54 -6.18
CA PRO A 83 26.32 -3.24 -6.32
C PRO A 83 27.14 -3.14 -7.59
N SER A 84 27.59 -4.29 -8.10
CA SER A 84 28.39 -4.32 -9.32
C SER A 84 27.69 -5.11 -10.41
N SER A 85 27.86 -4.68 -11.66
CA SER A 85 27.24 -5.35 -12.79
C SER A 85 25.71 -5.32 -12.67
N GLY A 86 25.19 -4.17 -12.26
CA GLY A 86 23.75 -4.03 -12.11
C GLY A 86 23.36 -2.74 -11.40
N GLY A 1 -38.94 -10.89 -17.75
CA GLY A 1 -38.72 -9.69 -16.95
C GLY A 1 -38.51 -10.01 -15.49
N SER A 2 -37.75 -9.16 -14.79
CA SER A 2 -37.48 -9.34 -13.38
C SER A 2 -36.70 -8.17 -12.81
N SER A 3 -36.75 -8.02 -11.48
CA SER A 3 -36.05 -6.93 -10.82
C SER A 3 -35.78 -7.28 -9.36
N GLY A 4 -34.69 -6.72 -8.82
CA GLY A 4 -34.33 -6.99 -7.44
C GLY A 4 -32.99 -6.39 -7.06
N SER A 5 -32.74 -6.26 -5.77
CA SER A 5 -31.49 -5.70 -5.27
C SER A 5 -31.33 -5.96 -3.78
N SER A 6 -30.28 -6.71 -3.43
CA SER A 6 -30.01 -7.05 -2.05
C SER A 6 -28.64 -7.70 -1.90
N GLY A 7 -28.15 -7.77 -0.66
CA GLY A 7 -26.86 -8.37 -0.40
C GLY A 7 -26.02 -7.55 0.57
N ALA A 8 -25.84 -8.08 1.77
CA ALA A 8 -25.05 -7.39 2.79
C ALA A 8 -24.51 -8.38 3.83
N LEU A 9 -23.50 -7.94 4.58
CA LEU A 9 -22.90 -8.79 5.60
C LEU A 9 -23.73 -8.78 6.89
N PHE A 10 -23.93 -9.95 7.46
CA PHE A 10 -24.71 -10.07 8.70
C PHE A 10 -24.48 -8.86 9.60
N HIS A 11 -25.58 -8.25 10.04
CA HIS A 11 -25.50 -7.08 10.90
C HIS A 11 -24.49 -7.30 12.03
N LYS A 12 -24.70 -8.35 12.81
CA LYS A 12 -23.81 -8.68 13.91
C LYS A 12 -22.67 -9.59 13.45
N LYS A 13 -21.45 -9.25 13.85
CA LYS A 13 -20.28 -10.04 13.48
C LYS A 13 -19.26 -10.06 14.60
N LEU A 14 -18.17 -10.81 14.40
CA LEU A 14 -17.11 -10.90 15.40
C LEU A 14 -16.36 -9.58 15.53
N THR A 15 -16.01 -8.99 14.39
CA THR A 15 -15.30 -7.72 14.38
C THR A 15 -14.45 -7.56 15.63
N GLU A 16 -13.73 -8.62 15.99
CA GLU A 16 -12.88 -8.58 17.17
C GLU A 16 -11.58 -7.83 16.89
N GLY A 17 -10.95 -7.32 17.95
CA GLY A 17 -9.72 -6.59 17.79
C GLY A 17 -9.76 -5.60 16.64
N VAL A 18 -10.84 -4.83 16.58
CA VAL A 18 -11.01 -3.84 15.51
C VAL A 18 -11.28 -2.46 16.09
N LEU A 19 -10.21 -1.72 16.36
CA LEU A 19 -10.33 -0.38 16.92
C LEU A 19 -10.05 0.68 15.85
N MET A 20 -10.58 0.46 14.65
CA MET A 20 -10.39 1.39 13.55
C MET A 20 -11.66 1.52 12.72
N ARG A 21 -11.98 2.74 12.31
CA ARG A 21 -13.18 2.99 11.51
C ARG A 21 -12.81 3.22 10.05
N ASP A 22 -11.69 2.64 9.62
CA ASP A 22 -11.23 2.79 8.25
C ASP A 22 -10.77 1.45 7.69
N PRO A 23 -11.07 1.21 6.39
CA PRO A 23 -10.70 -0.03 5.71
C PRO A 23 -9.19 -0.15 5.49
N LYS A 24 -8.72 0.33 4.35
CA LYS A 24 -7.30 0.28 4.02
C LYS A 24 -6.87 1.55 3.28
N PHE A 25 -6.01 2.33 3.92
CA PHE A 25 -5.51 3.57 3.32
C PHE A 25 -4.32 3.30 2.41
N LEU A 26 -4.58 3.23 1.10
CA LEU A 26 -3.54 2.97 0.13
C LEU A 26 -3.21 4.23 -0.67
N TRP A 27 -1.95 4.67 -0.60
CA TRP A 27 -1.52 5.86 -1.31
C TRP A 27 -0.07 5.72 -1.77
N CYS A 28 0.35 6.61 -2.67
CA CYS A 28 1.71 6.57 -3.19
C CYS A 28 2.71 7.08 -2.16
N ALA A 29 3.76 6.30 -1.93
CA ALA A 29 4.79 6.68 -0.96
C ALA A 29 5.69 7.77 -1.51
N GLN A 30 5.33 8.30 -2.68
CA GLN A 30 6.11 9.36 -3.31
C GLN A 30 5.25 10.59 -3.57
N CYS A 31 3.98 10.36 -3.90
CA CYS A 31 3.05 11.46 -4.17
C CYS A 31 2.08 11.65 -3.01
N SER A 32 1.80 10.57 -2.30
CA SER A 32 0.89 10.63 -1.16
C SER A 32 -0.51 11.04 -1.61
N PHE A 33 -1.06 10.33 -2.57
CA PHE A 33 -2.39 10.62 -3.09
C PHE A 33 -3.44 10.51 -1.99
N GLY A 34 -3.69 9.28 -1.54
CA GLY A 34 -4.67 9.06 -0.49
C GLY A 34 -6.00 8.62 -1.04
N PHE A 35 -6.22 7.31 -1.13
CA PHE A 35 -7.46 6.77 -1.65
C PHE A 35 -7.58 5.27 -1.33
N ILE A 36 -8.76 4.86 -0.88
CA ILE A 36 -9.00 3.47 -0.54
C ILE A 36 -9.11 2.60 -1.80
N TYR A 37 -8.63 1.36 -1.69
CA TYR A 37 -8.68 0.44 -2.83
C TYR A 37 -9.41 -0.84 -2.44
N GLU A 38 -9.29 -1.23 -1.18
CA GLU A 38 -9.95 -2.45 -0.70
C GLU A 38 -10.10 -3.47 -1.82
N ARG A 39 -8.98 -3.79 -2.47
CA ARG A 39 -8.98 -4.76 -3.56
C ARG A 39 -8.25 -6.03 -3.15
N GLU A 40 -7.79 -6.08 -1.91
CA GLU A 40 -7.07 -7.24 -1.39
C GLU A 40 -6.12 -7.79 -2.45
N GLN A 41 -5.38 -6.90 -3.10
CA GLN A 41 -4.44 -7.30 -4.13
C GLN A 41 -3.11 -6.57 -3.97
N LEU A 42 -2.03 -7.21 -4.42
CA LEU A 42 -0.69 -6.62 -4.31
C LEU A 42 -0.32 -5.91 -5.61
N GLU A 43 -1.32 -5.39 -6.31
CA GLU A 43 -1.08 -4.68 -7.56
C GLU A 43 -1.89 -3.38 -7.61
N ALA A 44 -1.24 -2.28 -7.26
CA ALA A 44 -1.88 -0.97 -7.26
C ALA A 44 -1.08 0.03 -8.09
N THR A 45 -1.80 0.95 -8.75
CA THR A 45 -1.15 1.95 -9.58
C THR A 45 -1.50 3.36 -9.11
N CYS A 46 -0.54 4.27 -9.19
CA CYS A 46 -0.75 5.65 -8.77
C CYS A 46 -1.59 6.41 -9.80
N PRO A 47 -2.71 6.98 -9.34
CA PRO A 47 -3.62 7.74 -10.19
C PRO A 47 -3.01 9.07 -10.64
N GLN A 48 -1.75 9.28 -10.32
CA GLN A 48 -1.05 10.50 -10.69
C GLN A 48 0.18 10.20 -11.53
N CYS A 49 1.16 9.57 -10.91
CA CYS A 49 2.40 9.21 -11.61
C CYS A 49 2.23 7.92 -12.40
N HIS A 50 1.24 7.13 -12.03
CA HIS A 50 0.96 5.86 -12.70
C HIS A 50 2.09 4.87 -12.47
N GLN A 51 2.55 4.79 -11.22
CA GLN A 51 3.63 3.88 -10.86
C GLN A 51 3.09 2.70 -10.05
N THR A 52 3.42 1.48 -10.48
CA THR A 52 2.97 0.28 -9.80
C THR A 52 3.79 0.02 -8.54
N PHE A 53 3.19 0.23 -7.38
CA PHE A 53 3.87 0.02 -6.11
C PHE A 53 3.08 -0.93 -5.23
N CYS A 54 3.79 -1.71 -4.42
CA CYS A 54 3.15 -2.67 -3.52
C CYS A 54 2.21 -1.96 -2.54
N VAL A 55 1.20 -2.68 -2.07
CA VAL A 55 0.24 -2.12 -1.14
C VAL A 55 0.65 -2.40 0.31
N ARG A 56 1.57 -3.33 0.48
CA ARG A 56 2.06 -3.69 1.82
C ARG A 56 3.29 -2.88 2.19
N CYS A 57 4.40 -3.15 1.52
CA CYS A 57 5.65 -2.45 1.77
C CYS A 57 5.60 -1.03 1.21
N LYS A 58 4.76 -0.84 0.20
CA LYS A 58 4.62 0.46 -0.43
C LYS A 58 5.91 0.88 -1.14
N ARG A 59 6.48 -0.04 -1.91
CA ARG A 59 7.71 0.22 -2.64
C ARG A 59 7.53 -0.09 -4.12
N GLN A 60 8.57 0.21 -4.91
CA GLN A 60 8.53 -0.03 -6.34
C GLN A 60 8.26 -1.50 -6.65
N TRP A 61 7.06 -1.79 -7.13
CA TRP A 61 6.67 -3.16 -7.45
C TRP A 61 7.72 -3.82 -8.33
N GLU A 62 7.72 -5.15 -8.36
CA GLU A 62 8.68 -5.91 -9.15
C GLU A 62 8.12 -7.28 -9.52
N GLU A 63 8.32 -7.69 -10.77
CA GLU A 63 7.83 -8.98 -11.23
C GLU A 63 8.15 -10.08 -10.23
N GLN A 64 9.36 -10.04 -9.68
CA GLN A 64 9.80 -11.03 -8.70
C GLN A 64 8.93 -10.96 -7.44
N HIS A 65 8.61 -9.74 -7.01
CA HIS A 65 7.80 -9.53 -5.82
C HIS A 65 6.44 -10.21 -5.96
N ARG A 66 5.91 -10.21 -7.19
CA ARG A 66 4.61 -10.82 -7.45
C ARG A 66 4.53 -12.21 -6.84
N GLY A 67 5.47 -13.08 -7.21
CA GLY A 67 5.47 -14.43 -6.69
C GLY A 67 6.14 -14.51 -5.33
N ARG A 68 6.22 -13.38 -4.64
CA ARG A 68 6.84 -13.33 -3.31
C ARG A 68 6.18 -12.27 -2.44
N SER A 69 6.71 -12.08 -1.25
CA SER A 69 6.17 -11.09 -0.31
C SER A 69 7.17 -9.98 -0.05
N CYS A 70 6.77 -9.01 0.77
CA CYS A 70 7.64 -7.88 1.10
C CYS A 70 8.92 -8.37 1.77
N GLU A 71 8.81 -9.45 2.53
CA GLU A 71 9.96 -10.02 3.22
C GLU A 71 10.85 -10.81 2.26
N ASP A 72 10.29 -11.89 1.72
CA ASP A 72 11.02 -12.73 0.78
C ASP A 72 11.58 -11.90 -0.38
N PHE A 73 10.77 -10.98 -0.88
CA PHE A 73 11.17 -10.13 -1.99
C PHE A 73 12.51 -9.46 -1.70
N GLN A 74 12.59 -8.80 -0.55
CA GLN A 74 13.82 -8.11 -0.15
C GLN A 74 15.02 -9.04 -0.25
N ASN A 75 14.89 -10.22 0.35
CA ASN A 75 15.97 -11.21 0.34
C ASN A 75 16.44 -11.48 -1.10
N TRP A 76 15.49 -11.46 -2.03
CA TRP A 76 15.80 -11.71 -3.43
C TRP A 76 16.55 -10.53 -4.03
N LYS A 77 16.31 -9.35 -3.51
CA LYS A 77 16.95 -8.13 -3.99
C LYS A 77 18.42 -8.10 -3.57
N ARG A 78 18.68 -8.39 -2.30
CA ARG A 78 20.03 -8.38 -1.78
C ARG A 78 20.88 -9.47 -2.45
N MET A 79 20.22 -10.54 -2.88
CA MET A 79 20.91 -11.63 -3.55
C MET A 79 21.08 -11.36 -5.04
N ASN A 80 19.99 -10.98 -5.69
CA ASN A 80 20.01 -10.69 -7.12
C ASN A 80 20.70 -9.35 -7.38
N SER A 81 20.11 -8.27 -6.89
CA SER A 81 20.66 -6.94 -7.07
C SER A 81 21.94 -6.76 -6.26
N GLY A 82 21.80 -6.86 -4.93
CA GLY A 82 22.95 -6.72 -4.07
C GLY A 82 22.62 -5.93 -2.80
N PRO A 83 23.62 -5.79 -1.91
CA PRO A 83 23.45 -5.07 -0.65
C PRO A 83 23.29 -3.57 -0.86
N SER A 84 23.61 -3.11 -2.07
CA SER A 84 23.51 -1.69 -2.39
C SER A 84 22.11 -1.16 -2.11
N SER A 85 21.99 -0.33 -1.08
CA SER A 85 20.70 0.24 -0.70
C SER A 85 19.65 -0.86 -0.54
N GLY A 86 20.04 -1.96 0.09
CA GLY A 86 19.11 -3.06 0.29
C GLY A 86 18.42 -2.99 1.63
N GLY A 1 4.10 -17.21 44.63
CA GLY A 1 3.28 -16.74 43.53
C GLY A 1 3.18 -17.74 42.40
N SER A 2 2.41 -18.81 42.62
CA SER A 2 2.24 -19.85 41.62
C SER A 2 1.88 -19.25 40.25
N SER A 3 0.95 -18.30 40.27
CA SER A 3 0.51 -17.65 39.05
C SER A 3 -0.28 -16.38 39.36
N GLY A 4 -0.64 -15.64 38.31
CA GLY A 4 -1.39 -14.41 38.49
C GLY A 4 -1.57 -13.65 37.20
N SER A 5 -2.32 -12.55 37.27
CA SER A 5 -2.58 -11.73 36.09
C SER A 5 -1.83 -10.41 36.18
N SER A 6 -1.69 -9.73 35.03
CA SER A 6 -0.99 -8.45 34.99
C SER A 6 -1.91 -7.35 34.45
N GLY A 7 -1.68 -6.13 34.92
CA GLY A 7 -2.50 -5.00 34.47
C GLY A 7 -1.93 -4.34 33.22
N ALA A 8 -2.82 -3.85 32.37
CA ALA A 8 -2.41 -3.18 31.14
C ALA A 8 -3.54 -2.32 30.58
N LEU A 9 -3.23 -1.58 29.52
CA LEU A 9 -4.22 -0.72 28.87
C LEU A 9 -5.12 -1.51 27.94
N PHE A 10 -6.42 -1.21 27.99
CA PHE A 10 -7.40 -1.91 27.15
C PHE A 10 -6.78 -2.29 25.80
N HIS A 11 -7.26 -3.38 25.23
CA HIS A 11 -6.76 -3.85 23.94
C HIS A 11 -7.33 -3.01 22.80
N LYS A 12 -6.95 -1.73 22.76
CA LYS A 12 -7.42 -0.82 21.72
C LYS A 12 -6.74 0.54 21.85
N LYS A 13 -6.39 1.12 20.70
CA LYS A 13 -5.73 2.42 20.68
C LYS A 13 -5.77 3.02 19.28
N LEU A 14 -6.28 4.25 19.18
CA LEU A 14 -6.36 4.93 17.89
C LEU A 14 -6.10 6.43 18.06
N THR A 15 -5.92 7.12 16.93
CA THR A 15 -5.66 8.55 16.95
C THR A 15 -6.78 9.30 17.68
N GLU A 16 -6.41 10.43 18.29
CA GLU A 16 -7.39 11.24 19.02
C GLU A 16 -8.17 12.15 18.08
N GLY A 17 -9.17 12.84 18.62
CA GLY A 17 -9.98 13.73 17.81
C GLY A 17 -10.27 13.16 16.44
N VAL A 18 -10.83 11.95 16.41
CA VAL A 18 -11.17 11.29 15.16
C VAL A 18 -12.59 10.76 15.18
N LEU A 19 -13.42 11.25 14.26
CA LEU A 19 -14.82 10.82 14.17
C LEU A 19 -15.16 10.39 12.75
N MET A 20 -14.29 9.58 12.16
CA MET A 20 -14.51 9.09 10.80
C MET A 20 -13.94 7.69 10.64
N ARG A 21 -14.69 6.82 9.96
CA ARG A 21 -14.26 5.45 9.73
C ARG A 21 -13.72 5.27 8.32
N ASP A 22 -12.66 4.49 8.19
CA ASP A 22 -12.04 4.24 6.89
C ASP A 22 -11.47 2.83 6.83
N PRO A 23 -11.66 2.16 5.68
CA PRO A 23 -11.17 0.79 5.47
C PRO A 23 -9.64 0.74 5.36
N LYS A 24 -9.15 0.88 4.13
CA LYS A 24 -7.70 0.85 3.89
C LYS A 24 -7.33 1.77 2.73
N PHE A 25 -6.61 2.85 3.04
CA PHE A 25 -6.20 3.80 2.02
C PHE A 25 -4.84 3.41 1.44
N LEU A 26 -4.73 3.46 0.12
CA LEU A 26 -3.49 3.11 -0.57
C LEU A 26 -2.90 4.33 -1.27
N TRP A 27 -1.66 4.66 -0.93
CA TRP A 27 -0.98 5.80 -1.53
C TRP A 27 0.52 5.52 -1.67
N CYS A 28 1.21 6.38 -2.44
CA CYS A 28 2.64 6.22 -2.65
C CYS A 28 3.43 6.77 -1.48
N ALA A 29 4.52 6.09 -1.13
CA ALA A 29 5.35 6.51 -0.02
C ALA A 29 5.92 7.91 -0.26
N GLN A 30 5.73 8.41 -1.47
CA GLN A 30 6.22 9.74 -1.82
C GLN A 30 5.07 10.71 -2.04
N CYS A 31 4.28 10.47 -3.08
CA CYS A 31 3.14 11.33 -3.39
C CYS A 31 2.10 11.27 -2.28
N SER A 32 1.95 10.10 -1.67
CA SER A 32 0.98 9.91 -0.59
C SER A 32 -0.37 10.49 -0.98
N PHE A 33 -0.91 10.03 -2.11
CA PHE A 33 -2.20 10.50 -2.59
C PHE A 33 -3.26 10.38 -1.51
N GLY A 34 -3.66 9.15 -1.21
CA GLY A 34 -4.66 8.92 -0.19
C GLY A 34 -6.01 8.54 -0.78
N PHE A 35 -6.20 7.25 -1.04
CA PHE A 35 -7.45 6.76 -1.61
C PHE A 35 -7.63 5.28 -1.34
N ILE A 36 -8.80 4.90 -0.84
CA ILE A 36 -9.10 3.51 -0.54
C ILE A 36 -9.09 2.66 -1.80
N TYR A 37 -8.36 1.55 -1.74
CA TYR A 37 -8.26 0.64 -2.89
C TYR A 37 -9.02 -0.66 -2.61
N GLU A 38 -9.00 -1.10 -1.36
CA GLU A 38 -9.67 -2.33 -0.96
C GLU A 38 -9.70 -3.32 -2.11
N ARG A 39 -8.60 -3.40 -2.85
CA ARG A 39 -8.49 -4.32 -3.98
C ARG A 39 -7.95 -5.67 -3.54
N GLU A 40 -7.54 -5.76 -2.27
CA GLU A 40 -7.00 -6.99 -1.73
C GLU A 40 -5.96 -7.60 -2.67
N GLN A 41 -5.11 -6.75 -3.22
CA GLN A 41 -4.07 -7.20 -4.14
C GLN A 41 -2.77 -6.43 -3.91
N LEU A 42 -1.66 -7.00 -4.38
CA LEU A 42 -0.35 -6.37 -4.23
C LEU A 42 -0.02 -5.50 -5.43
N GLU A 43 -0.72 -5.74 -6.54
CA GLU A 43 -0.51 -4.98 -7.76
C GLU A 43 -1.50 -3.80 -7.85
N ALA A 44 -1.11 -2.67 -7.27
CA ALA A 44 -1.96 -1.49 -7.29
C ALA A 44 -1.30 -0.36 -8.09
N THR A 45 -2.13 0.56 -8.60
CA THR A 45 -1.64 1.68 -9.37
C THR A 45 -2.14 3.01 -8.81
N CYS A 46 -1.42 4.08 -9.13
CA CYS A 46 -1.80 5.41 -8.65
C CYS A 46 -2.58 6.17 -9.72
N PRO A 47 -3.68 6.82 -9.32
CA PRO A 47 -4.52 7.59 -10.22
C PRO A 47 -3.84 8.87 -10.70
N GLN A 48 -2.68 9.17 -10.12
CA GLN A 48 -1.93 10.37 -10.49
C GLN A 48 -0.58 9.99 -11.11
N CYS A 49 0.15 9.10 -10.44
CA CYS A 49 1.45 8.66 -10.92
C CYS A 49 1.30 7.58 -11.99
N HIS A 50 0.21 6.82 -11.90
CA HIS A 50 -0.05 5.75 -12.86
C HIS A 50 1.07 4.71 -12.83
N GLN A 51 1.73 4.58 -11.69
CA GLN A 51 2.82 3.63 -11.54
C GLN A 51 2.40 2.46 -10.64
N THR A 52 2.89 1.27 -10.96
CA THR A 52 2.57 0.08 -10.18
C THR A 52 3.51 -0.07 -9.00
N PHE A 53 2.99 0.15 -7.79
CA PHE A 53 3.79 0.03 -6.58
C PHE A 53 3.08 -0.85 -5.56
N CYS A 54 3.87 -1.58 -4.77
CA CYS A 54 3.33 -2.46 -3.74
C CYS A 54 2.46 -1.68 -2.76
N VAL A 55 1.46 -2.36 -2.20
CA VAL A 55 0.56 -1.73 -1.23
C VAL A 55 1.05 -1.94 0.20
N ARG A 56 1.89 -2.94 0.38
CA ARG A 56 2.43 -3.26 1.70
C ARG A 56 3.69 -2.44 1.98
N CYS A 57 4.78 -2.80 1.32
CA CYS A 57 6.05 -2.10 1.50
C CYS A 57 5.99 -0.70 0.90
N LYS A 58 5.04 -0.50 0.00
CA LYS A 58 4.87 0.81 -0.65
C LYS A 58 6.10 1.17 -1.47
N ARG A 59 6.66 0.18 -2.16
CA ARG A 59 7.84 0.40 -2.99
C ARG A 59 7.55 0.05 -4.44
N GLN A 60 8.50 0.35 -5.32
CA GLN A 60 8.35 0.07 -6.74
C GLN A 60 8.16 -1.44 -6.99
N TRP A 61 6.99 -1.79 -7.50
CA TRP A 61 6.68 -3.19 -7.77
C TRP A 61 7.73 -3.81 -8.68
N GLU A 62 7.98 -5.10 -8.48
CA GLU A 62 8.98 -5.81 -9.28
C GLU A 62 8.46 -7.20 -9.67
N GLU A 63 8.71 -7.59 -10.92
CA GLU A 63 8.27 -8.88 -11.43
C GLU A 63 8.64 -10.00 -10.45
N GLN A 64 9.78 -9.84 -9.78
CA GLN A 64 10.24 -10.83 -8.81
C GLN A 64 9.35 -10.83 -7.57
N HIS A 65 8.85 -9.66 -7.20
CA HIS A 65 8.00 -9.53 -6.03
C HIS A 65 6.71 -10.33 -6.21
N ARG A 66 6.24 -10.41 -7.46
CA ARG A 66 5.02 -11.14 -7.76
C ARG A 66 5.06 -12.54 -7.14
N GLY A 67 4.02 -12.87 -6.36
CA GLY A 67 3.95 -14.17 -5.72
C GLY A 67 4.59 -14.17 -4.35
N ARG A 68 5.64 -13.38 -4.19
CA ARG A 68 6.35 -13.30 -2.91
C ARG A 68 5.85 -12.12 -2.09
N SER A 69 6.48 -11.89 -0.94
CA SER A 69 6.10 -10.79 -0.07
C SER A 69 7.25 -9.80 0.10
N CYS A 70 6.97 -8.70 0.78
CA CYS A 70 7.98 -7.66 1.00
C CYS A 70 9.22 -8.25 1.67
N GLU A 71 9.01 -9.26 2.51
CA GLU A 71 10.11 -9.91 3.21
C GLU A 71 10.94 -10.76 2.25
N ASP A 72 10.33 -11.81 1.72
CA ASP A 72 11.00 -12.70 0.78
C ASP A 72 11.61 -11.92 -0.37
N PHE A 73 10.83 -11.00 -0.94
CA PHE A 73 11.29 -10.18 -2.06
C PHE A 73 12.65 -9.56 -1.74
N GLN A 74 12.73 -8.87 -0.61
CA GLN A 74 13.96 -8.23 -0.20
C GLN A 74 15.14 -9.20 -0.26
N ASN A 75 14.97 -10.36 0.35
CA ASN A 75 16.02 -11.38 0.37
C ASN A 75 16.52 -11.67 -1.05
N TRP A 76 15.61 -11.57 -2.02
CA TRP A 76 15.96 -11.83 -3.41
C TRP A 76 16.81 -10.68 -3.97
N LYS A 77 16.58 -9.48 -3.45
CA LYS A 77 17.31 -8.31 -3.90
C LYS A 77 18.77 -8.36 -3.44
N ARG A 78 18.96 -8.74 -2.17
CA ARG A 78 20.30 -8.83 -1.60
C ARG A 78 21.08 -9.96 -2.24
N MET A 79 20.37 -11.02 -2.63
CA MET A 79 21.00 -12.18 -3.25
C MET A 79 21.27 -11.92 -4.73
N ASN A 80 20.24 -11.48 -5.45
CA ASN A 80 20.37 -11.20 -6.87
C ASN A 80 21.15 -9.90 -7.11
N SER A 81 20.56 -8.79 -6.69
CA SER A 81 21.19 -7.48 -6.85
C SER A 81 22.36 -7.32 -5.89
N GLY A 82 23.15 -6.27 -6.10
CA GLY A 82 24.29 -6.02 -5.24
C GLY A 82 23.97 -5.05 -4.12
N PRO A 83 24.42 -5.38 -2.90
CA PRO A 83 24.19 -4.54 -1.72
C PRO A 83 24.98 -3.24 -1.77
N SER A 84 25.90 -3.13 -2.73
CA SER A 84 26.72 -1.94 -2.88
C SER A 84 26.60 -1.39 -4.30
N SER A 85 26.89 -0.10 -4.45
CA SER A 85 26.81 0.56 -5.75
C SER A 85 28.15 1.19 -6.11
N GLY A 86 28.60 0.94 -7.34
CA GLY A 86 29.87 1.49 -7.79
C GLY A 86 30.94 1.43 -6.73
N GLY A 1 -32.21 7.85 -15.39
CA GLY A 1 -32.57 6.72 -16.24
C GLY A 1 -31.71 5.49 -15.95
N SER A 2 -31.54 5.19 -14.67
CA SER A 2 -30.73 4.04 -14.26
C SER A 2 -31.50 3.17 -13.26
N SER A 3 -32.06 3.80 -12.25
CA SER A 3 -32.81 3.09 -11.22
C SER A 3 -33.72 4.04 -10.45
N GLY A 4 -34.49 3.49 -9.51
CA GLY A 4 -35.39 4.31 -8.72
C GLY A 4 -35.12 4.18 -7.23
N SER A 5 -34.10 4.90 -6.76
CA SER A 5 -33.74 4.87 -5.35
C SER A 5 -32.63 5.87 -5.05
N SER A 6 -32.95 6.88 -4.24
CA SER A 6 -31.97 7.90 -3.88
C SER A 6 -32.42 8.65 -2.63
N GLY A 7 -31.46 9.28 -1.96
CA GLY A 7 -31.77 10.03 -0.75
C GLY A 7 -31.24 9.36 0.51
N ALA A 8 -31.57 9.92 1.66
CA ALA A 8 -31.12 9.36 2.93
C ALA A 8 -31.37 7.87 2.99
N LEU A 9 -30.87 7.23 4.05
CA LEU A 9 -31.04 5.79 4.23
C LEU A 9 -31.84 5.49 5.50
N PHE A 10 -31.97 4.21 5.83
CA PHE A 10 -32.70 3.80 7.01
C PHE A 10 -32.57 4.83 8.12
N HIS A 11 -31.33 5.15 8.49
CA HIS A 11 -31.07 6.13 9.53
C HIS A 11 -31.36 7.54 9.05
N LYS A 12 -31.70 8.43 9.99
CA LYS A 12 -32.01 9.82 9.65
C LYS A 12 -30.74 10.66 9.67
N LYS A 13 -29.64 10.09 9.18
CA LYS A 13 -28.37 10.80 9.14
C LYS A 13 -28.18 11.65 10.39
N LEU A 14 -28.50 11.09 11.54
CA LEU A 14 -28.37 11.80 12.81
C LEU A 14 -26.96 12.37 12.97
N THR A 15 -25.95 11.52 12.78
CA THR A 15 -24.56 11.94 12.90
C THR A 15 -24.03 12.48 11.57
N GLU A 16 -23.51 13.70 11.61
CA GLU A 16 -22.98 14.33 10.40
C GLU A 16 -21.58 14.89 10.66
N GLY A 17 -20.78 14.98 9.60
CA GLY A 17 -19.44 15.50 9.73
C GLY A 17 -18.59 14.69 10.69
N VAL A 18 -18.76 13.37 10.64
CA VAL A 18 -18.01 12.47 11.52
C VAL A 18 -17.19 11.47 10.70
N LEU A 19 -15.87 11.60 10.77
CA LEU A 19 -14.98 10.70 10.04
C LEU A 19 -13.82 10.25 10.92
N MET A 20 -14.04 9.14 11.63
CA MET A 20 -13.01 8.60 12.52
C MET A 20 -12.78 7.12 12.23
N ARG A 21 -12.82 6.77 10.95
CA ARG A 21 -12.60 5.38 10.53
C ARG A 21 -12.40 5.29 9.02
N ASP A 22 -11.76 4.21 8.59
CA ASP A 22 -11.50 4.00 7.16
C ASP A 22 -11.19 2.54 6.87
N PRO A 23 -11.50 2.10 5.65
CA PRO A 23 -11.26 0.71 5.22
C PRO A 23 -9.79 0.39 5.07
N LYS A 24 -9.09 1.18 4.25
CA LYS A 24 -7.66 0.98 4.03
C LYS A 24 -7.09 2.07 3.13
N PHE A 25 -6.37 3.01 3.73
CA PHE A 25 -5.77 4.11 2.99
C PHE A 25 -4.51 3.64 2.25
N LEU A 26 -4.66 3.39 0.95
CA LEU A 26 -3.54 2.95 0.13
C LEU A 26 -3.10 4.04 -0.83
N TRP A 27 -1.83 4.42 -0.76
CA TRP A 27 -1.28 5.45 -1.64
C TRP A 27 0.18 5.18 -1.98
N CYS A 28 0.70 5.88 -2.98
CA CYS A 28 2.09 5.70 -3.39
C CYS A 28 3.04 6.45 -2.47
N ALA A 29 4.09 5.76 -2.03
CA ALA A 29 5.07 6.36 -1.13
C ALA A 29 5.99 7.31 -1.88
N GLN A 30 5.41 8.10 -2.78
CA GLN A 30 6.18 9.06 -3.57
C GLN A 30 5.49 10.42 -3.61
N CYS A 31 4.17 10.40 -3.62
CA CYS A 31 3.38 11.63 -3.66
C CYS A 31 2.40 11.69 -2.50
N SER A 32 2.12 10.53 -1.91
CA SER A 32 1.20 10.44 -0.78
C SER A 32 -0.20 10.88 -1.21
N PHE A 33 -0.62 10.42 -2.39
CA PHE A 33 -1.94 10.76 -2.91
C PHE A 33 -3.02 10.53 -1.85
N GLY A 34 -3.19 9.28 -1.45
CA GLY A 34 -4.19 8.94 -0.45
C GLY A 34 -5.54 8.61 -1.06
N PHE A 35 -5.75 7.34 -1.38
CA PHE A 35 -7.00 6.90 -1.97
C PHE A 35 -7.32 5.45 -1.57
N ILE A 36 -8.57 5.21 -1.22
CA ILE A 36 -9.01 3.88 -0.81
C ILE A 36 -9.01 2.92 -1.99
N TYR A 37 -8.78 1.64 -1.71
CA TYR A 37 -8.75 0.62 -2.75
C TYR A 37 -9.58 -0.59 -2.34
N GLU A 38 -9.54 -0.93 -1.06
CA GLU A 38 -10.28 -2.07 -0.53
C GLU A 38 -10.23 -3.24 -1.51
N ARG A 39 -9.06 -3.47 -2.09
CA ARG A 39 -8.87 -4.56 -3.04
C ARG A 39 -8.07 -5.70 -2.42
N GLU A 40 -8.20 -6.88 -2.99
CA GLU A 40 -7.48 -8.06 -2.50
C GLU A 40 -6.30 -8.40 -3.41
N GLN A 41 -5.56 -7.37 -3.82
CA GLN A 41 -4.40 -7.56 -4.69
C GLN A 41 -3.21 -6.76 -4.18
N LEU A 42 -2.05 -7.02 -4.77
CA LEU A 42 -0.82 -6.32 -4.38
C LEU A 42 -0.42 -5.29 -5.44
N GLU A 43 -1.01 -5.41 -6.63
CA GLU A 43 -0.71 -4.50 -7.72
C GLU A 43 -1.55 -3.23 -7.61
N ALA A 44 -0.91 -2.15 -7.17
CA ALA A 44 -1.60 -0.87 -7.02
C ALA A 44 -0.96 0.20 -7.89
N THR A 45 -1.77 0.94 -8.62
CA THR A 45 -1.29 1.99 -9.50
C THR A 45 -1.88 3.35 -9.12
N CYS A 46 -1.05 4.38 -9.13
CA CYS A 46 -1.49 5.73 -8.79
C CYS A 46 -2.33 6.34 -9.90
N PRO A 47 -3.42 7.01 -9.53
CA PRO A 47 -4.33 7.65 -10.48
C PRO A 47 -3.70 8.86 -11.16
N GLN A 48 -2.52 9.25 -10.69
CA GLN A 48 -1.81 10.39 -11.25
C GLN A 48 -0.37 10.03 -11.61
N CYS A 49 0.27 9.26 -10.73
CA CYS A 49 1.66 8.84 -10.94
C CYS A 49 1.71 7.64 -11.88
N HIS A 50 0.63 6.87 -11.91
CA HIS A 50 0.56 5.69 -12.76
C HIS A 50 1.74 4.75 -12.49
N GLN A 51 2.16 4.70 -11.23
CA GLN A 51 3.28 3.85 -10.84
C GLN A 51 2.80 2.64 -10.03
N THR A 52 3.37 1.49 -10.31
CA THR A 52 3.00 0.26 -9.60
C THR A 52 3.83 0.07 -8.34
N PHE A 53 3.18 0.23 -7.19
CA PHE A 53 3.87 0.08 -5.90
C PHE A 53 3.12 -0.88 -4.99
N CYS A 54 3.87 -1.64 -4.19
CA CYS A 54 3.27 -2.59 -3.27
C CYS A 54 2.31 -1.91 -2.31
N VAL A 55 1.27 -2.63 -1.90
CA VAL A 55 0.27 -2.08 -0.99
C VAL A 55 0.62 -2.42 0.45
N ARG A 56 1.62 -3.26 0.63
CA ARG A 56 2.06 -3.66 1.97
C ARG A 56 3.29 -2.87 2.40
N CYS A 57 4.43 -3.18 1.79
CA CYS A 57 5.68 -2.50 2.10
C CYS A 57 5.69 -1.09 1.53
N LYS A 58 4.77 -0.82 0.62
CA LYS A 58 4.66 0.51 0.00
C LYS A 58 5.96 0.86 -0.73
N ARG A 59 6.53 -0.12 -1.43
CA ARG A 59 7.77 0.10 -2.16
C ARG A 59 7.58 -0.21 -3.65
N GLN A 60 8.53 0.22 -4.46
CA GLN A 60 8.46 0.00 -5.90
C GLN A 60 8.22 -1.48 -6.21
N TRP A 61 7.06 -1.78 -6.75
CA TRP A 61 6.70 -3.15 -7.09
C TRP A 61 7.73 -3.76 -8.03
N GLU A 62 7.77 -5.09 -8.09
CA GLU A 62 8.71 -5.80 -8.95
C GLU A 62 8.16 -7.16 -9.34
N GLU A 63 8.37 -7.53 -10.60
CA GLU A 63 7.90 -8.81 -11.12
C GLU A 63 8.26 -9.95 -10.17
N GLN A 64 9.44 -9.84 -9.55
CA GLN A 64 9.91 -10.86 -8.62
C GLN A 64 9.06 -10.87 -7.36
N HIS A 65 8.56 -9.70 -6.98
CA HIS A 65 7.73 -9.57 -5.78
C HIS A 65 6.43 -10.35 -5.94
N ARG A 66 5.92 -10.40 -7.17
CA ARG A 66 4.68 -11.10 -7.46
C ARG A 66 4.68 -12.49 -6.82
N GLY A 67 5.65 -13.32 -7.24
CA GLY A 67 5.74 -14.66 -6.70
C GLY A 67 6.43 -14.71 -5.35
N ARG A 68 6.49 -13.56 -4.68
CA ARG A 68 7.13 -13.46 -3.37
C ARG A 68 6.39 -12.47 -2.48
N SER A 69 6.93 -12.23 -1.29
CA SER A 69 6.33 -11.30 -0.35
C SER A 69 7.27 -10.15 -0.04
N CYS A 70 6.82 -9.23 0.82
CA CYS A 70 7.62 -8.07 1.20
C CYS A 70 8.94 -8.52 1.83
N GLU A 71 8.92 -9.65 2.51
CA GLU A 71 10.11 -10.18 3.16
C GLU A 71 10.99 -10.93 2.17
N ASP A 72 10.46 -12.01 1.62
CA ASP A 72 11.20 -12.81 0.65
C ASP A 72 11.69 -11.95 -0.51
N PHE A 73 10.85 -11.01 -0.94
CA PHE A 73 11.20 -10.12 -2.04
C PHE A 73 12.53 -9.42 -1.78
N GLN A 74 12.63 -8.78 -0.62
CA GLN A 74 13.85 -8.07 -0.25
C GLN A 74 15.07 -8.98 -0.37
N ASN A 75 14.97 -10.17 0.24
CA ASN A 75 16.07 -11.13 0.20
C ASN A 75 16.51 -11.40 -1.23
N TRP A 76 15.56 -11.36 -2.16
CA TRP A 76 15.86 -11.59 -3.57
C TRP A 76 16.61 -10.41 -4.17
N LYS A 77 16.38 -9.23 -3.62
CA LYS A 77 17.04 -8.02 -4.10
C LYS A 77 18.51 -8.02 -3.72
N ARG A 78 18.78 -8.28 -2.45
CA ARG A 78 20.16 -8.31 -1.96
C ARG A 78 20.97 -9.39 -2.65
N MET A 79 20.30 -10.50 -2.97
CA MET A 79 20.96 -11.62 -3.65
C MET A 79 21.15 -11.33 -5.13
N ASN A 80 20.06 -10.91 -5.79
CA ASN A 80 20.10 -10.60 -7.20
C ASN A 80 20.81 -9.27 -7.46
N SER A 81 20.20 -8.19 -6.96
CA SER A 81 20.78 -6.86 -7.13
C SER A 81 22.05 -6.70 -6.30
N GLY A 82 21.91 -6.82 -4.99
CA GLY A 82 23.05 -6.68 -4.11
C GLY A 82 23.55 -5.25 -4.02
N PRO A 83 24.32 -4.95 -2.96
CA PRO A 83 24.88 -3.61 -2.75
C PRO A 83 25.96 -3.27 -3.76
N SER A 84 25.55 -2.72 -4.90
CA SER A 84 26.49 -2.35 -5.95
C SER A 84 26.94 -0.89 -5.78
N SER A 85 28.23 -0.65 -5.98
CA SER A 85 28.79 0.69 -5.86
C SER A 85 28.35 1.57 -7.02
N GLY A 86 27.24 2.28 -6.82
CA GLY A 86 26.73 3.17 -7.86
C GLY A 86 25.39 2.71 -8.39
#